data_9CHO
#
_entry.id   9CHO
#
_cell.length_a   1.00
_cell.length_b   1.00
_cell.length_c   1.00
_cell.angle_alpha   90.00
_cell.angle_beta   90.00
_cell.angle_gamma   90.00
#
_symmetry.space_group_name_H-M   'P 1'
#
loop_
_entity.id
_entity.type
_entity.pdbx_description
1 polymer 'Leucine-rich repeat serine/threonine-protein kinase 2'
2 non-polymer "GUANOSINE-5'-DIPHOSPHATE"
3 non-polymer (2~{R},6~{S})-2,6-dimethyl-4-[6-[5-(1-methylcyclopropyl)oxy-1~{H}-indazol-3-yl]pyrimidin-4-yl]morpholine
#
_entity_poly.entity_id   1
_entity_poly.type   'polypeptide(L)'
_entity_poly.pdbx_seq_one_letter_code
;HKLVLAALNRFIGNPGIQKCGLKVISSIVHFPDALEMLSLEGAMDSVLHTLQMYPDDQEIQCLGLSLIGYLITKKNVFIG
TGHLLAKILVSSLYRFKDVAEIQTKGFQTILAILKLSASFSKLLVHHSFDLVIFHQMSSNIMEQKDQQFLNLCCKCFAKV
AMDDYLKNVMLERACDQNNSIMVECLLLLGADANQAKEGSSLICQVCEKESSPKLVELLLNSGSREQDVRKALTISIGKG
DSQIISLLLRRLALDVANNSICLGGFCIGKVEPSWLGPLFPDKTSNLRKQTNIASTLARMVIRYQMKSAVEEGTASGSDG
NFSEDVLSKFDEWTFIPDSSMDSVFAQSDDLDSEGSEGSFLVKKKSNSISVGEFYRDAVLQRCSPNLQRHSNSLGPIFDH
EDLLKRKRKILSSDDSLRSSKLQSHMRHSDSISSLASEREYITSLDLSANELRDIDALSQKCCISVHLEHLEKLELHQNA
LTSFPQQLCETLKSLTHLDLHSNKFTSFPSYLLKMSCIANLDVSRNDIGPSVVLDPTVKCPTLKQFNLSYNQLSFVPENL
TDVVEKLEQLILEGNKISGICSPLRLKELKILNLSKNHISSLSENFLEACPKVESFSARMNFLAAMPFLPPSMTILKLSQ
NKFSCIPEAILNLPHLRSLDMSSNDIQYLPGPAHWKSLNLRELLFSHNQISILDLSEKAYLWSRVEKLHLSHNKLKEIPP
EIGCLENLTSLDVSYNLELRSFPNEMGKLSKIWDLPLDELHLNFDFKHIGCKAKDIIRFLQQRLKKAVPYNRMKLMIVGN
TGSGKTTLLQQLMKTKKSDLGMQSATVGIDVKDWPIQIRDKRKRDLVLNVWDFAGREEFYSTHPHFMTQRALYLAVYDLS
KGQAEVDAMKPWLFNIKARASSSPVILVGTHLDVSDEKQRKACMSKITKELLNKRGFPAIRDYHFVNATEESDALAKLRK
TIINESLNFKIRDQLVVGQLIPDCYVELEKIILSERKNVPIEFPVIDRKRLLQLVRENQLQLDENELPHAVHFLNESGVL
LHFQDPALQLSDLYFVEPKWLCKIMAQILTVKVEGCPKHPKGIISRRDVEKFLSKKRKFPKNYMSQYFKLLEKFQIALPI
GEEYLLVPSSLSDHRPVIELPHCENSEIIIRLYEMPYFPMGFWSRLINRLLEISPYMLSGRERALRPNRMYWRQGIYLNW
SPEAYCLVGSEVLDNHPESFLKITVPSCRKGCILLGQVVDHIDSLMEEWFPGLLEIDICGEGETLLKKWALYSFNDGEEH
QKILLDDLMKKAEEGDLLVNPDQPRLTIPISQIAPDLILADLPRNIMLNNDELEFEQAPEFLLGDGSFGSVYRAAYEGEE
VAVKIFNKHTSLRLLRQELVVLCHLHHPSLISLLAAGIRPRMLVMELASKGSLDRLLQQDKASLTRTLQHRIALHVADGL
RYLHSAMIIYRDLKPHNVLLFTLYPNAAIIAKIADYGTAQYCCRMGIKTSEGTPGFRAPEVARGNVIYNQQADVYSFGLL
LYDILTTGGRIVEGLKFPNEFDELEIQGKLPDPVKEYGCAPWPMVEKLIKQCLKENPQERPTSAQVFDILNSAELVCLTR
RILLPKNVIVECMVATHHNSRNASIWLGCGHTDRGQLSFLDLNTEGYTSEEVADSRILCLALVHLPVEKESWIVSGTQSG
TLLVINTEDGKKRHTLEKMTDSVTCLYCNSFSKQSKQKNFLLVGTADGKLAIFEDKTVKLKGAAPLKILNIGNVSTPLMC
LSESTNSTERNVMWGGCGTKIFSFSNDFTIQKLIETRTSQLFSYAAFSDSNIITVVVDTALYIAKQNSPVVEVWDKKTEK
LCGLIDCVHFLREVMVKENKESKHKMSYSGRVKTLCLQKNTALWIGTGGGHILLLDLSTRRLIRVIYNFCNSVRVMMTAQ
LGSLKNVMLVLGYNRKNTEGTQKQKEIQSCLTVWDINLPHEVQNLEKHIEVRKELAEKMRRTSVE
;
_entity_poly.pdbx_strand_id   A
#
loop_
_chem_comp.id
_chem_comp.type
_chem_comp.name
_chem_comp.formula
A1N non-polymer (2~{R},6~{S})-2,6-dimethyl-4-[6-[5-(1-methylcyclopropyl)oxy-1~{H}-indazol-3-yl]pyrimidin-4-yl]morpholine 'C21 H25 N5 O2'
GDP RNA linking GUANOSINE-5'-DIPHOSPHATE 'C10 H15 N5 O11 P2'
#
# COMPACT_ATOMS: atom_id res chain seq x y z
N HIS A 1 -13.49 -76.18 44.22
CA HIS A 1 -13.91 -76.25 42.86
C HIS A 1 -15.14 -75.42 42.54
N LYS A 2 -15.97 -75.01 43.51
CA LYS A 2 -17.26 -74.37 43.24
C LYS A 2 -17.13 -73.26 42.22
N LEU A 3 -16.14 -72.37 42.30
CA LEU A 3 -16.05 -71.32 41.30
C LEU A 3 -15.92 -71.90 39.88
N VAL A 4 -15.12 -72.94 39.69
CA VAL A 4 -14.88 -73.55 38.39
C VAL A 4 -16.12 -74.28 37.90
N LEU A 5 -16.70 -75.13 38.76
CA LEU A 5 -17.90 -75.86 38.39
C LEU A 5 -19.07 -74.96 38.12
N ALA A 6 -19.28 -73.94 38.95
CA ALA A 6 -20.38 -72.99 38.75
C ALA A 6 -20.25 -72.32 37.40
N ALA A 7 -19.06 -71.80 37.10
CA ALA A 7 -18.87 -71.11 35.84
C ALA A 7 -19.06 -72.06 34.64
N LEU A 8 -18.41 -73.23 34.63
CA LEU A 8 -18.53 -74.13 33.49
C LEU A 8 -19.94 -74.68 33.34
N ASN A 9 -20.66 -74.90 34.45
CA ASN A 9 -22.03 -75.42 34.41
C ASN A 9 -22.98 -74.35 33.84
N ARG A 10 -22.79 -73.07 34.23
CA ARG A 10 -23.56 -71.95 33.67
C ARG A 10 -23.27 -71.82 32.17
N PHE A 11 -22.04 -72.12 31.75
CA PHE A 11 -21.64 -72.09 30.34
C PHE A 11 -22.35 -73.18 29.53
N ILE A 12 -22.29 -74.45 29.96
CA ILE A 12 -22.91 -75.57 29.23
C ILE A 12 -24.44 -75.51 29.28
N GLY A 13 -25.01 -74.94 30.34
CA GLY A 13 -26.44 -74.73 30.55
C GLY A 13 -27.06 -73.66 29.63
N ASN A 14 -27.08 -73.92 28.33
CA ASN A 14 -27.70 -73.03 27.33
C ASN A 14 -29.16 -72.66 27.63
N PRO A 15 -30.04 -73.58 28.07
CA PRO A 15 -31.38 -73.23 28.54
C PRO A 15 -31.41 -72.92 30.03
N GLY A 16 -32.17 -71.90 30.43
CA GLY A 16 -32.68 -71.66 31.79
C GLY A 16 -31.68 -71.28 32.89
N ILE A 17 -30.53 -71.95 32.96
CA ILE A 17 -29.59 -71.96 34.09
C ILE A 17 -28.96 -70.59 34.36
N GLN A 18 -28.95 -69.69 33.39
CA GLN A 18 -28.25 -68.42 33.52
C GLN A 18 -28.86 -67.49 34.58
N LYS A 19 -30.20 -67.35 34.65
CA LYS A 19 -30.88 -66.45 35.59
C LYS A 19 -30.40 -66.63 37.01
N CYS A 20 -30.10 -67.85 37.44
CA CYS A 20 -29.58 -68.08 38.78
C CYS A 20 -28.05 -68.05 38.79
N GLY A 21 -27.42 -68.59 37.75
CA GLY A 21 -25.97 -68.69 37.71
C GLY A 21 -25.35 -67.33 37.91
N LEU A 22 -25.93 -66.32 37.27
CA LEU A 22 -25.45 -64.94 37.39
C LEU A 22 -25.58 -64.43 38.85
N LYS A 23 -26.62 -64.80 39.58
CA LYS A 23 -26.80 -64.38 40.98
C LYS A 23 -25.77 -65.05 41.90
N VAL A 24 -25.46 -66.29 41.59
CA VAL A 24 -24.45 -67.03 42.36
C VAL A 24 -23.08 -66.42 42.12
N ILE A 25 -22.76 -66.12 40.86
CA ILE A 25 -21.43 -65.58 40.61
C ILE A 25 -21.28 -64.09 41.10
N SER A 26 -22.32 -63.28 41.07
CA SER A 26 -22.36 -61.90 41.62
C SER A 26 -22.30 -61.84 43.14
N SER A 27 -22.76 -62.87 43.84
CA SER A 27 -22.51 -62.96 45.26
C SER A 27 -21.06 -63.35 45.49
N ILE A 28 -20.60 -64.44 44.87
CA ILE A 28 -19.25 -64.93 45.12
C ILE A 28 -18.13 -63.99 44.65
N VAL A 29 -18.35 -63.02 43.72
CA VAL A 29 -17.25 -62.22 43.21
C VAL A 29 -16.54 -61.43 44.31
N HIS A 30 -17.03 -61.27 45.52
CA HIS A 30 -16.32 -60.34 46.41
C HIS A 30 -15.28 -60.97 47.33
N PHE A 31 -15.42 -62.26 47.59
CA PHE A 31 -14.70 -62.85 48.70
C PHE A 31 -13.30 -63.39 48.44
N PRO A 32 -13.05 -64.20 47.40
CA PRO A 32 -11.70 -64.67 47.12
C PRO A 32 -10.98 -63.71 46.17
N ASP A 33 -11.70 -62.71 45.63
CA ASP A 33 -11.27 -61.99 44.43
C ASP A 33 -10.76 -62.98 43.35
N ALA A 34 -11.63 -63.93 42.98
CA ALA A 34 -11.28 -65.15 42.23
C ALA A 34 -10.65 -65.04 40.85
N LEU A 35 -10.08 -66.17 40.42
CA LEU A 35 -9.37 -66.36 39.15
C LEU A 35 -9.58 -67.75 38.55
N GLY A 42 -11.01 -66.91 34.86
CA GLY A 42 -11.36 -67.24 33.48
C GLY A 42 -12.84 -67.21 33.21
N ALA A 43 -13.56 -66.32 33.89
CA ALA A 43 -15.00 -66.21 33.72
C ALA A 43 -15.40 -65.06 32.79
N MET A 44 -14.59 -63.99 32.67
CA MET A 44 -14.97 -62.82 31.88
C MET A 44 -15.45 -63.22 30.50
N ASP A 45 -14.71 -64.11 29.83
CA ASP A 45 -15.10 -64.53 28.48
C ASP A 45 -16.48 -65.17 28.47
N SER A 46 -16.75 -66.06 29.40
CA SER A 46 -18.03 -66.75 29.35
C SER A 46 -19.17 -65.81 29.72
N VAL A 47 -18.99 -64.92 30.71
CA VAL A 47 -20.06 -63.99 31.11
C VAL A 47 -20.29 -62.96 30.01
N LEU A 48 -19.27 -62.74 29.22
CA LEU A 48 -19.48 -61.97 28.00
C LEU A 48 -20.27 -62.79 26.99
N HIS A 49 -19.87 -64.03 26.78
CA HIS A 49 -20.45 -64.84 25.75
C HIS A 49 -21.94 -65.05 25.92
N THR A 50 -22.36 -65.26 27.17
CA THR A 50 -23.77 -65.51 27.49
C THR A 50 -24.70 -64.35 27.11
N LEU A 51 -24.21 -63.12 27.15
CA LEU A 51 -25.02 -61.99 26.70
C LEU A 51 -25.43 -62.16 25.24
N GLN A 52 -24.46 -62.44 24.37
CA GLN A 52 -24.78 -62.69 22.97
C GLN A 52 -25.61 -63.97 22.81
N MET A 53 -25.25 -64.98 23.59
CA MET A 53 -25.89 -66.30 23.59
C MET A 53 -27.40 -66.21 23.89
N TYR A 54 -27.83 -65.29 24.76
CA TYR A 54 -29.21 -64.83 24.79
C TYR A 54 -29.32 -63.36 25.21
N PRO A 55 -29.52 -62.44 24.24
CA PRO A 55 -29.89 -61.07 24.54
C PRO A 55 -31.31 -60.97 25.12
N ASP A 56 -31.70 -59.73 25.38
CA ASP A 56 -33.07 -59.22 25.46
C ASP A 56 -33.76 -59.47 26.79
N ASP A 57 -33.15 -60.18 27.74
CA ASP A 57 -33.80 -60.41 29.04
C ASP A 57 -33.27 -59.42 30.08
N GLN A 58 -34.07 -58.41 30.43
CA GLN A 58 -33.64 -57.28 31.26
C GLN A 58 -33.03 -57.77 32.58
N GLU A 59 -33.68 -58.69 33.24
CA GLU A 59 -33.29 -59.17 34.55
C GLU A 59 -31.87 -59.75 34.53
N ILE A 60 -31.40 -60.28 33.39
CA ILE A 60 -30.03 -60.75 33.29
C ILE A 60 -29.15 -59.66 32.70
N GLN A 61 -29.71 -58.76 31.90
CA GLN A 61 -28.89 -57.70 31.32
C GLN A 61 -28.34 -56.79 32.41
N CYS A 62 -29.18 -56.42 33.38
CA CYS A 62 -28.69 -55.58 34.48
C CYS A 62 -27.59 -56.29 35.26
N LEU A 63 -27.80 -57.57 35.54
CA LEU A 63 -26.83 -58.34 36.28
C LEU A 63 -25.52 -58.43 35.49
N GLY A 64 -25.57 -58.74 34.20
CA GLY A 64 -24.38 -58.83 33.38
C GLY A 64 -23.61 -57.53 33.35
N LEU A 65 -24.32 -56.40 33.22
CA LEU A 65 -23.63 -55.11 33.29
C LEU A 65 -23.00 -54.90 34.67
N SER A 66 -23.69 -55.31 35.72
CA SER A 66 -23.13 -55.20 37.06
C SER A 66 -21.88 -56.04 37.24
N LEU A 67 -21.74 -57.12 36.47
CA LEU A 67 -20.59 -58.01 36.62
C LEU A 67 -19.49 -57.81 35.60
N ILE A 68 -19.73 -57.06 34.53
CA ILE A 68 -18.65 -56.74 33.60
C ILE A 68 -17.52 -56.01 34.31
N GLY A 69 -17.87 -55.10 35.21
CA GLY A 69 -16.89 -54.31 35.92
C GLY A 69 -15.91 -55.11 36.75
N TYR A 70 -16.15 -56.40 36.92
CA TYR A 70 -15.28 -57.23 37.74
C TYR A 70 -14.58 -58.28 36.88
N GLY A 82 -8.67 -57.47 23.91
CA GLY A 82 -10.03 -57.69 23.45
C GLY A 82 -10.90 -56.45 23.51
N HIS A 83 -11.72 -56.26 22.47
CA HIS A 83 -12.59 -55.10 22.38
C HIS A 83 -14.07 -55.44 22.24
N LEU A 84 -14.39 -56.71 21.95
CA LEU A 84 -15.78 -57.09 21.68
C LEU A 84 -16.69 -56.70 22.84
N LEU A 85 -16.14 -56.63 24.05
CA LEU A 85 -16.83 -56.08 25.21
C LEU A 85 -17.64 -54.83 24.84
N ALA A 86 -16.95 -53.80 24.35
CA ALA A 86 -17.62 -52.56 24.00
C ALA A 86 -18.73 -52.80 23.00
N LYS A 87 -18.48 -53.66 22.00
CA LYS A 87 -19.47 -53.93 20.96
C LYS A 87 -20.77 -54.46 21.53
N ILE A 88 -20.75 -55.06 22.72
CA ILE A 88 -21.96 -55.60 23.31
C ILE A 88 -22.58 -54.55 24.22
N LEU A 89 -21.73 -53.71 24.81
CA LEU A 89 -22.19 -52.80 25.84
C LEU A 89 -23.20 -51.80 25.28
N VAL A 90 -22.78 -50.99 24.32
CA VAL A 90 -23.70 -50.01 23.74
C VAL A 90 -24.87 -50.71 23.06
N SER A 91 -24.58 -51.79 22.33
CA SER A 91 -25.64 -52.58 21.72
C SER A 91 -26.62 -53.09 22.75
N SER A 92 -26.19 -53.21 24.01
CA SER A 92 -27.11 -53.46 25.10
C SER A 92 -27.84 -52.18 25.47
N LEU A 93 -27.10 -51.14 25.86
CA LEU A 93 -27.74 -49.91 26.30
C LEU A 93 -28.59 -49.28 25.20
N TYR A 94 -28.21 -49.48 23.95
CA TYR A 94 -29.04 -48.99 22.85
C TYR A 94 -30.28 -49.86 22.68
N ARG A 95 -30.14 -51.17 22.88
CA ARG A 95 -31.31 -52.04 22.82
C ARG A 95 -32.24 -51.82 24.02
N PHE A 96 -31.79 -51.09 25.03
CA PHE A 96 -32.60 -50.74 26.21
C PHE A 96 -32.48 -49.26 26.50
N LYS A 97 -32.70 -48.41 25.49
CA LYS A 97 -32.41 -46.97 25.61
C LYS A 97 -32.93 -46.39 26.91
N ASP A 98 -34.24 -46.43 27.11
CA ASP A 98 -34.87 -45.79 28.28
C ASP A 98 -35.85 -46.73 28.95
N VAL A 99 -35.46 -48.01 29.09
CA VAL A 99 -36.36 -48.98 29.69
C VAL A 99 -36.46 -48.78 31.20
N ALA A 100 -35.35 -48.48 31.85
CA ALA A 100 -35.31 -48.36 33.31
C ALA A 100 -33.96 -47.73 33.69
N GLU A 101 -33.68 -47.70 34.99
CA GLU A 101 -32.39 -47.23 35.46
C GLU A 101 -31.36 -48.34 35.41
N ILE A 102 -31.29 -49.04 34.27
CA ILE A 102 -30.18 -49.96 34.02
C ILE A 102 -29.04 -49.26 33.31
N GLN A 103 -29.32 -48.11 32.68
CA GLN A 103 -28.25 -47.26 32.18
C GLN A 103 -27.31 -46.86 33.30
N THR A 104 -27.84 -46.74 34.52
CA THR A 104 -26.99 -46.43 35.66
C THR A 104 -25.89 -47.47 35.80
N LYS A 105 -26.25 -48.75 35.83
CA LYS A 105 -25.25 -49.79 35.96
C LYS A 105 -24.30 -49.79 34.77
N GLY A 106 -24.84 -49.56 33.57
CA GLY A 106 -23.98 -49.51 32.40
C GLY A 106 -22.92 -48.43 32.51
N PHE A 107 -23.35 -47.17 32.67
CA PHE A 107 -22.40 -46.08 32.74
C PHE A 107 -21.45 -46.22 33.92
N GLN A 108 -21.90 -46.88 35.00
CA GLN A 108 -20.96 -47.25 36.05
C GLN A 108 -19.89 -48.20 35.51
N THR A 109 -20.30 -49.17 34.70
CA THR A 109 -19.34 -50.09 34.10
C THR A 109 -18.32 -49.35 33.24
N ILE A 110 -18.81 -48.44 32.38
CA ILE A 110 -17.88 -47.69 31.53
C ILE A 110 -16.94 -46.84 32.39
N LEU A 111 -17.50 -46.14 33.37
CA LEU A 111 -16.68 -45.29 34.23
C LEU A 111 -15.61 -46.10 34.94
N ALA A 112 -15.95 -47.31 35.37
CA ALA A 112 -14.95 -48.18 35.99
C ALA A 112 -13.89 -48.61 34.99
N ILE A 113 -14.29 -48.94 33.76
CA ILE A 113 -13.33 -49.47 32.80
C ILE A 113 -12.36 -48.40 32.33
N LEU A 114 -12.87 -47.20 32.04
CA LEU A 114 -12.01 -46.15 31.46
C LEU A 114 -10.91 -45.74 32.43
N LYS A 115 -11.24 -45.59 33.71
CA LYS A 115 -10.27 -45.07 34.66
C LYS A 115 -9.08 -45.98 34.86
N LEU A 116 -9.14 -47.22 34.39
CA LEU A 116 -8.00 -48.12 34.42
C LEU A 116 -7.42 -48.42 33.05
N SER A 117 -8.23 -48.35 31.99
CA SER A 117 -7.75 -48.50 30.62
C SER A 117 -8.20 -47.26 29.85
N ALA A 118 -7.29 -46.29 29.70
CA ALA A 118 -7.66 -45.03 29.06
C ALA A 118 -7.98 -45.23 27.59
N SER A 119 -7.09 -45.91 26.85
CA SER A 119 -7.25 -46.05 25.40
C SER A 119 -8.56 -46.74 25.03
N PHE A 120 -9.10 -47.57 25.92
CA PHE A 120 -10.37 -48.24 25.62
C PHE A 120 -11.47 -47.23 25.33
N SER A 121 -11.37 -46.02 25.88
CA SER A 121 -12.35 -44.99 25.56
C SER A 121 -12.40 -44.73 24.07
N LYS A 122 -11.24 -44.59 23.44
CA LYS A 122 -11.20 -44.43 21.99
C LYS A 122 -11.83 -45.61 21.28
N LEU A 123 -11.73 -46.81 21.88
CA LEU A 123 -12.38 -47.97 21.30
C LEU A 123 -13.90 -47.87 21.40
N LEU A 124 -14.39 -47.32 22.52
CA LEU A 124 -15.83 -47.20 22.71
C LEU A 124 -16.45 -46.32 21.63
N VAL A 125 -15.92 -45.10 21.49
CA VAL A 125 -16.35 -44.21 20.43
C VAL A 125 -16.13 -44.87 19.07
N HIS A 126 -15.23 -45.83 19.01
CA HIS A 126 -15.02 -46.59 17.78
C HIS A 126 -16.31 -47.26 17.33
N HIS A 127 -17.03 -47.91 18.25
CA HIS A 127 -18.18 -48.71 17.81
C HIS A 127 -19.44 -47.88 17.67
N SER A 128 -20.06 -47.50 18.79
CA SER A 128 -21.33 -46.79 18.70
C SER A 128 -21.61 -45.82 19.85
N PHE A 129 -20.63 -45.50 20.71
CA PHE A 129 -20.88 -44.72 21.93
C PHE A 129 -21.78 -43.49 21.78
N ASP A 130 -21.49 -42.73 20.75
CA ASP A 130 -22.23 -41.57 20.32
C ASP A 130 -23.73 -41.83 20.31
N LEU A 131 -24.19 -42.90 19.66
CA LEU A 131 -25.62 -43.20 19.50
C LEU A 131 -26.34 -43.15 20.83
N VAL A 132 -25.72 -43.67 21.88
CA VAL A 132 -26.41 -43.80 23.15
C VAL A 132 -26.12 -42.62 24.08
N ILE A 133 -24.90 -42.07 24.09
CA ILE A 133 -24.63 -40.91 24.97
C ILE A 133 -25.40 -39.69 24.50
N PHE A 134 -25.44 -39.47 23.18
CA PHE A 134 -26.25 -38.40 22.61
C PHE A 134 -27.66 -38.52 23.13
N HIS A 135 -28.25 -39.71 22.97
CA HIS A 135 -29.61 -39.97 23.39
C HIS A 135 -29.79 -39.70 24.88
N GLN A 136 -28.90 -40.16 25.74
CA GLN A 136 -29.05 -40.00 27.18
C GLN A 136 -28.92 -38.55 27.56
N MET A 137 -27.89 -37.85 27.10
CA MET A 137 -27.76 -36.44 27.44
C MET A 137 -28.86 -35.59 26.84
N SER A 138 -29.68 -36.14 25.94
CA SER A 138 -30.74 -35.37 25.30
C SER A 138 -32.13 -35.99 25.45
N SER A 139 -32.27 -37.10 26.17
CA SER A 139 -33.59 -37.67 26.37
C SER A 139 -34.31 -36.98 27.52
N ASN A 140 -34.36 -35.64 27.49
CA ASN A 140 -35.06 -34.78 28.45
C ASN A 140 -34.69 -35.02 29.93
N ILE A 141 -33.44 -35.41 30.22
CA ILE A 141 -33.02 -35.82 31.58
C ILE A 141 -33.00 -34.66 32.59
N MET A 142 -32.83 -33.42 32.12
CA MET A 142 -32.82 -32.23 32.96
C MET A 142 -34.15 -32.02 33.70
N GLU A 143 -34.07 -31.64 34.97
CA GLU A 143 -35.18 -31.56 35.92
C GLU A 143 -35.93 -32.89 36.17
N GLN A 144 -35.42 -34.02 35.65
CA GLN A 144 -35.77 -35.36 36.14
C GLN A 144 -34.91 -35.70 37.37
N LYS A 145 -35.43 -36.53 38.29
CA LYS A 145 -35.04 -36.48 39.71
C LYS A 145 -33.60 -36.92 40.01
N ASP A 146 -33.01 -37.74 39.15
CA ASP A 146 -31.65 -38.25 39.29
C ASP A 146 -30.59 -37.24 38.81
N GLN A 147 -30.71 -35.98 39.26
CA GLN A 147 -29.75 -34.92 38.96
C GLN A 147 -28.33 -35.31 39.37
N GLN A 148 -28.16 -36.10 40.44
CA GLN A 148 -26.83 -36.61 40.78
C GLN A 148 -26.34 -37.64 39.78
N PHE A 149 -27.19 -38.56 39.30
CA PHE A 149 -26.79 -39.46 38.21
C PHE A 149 -26.37 -38.66 36.99
N LEU A 150 -27.13 -37.61 36.65
CA LEU A 150 -26.77 -36.70 35.57
C LEU A 150 -25.40 -36.04 35.79
N ASN A 151 -25.03 -35.72 37.04
CA ASN A 151 -23.70 -35.19 37.32
C ASN A 151 -22.58 -36.20 37.01
N LEU A 152 -22.83 -37.50 37.21
CA LEU A 152 -21.89 -38.54 36.77
C LEU A 152 -21.71 -38.53 35.25
N CYS A 153 -22.72 -38.06 34.51
CA CYS A 153 -22.76 -38.13 33.06
C CYS A 153 -22.05 -36.94 32.39
N CYS A 154 -22.26 -35.68 32.81
CA CYS A 154 -21.29 -34.63 32.52
C CYS A 154 -19.87 -35.05 32.86
N LYS A 155 -19.70 -35.75 33.99
CA LYS A 155 -18.39 -36.27 34.35
C LYS A 155 -17.91 -37.26 33.30
N CYS A 156 -18.81 -38.09 32.79
CA CYS A 156 -18.46 -38.98 31.68
C CYS A 156 -18.03 -38.18 30.46
N PHE A 157 -18.84 -37.21 30.04
CA PHE A 157 -18.58 -36.48 28.81
C PHE A 157 -17.28 -35.70 28.87
N ALA A 158 -16.95 -35.14 30.04
CA ALA A 158 -15.74 -34.37 30.17
C ALA A 158 -14.52 -35.19 29.81
N LYS A 159 -14.48 -36.45 30.24
CA LYS A 159 -13.41 -37.34 29.83
C LYS A 159 -13.61 -37.86 28.42
N VAL A 160 -14.84 -37.88 27.93
CA VAL A 160 -15.08 -38.29 26.55
C VAL A 160 -14.50 -37.27 25.58
N ALA A 161 -14.71 -35.98 25.85
CA ALA A 161 -14.27 -34.91 24.95
C ALA A 161 -12.84 -34.45 25.24
N MET A 162 -12.01 -35.32 25.82
CA MET A 162 -10.62 -34.94 26.08
C MET A 162 -9.88 -34.65 24.79
N ASP A 163 -9.96 -35.55 23.82
CA ASP A 163 -9.31 -35.34 22.53
C ASP A 163 -10.10 -34.34 21.70
N ASP A 164 -9.41 -33.31 21.21
CA ASP A 164 -10.08 -32.28 20.41
C ASP A 164 -10.66 -32.86 19.13
N TYR A 165 -9.96 -33.82 18.51
CA TYR A 165 -10.51 -34.45 17.32
C TYR A 165 -11.82 -35.15 17.62
N LEU A 166 -11.94 -35.74 18.81
CA LEU A 166 -13.19 -36.36 19.23
C LEU A 166 -14.27 -35.27 19.30
N LYS A 167 -13.93 -34.07 19.79
CA LYS A 167 -14.89 -32.97 19.80
C LYS A 167 -15.34 -32.62 18.38
N ASN A 168 -14.38 -32.53 17.46
CA ASN A 168 -14.74 -32.14 16.09
C ASN A 168 -15.61 -33.19 15.41
N VAL A 169 -15.26 -34.47 15.50
CA VAL A 169 -15.97 -35.50 14.74
C VAL A 169 -17.34 -35.76 15.33
N MET A 170 -17.45 -35.80 16.67
CA MET A 170 -18.76 -35.91 17.29
C MET A 170 -19.56 -34.65 16.99
N LEU A 171 -18.95 -33.48 16.95
CA LEU A 171 -19.65 -32.29 16.50
C LEU A 171 -20.21 -32.47 15.10
N GLU A 172 -19.43 -33.07 14.18
CA GLU A 172 -19.91 -33.38 12.84
C GLU A 172 -21.20 -34.21 12.92
N ARG A 173 -21.16 -35.26 13.71
CA ARG A 173 -22.31 -36.13 13.94
C ARG A 173 -23.46 -35.40 14.63
N ALA A 174 -23.14 -34.45 15.50
CA ALA A 174 -24.11 -33.62 16.21
C ALA A 174 -24.82 -32.61 15.31
N CYS A 175 -24.32 -32.30 14.10
CA CYS A 175 -25.08 -31.48 13.16
C CYS A 175 -25.80 -32.31 12.12
N ASP A 176 -25.33 -33.54 11.88
CA ASP A 176 -26.05 -34.46 11.02
C ASP A 176 -27.47 -34.67 11.52
N GLN A 177 -27.59 -35.04 12.79
CA GLN A 177 -28.89 -35.02 13.46
C GLN A 177 -29.12 -33.66 14.10
N ASN A 178 -30.22 -33.01 13.75
CA ASN A 178 -30.46 -31.65 14.20
C ASN A 178 -30.65 -31.63 15.71
N ASN A 179 -29.71 -30.99 16.42
CA ASN A 179 -29.73 -30.94 17.88
C ASN A 179 -29.09 -29.61 18.30
N SER A 180 -29.93 -28.61 18.57
CA SER A 180 -29.41 -27.27 18.81
C SER A 180 -28.66 -27.18 20.14
N ILE A 181 -29.23 -27.74 21.20
CA ILE A 181 -28.63 -27.56 22.52
C ILE A 181 -27.23 -28.15 22.57
N MET A 182 -27.06 -29.35 22.02
CA MET A 182 -25.75 -30.00 22.13
C MET A 182 -24.74 -29.42 21.16
N VAL A 183 -25.18 -28.97 19.98
CA VAL A 183 -24.23 -28.30 19.10
C VAL A 183 -23.75 -27.00 19.73
N GLU A 184 -24.65 -26.29 20.41
CA GLU A 184 -24.21 -25.09 21.12
C GLU A 184 -23.23 -25.45 22.24
N CYS A 185 -23.54 -26.50 23.00
CA CYS A 185 -22.65 -26.93 24.07
C CYS A 185 -21.28 -27.29 23.53
N LEU A 186 -21.23 -27.96 22.38
CA LEU A 186 -19.96 -28.34 21.77
C LEU A 186 -19.20 -27.12 21.26
N LEU A 187 -19.92 -26.11 20.75
CA LEU A 187 -19.25 -24.90 20.32
C LEU A 187 -18.65 -24.14 21.50
N LEU A 188 -19.36 -24.11 22.62
CA LEU A 188 -18.80 -23.49 23.82
C LEU A 188 -17.59 -24.25 24.34
N LEU A 189 -17.39 -25.49 23.90
CA LEU A 189 -16.27 -26.32 24.32
C LEU A 189 -15.15 -26.33 23.29
N GLY A 190 -15.06 -25.30 22.47
CA GLY A 190 -14.13 -25.31 21.36
C GLY A 190 -14.79 -25.90 20.13
N ALA A 191 -14.12 -26.87 19.50
CA ALA A 191 -14.66 -27.60 18.36
C ALA A 191 -15.01 -26.64 17.22
N ASP A 192 -13.96 -26.05 16.66
CA ASP A 192 -14.10 -25.12 15.54
C ASP A 192 -14.98 -25.72 14.45
N ALA A 193 -15.75 -24.85 13.79
CA ALA A 193 -16.79 -25.27 12.87
C ALA A 193 -16.42 -25.04 11.40
N ASN A 194 -15.12 -24.94 11.09
CA ASN A 194 -14.66 -24.68 9.73
C ASN A 194 -13.52 -25.63 9.39
N GLN A 195 -13.72 -26.92 9.64
CA GLN A 195 -12.65 -27.90 9.51
C GLN A 195 -13.02 -29.12 8.68
N ALA A 196 -14.29 -29.34 8.34
CA ALA A 196 -14.72 -30.60 7.77
C ALA A 196 -14.07 -30.90 6.42
N LYS A 197 -14.38 -30.11 5.39
CA LYS A 197 -13.84 -30.36 4.06
C LYS A 197 -13.35 -29.12 3.33
N GLU A 198 -13.72 -27.91 3.76
CA GLU A 198 -13.30 -26.65 3.17
C GLU A 198 -13.95 -26.43 1.80
N GLY A 199 -14.66 -27.44 1.30
CA GLY A 199 -15.47 -27.29 0.11
C GLY A 199 -16.89 -27.71 0.37
N SER A 200 -17.06 -28.59 1.35
CA SER A 200 -18.37 -29.04 1.82
C SER A 200 -18.37 -29.07 3.34
N SER A 201 -17.90 -27.98 3.95
CA SER A 201 -17.75 -27.93 5.39
C SER A 201 -19.13 -27.73 6.02
N LEU A 202 -19.14 -27.57 7.35
CA LEU A 202 -20.36 -27.75 8.15
C LEU A 202 -21.57 -27.10 7.52
N ILE A 203 -21.51 -25.78 7.31
CA ILE A 203 -22.71 -25.04 6.94
C ILE A 203 -23.28 -25.56 5.63
N CYS A 204 -22.42 -26.06 4.73
CA CYS A 204 -22.90 -26.59 3.45
C CYS A 204 -23.95 -27.68 3.64
N GLN A 205 -23.58 -28.75 4.34
CA GLN A 205 -24.55 -29.83 4.52
C GLN A 205 -25.64 -29.44 5.51
N VAL A 206 -25.32 -28.59 6.49
CA VAL A 206 -26.34 -28.18 7.44
C VAL A 206 -27.46 -27.43 6.74
N CYS A 207 -27.15 -26.69 5.68
CA CYS A 207 -28.21 -26.12 4.86
C CYS A 207 -28.71 -27.09 3.79
N GLU A 208 -27.94 -28.13 3.47
CA GLU A 208 -28.44 -29.13 2.52
C GLU A 208 -29.49 -30.03 3.17
N LYS A 209 -29.25 -30.47 4.39
CA LYS A 209 -30.10 -31.45 5.08
C LYS A 209 -31.34 -30.85 5.69
N GLU A 210 -31.71 -29.60 5.38
CA GLU A 210 -32.93 -28.98 5.88
C GLU A 210 -32.94 -28.96 7.41
N SER A 211 -32.01 -28.18 7.95
CA SER A 211 -31.86 -28.05 9.39
C SER A 211 -32.70 -26.89 9.91
N SER A 212 -32.52 -26.54 11.18
CA SER A 212 -33.27 -25.51 11.87
C SER A 212 -32.53 -24.18 11.85
N PRO A 213 -33.26 -23.07 11.92
CA PRO A 213 -32.58 -21.76 11.99
C PRO A 213 -31.61 -21.63 13.15
N LYS A 214 -31.96 -22.19 14.31
CA LYS A 214 -31.07 -22.11 15.45
C LYS A 214 -29.79 -22.91 15.25
N LEU A 215 -29.83 -23.95 14.42
CA LEU A 215 -28.61 -24.70 14.14
C LEU A 215 -27.69 -23.92 13.21
N VAL A 216 -28.25 -23.19 12.26
CA VAL A 216 -27.41 -22.40 11.34
C VAL A 216 -26.87 -21.16 12.03
N GLU A 217 -27.69 -20.51 12.87
CA GLU A 217 -27.24 -19.30 13.53
C GLU A 217 -26.07 -19.56 14.45
N LEU A 218 -26.08 -20.70 15.15
CA LEU A 218 -24.97 -21.04 16.04
C LEU A 218 -23.71 -21.33 15.27
N LEU A 219 -23.82 -21.98 14.10
CA LEU A 219 -22.65 -22.20 13.27
C LEU A 219 -22.08 -20.89 12.76
N LEU A 220 -22.95 -19.96 12.34
CA LEU A 220 -22.48 -18.70 11.79
C LEU A 220 -21.86 -17.83 12.87
N ASN A 221 -22.49 -17.77 14.05
CA ASN A 221 -22.02 -16.89 15.11
C ASN A 221 -20.60 -17.20 15.54
N SER A 222 -20.24 -18.48 15.57
CA SER A 222 -18.90 -18.88 15.92
C SER A 222 -18.03 -18.94 14.67
N GLY A 223 -16.82 -19.47 14.80
CA GLY A 223 -15.90 -19.56 13.70
C GLY A 223 -16.45 -20.31 12.50
N SER A 224 -16.68 -19.59 11.40
CA SER A 224 -17.18 -20.20 10.18
C SER A 224 -16.66 -19.36 9.01
N ARG A 225 -15.80 -19.96 8.20
CA ARG A 225 -15.12 -19.21 7.14
C ARG A 225 -16.12 -18.66 6.13
N GLU A 226 -15.84 -17.44 5.67
CA GLU A 226 -16.81 -16.69 4.87
C GLU A 226 -17.05 -17.34 3.52
N GLN A 227 -16.00 -17.95 2.94
CA GLN A 227 -16.16 -18.64 1.65
C GLN A 227 -17.18 -19.76 1.77
N ASP A 228 -17.10 -20.53 2.85
CA ASP A 228 -18.07 -21.59 3.09
C ASP A 228 -19.46 -21.00 3.28
N VAL A 229 -19.56 -19.83 3.90
CA VAL A 229 -20.86 -19.18 4.04
C VAL A 229 -21.43 -18.83 2.67
N ARG A 230 -20.58 -18.34 1.76
CA ARG A 230 -21.07 -18.01 0.42
C ARG A 230 -21.52 -19.27 -0.33
N LYS A 231 -20.75 -20.34 -0.22
CA LYS A 231 -21.16 -21.60 -0.83
C LYS A 231 -22.50 -22.06 -0.26
N ALA A 232 -22.65 -21.98 1.06
CA ALA A 232 -23.91 -22.34 1.69
C ALA A 232 -25.03 -21.42 1.26
N LEU A 233 -24.74 -20.16 0.96
CA LEU A 233 -25.75 -19.27 0.44
C LEU A 233 -26.21 -19.74 -0.94
N THR A 234 -25.27 -20.16 -1.78
CA THR A 234 -25.66 -20.73 -3.07
C THR A 234 -26.55 -21.95 -2.87
N ILE A 235 -26.17 -22.81 -1.93
CA ILE A 235 -26.95 -24.01 -1.65
C ILE A 235 -28.37 -23.64 -1.20
N SER A 236 -28.47 -22.75 -0.23
CA SER A 236 -29.76 -22.34 0.33
C SER A 236 -30.56 -21.48 -0.63
N ILE A 237 -29.93 -20.94 -1.68
CA ILE A 237 -30.69 -20.35 -2.78
C ILE A 237 -31.27 -21.45 -3.65
N GLY A 238 -30.51 -22.54 -3.83
CA GLY A 238 -31.04 -23.68 -4.56
C GLY A 238 -32.39 -24.13 -4.04
N LYS A 239 -32.52 -24.24 -2.72
CA LYS A 239 -33.81 -24.52 -2.10
C LYS A 239 -34.49 -23.20 -1.72
N GLY A 240 -35.78 -23.31 -1.39
CA GLY A 240 -36.51 -22.17 -0.91
C GLY A 240 -36.62 -22.12 0.61
N ASP A 241 -35.75 -21.35 1.25
CA ASP A 241 -35.75 -21.21 2.70
C ASP A 241 -35.72 -19.74 3.06
N SER A 242 -36.59 -19.34 3.99
CA SER A 242 -36.76 -17.93 4.32
C SER A 242 -36.19 -17.53 5.67
N GLN A 243 -35.88 -18.49 6.54
CA GLN A 243 -35.24 -18.19 7.81
C GLN A 243 -33.77 -18.54 7.83
N ILE A 244 -33.25 -19.24 6.82
CA ILE A 244 -31.85 -19.58 6.76
C ILE A 244 -31.15 -18.60 5.81
N ILE A 245 -31.85 -18.17 4.77
CA ILE A 245 -31.30 -17.14 3.89
C ILE A 245 -31.10 -15.84 4.67
N SER A 246 -32.13 -15.41 5.38
CA SER A 246 -32.04 -14.17 6.15
C SER A 246 -31.00 -14.24 7.26
N LEU A 247 -30.54 -15.43 7.63
CA LEU A 247 -29.43 -15.54 8.56
C LEU A 247 -28.09 -15.60 7.87
N LEU A 248 -28.03 -16.07 6.62
CA LEU A 248 -26.79 -16.04 5.88
C LEU A 248 -26.44 -14.62 5.45
N LEU A 249 -27.42 -13.88 4.95
CA LEU A 249 -27.17 -12.48 4.59
C LEU A 249 -26.74 -11.67 5.81
N ARG A 250 -27.39 -11.90 6.95
CA ARG A 250 -27.10 -11.12 8.15
C ARG A 250 -25.66 -11.31 8.64
N ARG A 251 -24.96 -12.33 8.17
CA ARG A 251 -23.55 -12.49 8.48
C ARG A 251 -22.66 -12.20 7.29
N LEU A 252 -23.17 -12.28 6.05
CA LEU A 252 -22.39 -11.96 4.87
C LEU A 252 -22.47 -10.49 4.51
N ALA A 253 -23.66 -9.90 4.55
CA ALA A 253 -23.85 -8.52 4.08
C ALA A 253 -24.73 -7.75 5.06
N LEU A 254 -24.10 -7.15 6.05
CA LEU A 254 -24.75 -6.12 6.87
C LEU A 254 -23.71 -5.38 7.70
N ASP A 255 -23.63 -4.07 7.52
CA ASP A 255 -22.76 -3.22 8.33
C ASP A 255 -23.65 -2.41 9.25
N VAL A 256 -23.92 -2.96 10.43
CA VAL A 256 -24.86 -2.33 11.36
C VAL A 256 -24.34 -0.97 11.80
N ALA A 257 -23.03 -0.82 11.93
CA ALA A 257 -22.47 0.47 12.34
C ALA A 257 -22.75 1.55 11.29
N ASN A 258 -22.95 1.17 10.04
CA ASN A 258 -23.11 2.12 8.96
C ASN A 258 -24.51 2.10 8.34
N ASN A 259 -25.41 1.21 8.78
CA ASN A 259 -26.75 1.11 8.24
C ASN A 259 -26.68 0.76 6.74
N SER A 260 -26.13 -0.42 6.40
CA SER A 260 -25.92 -0.79 5.01
C SER A 260 -26.38 -2.22 4.76
N ILE A 261 -26.49 -2.54 3.46
CA ILE A 261 -26.76 -3.84 2.83
C ILE A 261 -25.69 -4.04 1.74
N CYS A 262 -24.54 -4.72 1.99
CA CYS A 262 -23.56 -4.84 0.92
C CYS A 262 -23.68 -6.21 0.24
N LEU A 263 -24.75 -6.35 -0.54
CA LEU A 263 -25.05 -7.57 -1.27
C LEU A 263 -24.42 -7.62 -2.65
N GLY A 264 -23.28 -6.95 -2.84
CA GLY A 264 -22.75 -6.77 -4.16
C GLY A 264 -22.32 -8.01 -4.91
N GLY A 265 -21.24 -8.64 -4.45
CA GLY A 265 -20.58 -9.66 -5.27
C GLY A 265 -21.39 -10.92 -5.49
N PHE A 266 -22.44 -11.14 -4.68
CA PHE A 266 -23.13 -12.42 -4.72
C PHE A 266 -23.92 -12.58 -6.01
N CYS A 267 -23.97 -13.83 -6.49
CA CYS A 267 -24.73 -14.16 -7.70
C CYS A 267 -26.15 -14.64 -7.37
N ILE A 268 -26.87 -13.82 -6.61
CA ILE A 268 -28.25 -14.15 -6.26
C ILE A 268 -29.09 -14.19 -7.53
N GLY A 269 -29.74 -15.31 -7.79
CA GLY A 269 -30.55 -15.43 -8.98
C GLY A 269 -31.75 -14.51 -9.01
N LYS A 270 -32.30 -14.16 -7.84
CA LYS A 270 -33.45 -13.29 -7.76
C LYS A 270 -33.65 -12.91 -6.30
N VAL A 271 -34.09 -11.68 -6.07
CA VAL A 271 -34.25 -11.12 -4.73
C VAL A 271 -35.73 -11.10 -4.38
N GLU A 272 -36.05 -11.60 -3.18
CA GLU A 272 -37.42 -11.67 -2.72
C GLU A 272 -37.51 -11.03 -1.33
N PRO A 273 -38.51 -10.20 -1.07
CA PRO A 273 -38.56 -9.49 0.22
C PRO A 273 -38.66 -10.40 1.42
N SER A 274 -39.19 -11.62 1.25
CA SER A 274 -39.27 -12.58 2.34
C SER A 274 -37.89 -12.98 2.86
N TRP A 275 -36.82 -12.59 2.17
CA TRP A 275 -35.46 -12.84 2.62
C TRP A 275 -34.91 -11.65 3.39
N LEU A 276 -34.97 -10.46 2.79
CA LEU A 276 -34.46 -9.26 3.44
C LEU A 276 -35.32 -8.79 4.59
N GLY A 277 -36.50 -9.39 4.79
CA GLY A 277 -37.39 -9.03 5.86
C GLY A 277 -36.73 -8.72 7.19
N PRO A 278 -36.01 -9.69 7.74
CA PRO A 278 -35.34 -9.45 9.03
C PRO A 278 -34.03 -8.67 8.94
N LEU A 279 -33.49 -8.44 7.74
CA LEU A 279 -32.26 -7.65 7.65
C LEU A 279 -32.51 -6.21 8.06
N PHE A 280 -33.61 -5.62 7.64
CA PHE A 280 -33.99 -4.31 8.11
C PHE A 280 -34.19 -4.34 9.62
N PRO A 281 -33.84 -3.25 10.33
CA PRO A 281 -33.91 -3.20 11.78
C PRO A 281 -35.36 -3.33 12.21
N ASP A 282 -35.59 -4.01 13.34
CA ASP A 282 -36.95 -4.17 13.85
C ASP A 282 -36.92 -3.92 15.35
N LYS A 283 -37.68 -2.91 15.79
CA LYS A 283 -37.69 -2.55 17.20
C LYS A 283 -38.35 -3.62 18.07
N THR A 284 -39.19 -4.47 17.48
CA THR A 284 -39.91 -5.48 18.23
C THR A 284 -39.02 -6.67 18.60
N SER A 285 -37.87 -6.82 17.96
CA SER A 285 -37.02 -7.98 18.15
C SER A 285 -36.50 -8.06 19.59
N ASN A 286 -37.05 -8.99 20.36
CA ASN A 286 -36.62 -9.25 21.73
C ASN A 286 -36.81 -10.73 21.99
N LEU A 287 -35.74 -11.42 22.38
CA LEU A 287 -35.77 -12.86 22.56
C LEU A 287 -35.29 -13.21 23.96
N ARG A 288 -35.88 -14.27 24.53
CA ARG A 288 -35.65 -14.65 25.91
C ARG A 288 -34.30 -15.34 26.04
N LYS A 289 -34.07 -15.99 27.18
CA LYS A 289 -32.86 -16.78 27.42
C LYS A 289 -33.28 -18.20 27.74
N GLN A 290 -33.40 -19.03 26.70
CA GLN A 290 -33.71 -20.44 26.85
C GLN A 290 -32.52 -21.35 26.59
N THR A 291 -31.52 -20.88 25.85
CA THR A 291 -30.31 -21.63 25.61
C THR A 291 -29.36 -21.63 26.80
N ASN A 292 -29.77 -21.05 27.93
CA ASN A 292 -28.95 -21.09 29.13
C ASN A 292 -28.67 -22.51 29.57
N ILE A 293 -29.50 -23.48 29.14
CA ILE A 293 -29.21 -24.89 29.38
C ILE A 293 -27.84 -25.25 28.84
N ALA A 294 -27.56 -24.85 27.59
CA ALA A 294 -26.29 -25.19 26.96
C ALA A 294 -25.13 -24.56 27.70
N SER A 295 -25.28 -23.31 28.15
CA SER A 295 -24.21 -22.66 28.89
C SER A 295 -23.98 -23.34 30.23
N THR A 296 -25.04 -23.75 30.92
CA THR A 296 -24.87 -24.45 32.18
C THR A 296 -24.16 -25.78 31.98
N LEU A 297 -24.56 -26.54 30.97
CA LEU A 297 -23.88 -27.80 30.70
C LEU A 297 -22.42 -27.57 30.33
N ALA A 298 -22.14 -26.50 29.58
CA ALA A 298 -20.76 -26.16 29.27
C ALA A 298 -19.97 -25.84 30.53
N ARG A 299 -20.58 -25.13 31.48
CA ARG A 299 -19.89 -24.84 32.73
C ARG A 299 -19.59 -26.12 33.49
N MET A 300 -20.55 -27.04 33.55
CA MET A 300 -20.28 -28.31 34.24
C MET A 300 -19.17 -29.09 33.56
N VAL A 301 -19.18 -29.12 32.22
CA VAL A 301 -18.14 -29.86 31.50
C VAL A 301 -16.77 -29.23 31.73
N ILE A 302 -16.70 -27.90 31.68
CA ILE A 302 -15.43 -27.22 31.93
C ILE A 302 -14.96 -27.50 33.35
N ARG A 303 -15.89 -27.49 34.31
CA ARG A 303 -15.54 -27.78 35.70
C ARG A 303 -14.94 -29.17 35.84
N TYR A 304 -15.62 -30.18 35.29
CA TYR A 304 -15.11 -31.53 35.38
C TYR A 304 -13.78 -31.68 34.63
N GLN A 305 -13.62 -30.95 33.52
CA GLN A 305 -12.36 -31.02 32.77
C GLN A 305 -11.20 -30.46 33.58
N MET A 306 -11.38 -29.26 34.16
CA MET A 306 -10.29 -28.69 34.94
C MET A 306 -10.03 -29.50 36.20
N LYS A 307 -11.08 -30.11 36.78
CA LYS A 307 -10.85 -31.03 37.89
C LYS A 307 -10.01 -32.21 37.48
N SER A 308 -10.33 -32.82 36.33
CA SER A 308 -9.52 -33.91 35.82
C SER A 308 -8.11 -33.46 35.44
N ALA A 309 -7.92 -32.16 35.25
CA ALA A 309 -6.61 -31.66 34.82
C ALA A 309 -5.69 -31.28 35.99
N VAL A 310 -6.19 -30.62 37.03
CA VAL A 310 -5.30 -29.93 37.98
C VAL A 310 -4.73 -30.88 39.03
N GLU A 311 -5.57 -31.63 39.75
CA GLU A 311 -5.12 -32.57 40.81
C GLU A 311 -5.76 -33.97 40.84
N GLU A 312 -6.70 -34.32 39.96
CA GLU A 312 -7.19 -35.72 39.83
C GLU A 312 -6.23 -36.65 39.04
N ARG A 439 -37.83 7.94 11.94
CA ARG A 439 -36.44 7.47 12.11
C ARG A 439 -36.35 5.95 12.03
N GLU A 440 -35.15 5.40 12.16
CA GLU A 440 -34.83 3.96 12.00
C GLU A 440 -35.04 3.42 10.57
N TYR A 441 -34.82 4.26 9.56
CA TYR A 441 -34.78 3.87 8.15
C TYR A 441 -33.31 3.73 7.70
N ILE A 442 -32.99 2.62 7.02
CA ILE A 442 -31.64 2.33 6.50
C ILE A 442 -31.29 3.17 5.26
N THR A 443 -30.04 3.09 4.81
CA THR A 443 -29.54 3.79 3.63
C THR A 443 -29.96 3.13 2.29
N SER A 444 -29.30 3.41 1.18
CA SER A 444 -29.53 2.69 -0.08
C SER A 444 -28.98 1.25 -0.13
N LEU A 445 -29.07 0.62 -1.30
CA LEU A 445 -28.89 -0.80 -1.56
C LEU A 445 -27.84 -1.08 -2.65
N ASP A 446 -27.15 -2.21 -2.54
CA ASP A 446 -26.08 -2.64 -3.46
C ASP A 446 -26.61 -3.24 -4.78
N LEU A 447 -26.34 -2.59 -5.93
CA LEU A 447 -27.18 -2.72 -7.14
C LEU A 447 -26.51 -2.65 -8.54
N SER A 448 -25.27 -2.14 -8.68
CA SER A 448 -24.58 -1.92 -9.94
C SER A 448 -24.44 -3.17 -10.81
N ALA A 449 -23.64 -4.14 -10.40
CA ALA A 449 -23.24 -5.17 -11.35
C ALA A 449 -24.19 -6.37 -11.40
N ASN A 450 -25.21 -6.40 -10.54
CA ASN A 450 -26.19 -7.47 -10.58
C ASN A 450 -26.92 -7.43 -11.91
N GLU A 451 -26.77 -8.47 -12.72
CA GLU A 451 -27.35 -8.47 -14.06
C GLU A 451 -28.87 -8.57 -13.99
N LEU A 452 -29.50 -7.53 -13.44
CA LEU A 452 -30.94 -7.49 -13.28
C LEU A 452 -31.59 -7.30 -14.64
N ARG A 453 -32.11 -8.38 -15.22
CA ARG A 453 -32.85 -8.21 -16.46
C ARG A 453 -34.20 -7.55 -16.26
N ASP A 454 -34.61 -7.34 -15.00
CA ASP A 454 -35.80 -6.58 -14.68
C ASP A 454 -35.73 -6.17 -13.23
N ILE A 455 -36.27 -4.98 -12.94
CA ILE A 455 -36.35 -4.45 -11.59
C ILE A 455 -37.79 -4.24 -11.15
N ASP A 456 -38.75 -4.76 -11.92
CA ASP A 456 -40.16 -4.60 -11.59
C ASP A 456 -40.51 -5.18 -10.22
N ALA A 457 -39.70 -6.13 -9.74
CA ALA A 457 -39.99 -6.79 -8.47
C ALA A 457 -40.08 -5.82 -7.30
N LEU A 458 -39.42 -4.67 -7.37
CA LEU A 458 -39.51 -3.67 -6.31
C LEU A 458 -40.60 -2.64 -6.56
N SER A 459 -41.15 -2.57 -7.78
CA SER A 459 -42.14 -1.55 -8.09
C SER A 459 -43.46 -1.79 -7.37
N GLN A 460 -43.70 -3.00 -6.87
CA GLN A 460 -44.99 -3.34 -6.28
C GLN A 460 -45.11 -2.72 -4.89
N LYS A 461 -46.16 -3.10 -4.17
CA LYS A 461 -46.43 -2.60 -2.82
C LYS A 461 -45.93 -3.58 -1.77
N CYS A 462 -44.77 -4.17 -2.02
CA CYS A 462 -44.25 -5.25 -1.19
C CYS A 462 -43.76 -4.69 0.14
N CYS A 463 -43.08 -5.54 0.92
CA CYS A 463 -42.75 -5.22 2.30
C CYS A 463 -41.88 -3.97 2.41
N ILE A 464 -41.11 -3.63 1.38
CA ILE A 464 -40.19 -2.50 1.45
C ILE A 464 -40.68 -1.27 0.72
N SER A 465 -41.91 -1.30 0.21
CA SER A 465 -42.40 -0.17 -0.57
C SER A 465 -42.63 1.09 0.27
N VAL A 466 -42.33 1.07 1.55
CA VAL A 466 -42.41 2.26 2.39
C VAL A 466 -41.05 2.74 2.88
N HIS A 467 -40.03 1.89 2.84
CA HIS A 467 -38.67 2.32 3.14
C HIS A 467 -38.00 2.98 1.94
N LEU A 468 -38.47 2.70 0.74
CA LEU A 468 -37.86 3.26 -0.46
C LEU A 468 -38.12 4.75 -0.61
N GLU A 469 -39.13 5.28 0.08
CA GLU A 469 -39.53 6.65 -0.20
C GLU A 469 -38.51 7.67 0.24
N HIS A 470 -37.46 7.28 0.96
CA HIS A 470 -36.40 8.18 1.40
C HIS A 470 -35.05 7.67 0.97
N LEU A 471 -34.93 7.25 -0.29
CA LEU A 471 -33.70 6.59 -0.74
C LEU A 471 -32.57 7.59 -0.96
N GLU A 472 -32.79 8.60 -1.80
CA GLU A 472 -31.85 9.69 -2.01
C GLU A 472 -30.54 9.25 -2.65
N LYS A 473 -30.41 7.99 -3.07
CA LYS A 473 -29.37 7.58 -4.00
C LYS A 473 -29.67 6.18 -4.52
N LEU A 474 -29.65 6.01 -5.84
CA LEU A 474 -30.00 4.73 -6.45
C LEU A 474 -29.10 4.50 -7.64
N GLU A 475 -28.38 3.39 -7.64
CA GLU A 475 -27.45 3.07 -8.72
C GLU A 475 -27.88 1.76 -9.36
N LEU A 476 -28.16 1.81 -10.67
CA LEU A 476 -28.50 0.63 -11.45
C LEU A 476 -27.60 0.47 -12.66
N HIS A 477 -26.45 1.13 -12.67
CA HIS A 477 -25.58 1.08 -13.84
C HIS A 477 -24.99 -0.30 -14.03
N GLN A 478 -24.70 -0.62 -15.29
CA GLN A 478 -24.02 -1.83 -15.75
C GLN A 478 -24.87 -3.09 -15.72
N ASN A 479 -26.16 -2.99 -15.39
CA ASN A 479 -27.04 -4.14 -15.56
C ASN A 479 -27.57 -4.16 -16.99
N ALA A 480 -28.58 -4.98 -17.23
CA ALA A 480 -29.22 -5.09 -18.54
C ALA A 480 -30.71 -4.80 -18.43
N LEU A 481 -31.05 -3.72 -17.76
CA LEU A 481 -32.45 -3.36 -17.58
C LEU A 481 -33.06 -2.89 -18.89
N THR A 482 -34.35 -2.56 -18.82
CA THR A 482 -35.07 -1.84 -19.85
C THR A 482 -36.40 -1.40 -19.24
N SER A 483 -36.83 -0.17 -19.58
CA SER A 483 -38.15 0.33 -19.20
C SER A 483 -38.35 0.32 -17.69
N PHE A 484 -37.58 1.19 -17.02
CA PHE A 484 -37.75 1.52 -15.62
C PHE A 484 -39.23 1.61 -15.26
N PRO A 485 -39.70 0.83 -14.29
CA PRO A 485 -41.14 0.70 -14.07
C PRO A 485 -41.77 2.00 -13.60
N GLN A 486 -42.88 2.38 -14.25
CA GLN A 486 -43.53 3.65 -13.97
C GLN A 486 -44.00 3.75 -12.53
N GLN A 487 -44.44 2.64 -11.95
CA GLN A 487 -44.90 2.68 -10.56
C GLN A 487 -43.75 3.03 -9.62
N LEU A 488 -42.55 2.50 -9.89
CA LEU A 488 -41.41 2.76 -9.03
C LEU A 488 -41.05 4.24 -9.04
N CYS A 489 -40.94 4.84 -10.23
CA CYS A 489 -40.46 6.21 -10.35
C CYS A 489 -41.41 7.23 -9.73
N GLU A 490 -42.49 6.79 -9.10
CA GLU A 490 -43.29 7.66 -8.26
C GLU A 490 -43.48 7.09 -6.87
N THR A 491 -42.94 5.89 -6.61
CA THR A 491 -42.99 5.32 -5.27
C THR A 491 -42.02 6.03 -4.33
N LEU A 492 -40.81 6.32 -4.83
CA LEU A 492 -39.77 6.96 -4.02
C LEU A 492 -39.75 8.45 -4.37
N LYS A 493 -40.10 9.29 -3.39
CA LYS A 493 -40.25 10.72 -3.58
C LYS A 493 -39.08 11.52 -3.02
N SER A 494 -37.93 10.89 -2.82
CA SER A 494 -36.80 11.63 -2.29
C SER A 494 -35.49 11.21 -2.92
N LEU A 495 -35.52 10.75 -4.18
CA LEU A 495 -34.34 10.23 -4.83
C LEU A 495 -33.65 11.33 -5.62
N THR A 496 -32.33 11.45 -5.45
CA THR A 496 -31.64 12.61 -6.01
C THR A 496 -30.32 12.29 -6.71
N HIS A 497 -29.97 11.03 -6.89
CA HIS A 497 -28.78 10.69 -7.68
C HIS A 497 -29.03 9.47 -8.54
N LEU A 498 -30.26 9.33 -9.05
CA LEU A 498 -30.60 8.19 -9.88
C LEU A 498 -29.70 8.11 -11.10
N ASP A 499 -28.85 7.10 -11.18
CA ASP A 499 -27.99 6.88 -12.33
C ASP A 499 -28.07 5.42 -12.74
N LEU A 500 -28.48 5.18 -13.98
CA LEU A 500 -28.57 3.83 -14.51
C LEU A 500 -28.07 3.87 -15.95
N HIS A 501 -26.77 3.65 -16.12
CA HIS A 501 -26.14 3.66 -17.43
C HIS A 501 -25.59 2.28 -17.75
N SER A 502 -25.17 2.11 -19.00
CA SER A 502 -24.73 0.85 -19.58
C SER A 502 -25.85 -0.17 -19.68
N ASN A 503 -27.06 0.17 -19.24
CA ASN A 503 -28.21 -0.69 -19.44
C ASN A 503 -28.65 -0.65 -20.90
N LYS A 504 -29.51 -1.58 -21.27
CA LYS A 504 -30.07 -1.59 -22.62
C LYS A 504 -31.45 -0.94 -22.63
N PHE A 505 -31.47 0.36 -22.38
CA PHE A 505 -32.66 1.14 -22.67
C PHE A 505 -32.78 1.33 -24.18
N THR A 506 -33.99 1.69 -24.60
CA THR A 506 -34.19 2.09 -26.00
C THR A 506 -35.13 3.28 -26.09
N SER A 507 -35.56 3.84 -24.96
CA SER A 507 -36.42 5.03 -24.98
C SER A 507 -36.30 5.71 -23.63
N PHE A 508 -35.82 6.95 -23.62
CA PHE A 508 -35.78 7.72 -22.40
C PHE A 508 -37.21 7.86 -21.89
N PRO A 509 -37.52 7.32 -20.72
CA PRO A 509 -38.93 7.14 -20.34
C PRO A 509 -39.74 8.43 -20.33
N SER A 510 -39.11 9.57 -20.01
CA SER A 510 -39.78 10.86 -19.97
C SER A 510 -40.80 10.93 -18.85
N TYR A 511 -41.01 9.81 -18.15
CA TYR A 511 -41.73 9.79 -16.90
C TYR A 511 -40.81 9.54 -15.71
N LEU A 512 -39.50 9.43 -15.95
CA LEU A 512 -38.54 9.50 -14.87
C LEU A 512 -38.51 10.87 -14.23
N LEU A 513 -38.97 11.89 -14.93
CA LEU A 513 -38.84 13.27 -14.49
C LEU A 513 -39.99 13.73 -13.61
N LYS A 514 -40.95 12.87 -13.27
CA LYS A 514 -42.03 13.26 -12.39
C LYS A 514 -41.74 12.97 -10.93
N MET A 515 -40.52 12.57 -10.60
CA MET A 515 -40.12 12.43 -9.22
C MET A 515 -40.09 13.79 -8.54
N SER A 516 -40.21 13.79 -7.22
CA SER A 516 -40.38 15.04 -6.49
C SER A 516 -39.11 15.87 -6.53
N CYS A 517 -38.02 15.36 -5.96
CA CYS A 517 -36.77 16.11 -5.85
C CYS A 517 -35.64 15.26 -6.43
N ILE A 518 -35.46 15.33 -7.75
CA ILE A 518 -34.47 14.54 -8.45
C ILE A 518 -33.37 15.45 -8.96
N ALA A 519 -32.15 14.92 -9.01
CA ALA A 519 -31.02 15.61 -9.60
C ALA A 519 -30.05 14.55 -10.11
N ASN A 520 -29.13 14.99 -10.96
CA ASN A 520 -28.06 14.12 -11.47
C ASN A 520 -28.61 12.90 -12.19
N LEU A 521 -29.78 13.03 -12.83
CA LEU A 521 -30.31 11.93 -13.62
C LEU A 521 -29.31 11.56 -14.70
N ASP A 522 -28.95 10.29 -14.76
CA ASP A 522 -27.80 9.87 -15.56
C ASP A 522 -28.14 8.57 -16.27
N VAL A 523 -28.38 8.67 -17.58
CA VAL A 523 -28.52 7.51 -18.46
C VAL A 523 -27.53 7.72 -19.60
N SER A 524 -26.38 7.06 -19.54
CA SER A 524 -25.23 7.53 -20.30
C SER A 524 -24.53 6.48 -21.16
N ARG A 525 -25.07 5.27 -21.29
CA ARG A 525 -24.56 4.37 -22.31
C ARG A 525 -25.66 3.57 -22.98
N ASN A 526 -26.92 3.85 -22.70
CA ASN A 526 -28.00 3.08 -23.30
C ASN A 526 -28.14 3.40 -24.78
N ASP A 527 -28.97 2.63 -25.46
CA ASP A 527 -29.28 2.87 -26.86
C ASP A 527 -30.56 3.70 -26.99
N ILE A 528 -30.48 4.93 -26.48
CA ILE A 528 -31.60 5.85 -26.58
C ILE A 528 -31.94 6.07 -28.05
N GLY A 529 -33.24 6.07 -28.35
CA GLY A 529 -33.72 6.18 -29.71
C GLY A 529 -33.21 7.41 -30.43
N PRO A 530 -33.44 7.47 -31.74
CA PRO A 530 -32.91 8.61 -32.53
C PRO A 530 -33.27 9.98 -31.97
N SER A 531 -34.51 10.17 -31.51
CA SER A 531 -34.92 11.40 -30.87
C SER A 531 -35.35 11.12 -29.43
N VAL A 532 -35.13 12.10 -28.57
CA VAL A 532 -35.31 11.92 -27.13
C VAL A 532 -36.21 13.02 -26.58
N VAL A 533 -37.17 13.49 -27.40
CA VAL A 533 -38.02 14.61 -27.02
C VAL A 533 -38.62 14.39 -25.65
N LEU A 534 -38.57 15.42 -24.81
CA LEU A 534 -39.14 15.39 -23.47
C LEU A 534 -40.59 15.83 -23.54
N ASP A 535 -41.49 15.02 -23.01
CA ASP A 535 -42.89 15.34 -23.02
C ASP A 535 -43.14 16.63 -22.24
N PRO A 536 -43.85 17.61 -22.80
CA PRO A 536 -43.97 18.92 -22.16
C PRO A 536 -44.97 18.99 -21.01
N THR A 537 -45.58 17.87 -20.61
CA THR A 537 -46.50 17.87 -19.50
C THR A 537 -45.81 17.73 -18.14
N VAL A 538 -44.48 17.62 -18.12
CA VAL A 538 -43.72 17.52 -16.88
C VAL A 538 -42.91 18.80 -16.72
N LYS A 539 -42.95 19.38 -15.53
CA LYS A 539 -42.30 20.65 -15.22
C LYS A 539 -41.23 20.48 -14.16
N CYS A 540 -40.43 19.42 -14.27
CA CYS A 540 -39.45 19.09 -13.26
C CYS A 540 -38.32 20.10 -13.24
N PRO A 541 -38.23 20.97 -12.26
CA PRO A 541 -37.19 22.00 -12.29
C PRO A 541 -35.91 21.57 -11.58
N THR A 542 -36.00 20.56 -10.72
CA THR A 542 -34.93 20.26 -9.79
C THR A 542 -33.76 19.55 -10.45
N LEU A 543 -33.92 19.09 -11.69
CA LEU A 543 -32.85 18.37 -12.37
C LEU A 543 -31.64 19.27 -12.56
N LYS A 544 -30.46 18.73 -12.31
CA LYS A 544 -29.22 19.50 -12.39
C LYS A 544 -28.26 18.99 -13.44
N GLN A 545 -27.96 17.69 -13.46
CA GLN A 545 -26.92 17.13 -14.32
C GLN A 545 -27.55 16.04 -15.18
N PHE A 546 -28.09 16.44 -16.32
CA PHE A 546 -28.87 15.54 -17.17
C PHE A 546 -27.95 14.93 -18.23
N ASN A 547 -27.22 13.90 -17.82
CA ASN A 547 -26.28 13.26 -18.73
C ASN A 547 -27.02 12.40 -19.75
N LEU A 548 -26.52 12.42 -20.99
CA LEU A 548 -27.03 11.58 -22.07
C LEU A 548 -25.90 11.04 -22.94
N SER A 549 -24.76 10.73 -22.33
CA SER A 549 -23.58 10.36 -23.09
C SER A 549 -23.83 9.14 -23.97
N TYR A 550 -23.11 9.10 -25.09
CA TYR A 550 -22.87 7.88 -25.87
C TYR A 550 -24.15 7.12 -26.21
N ASN A 551 -25.24 7.83 -26.42
CA ASN A 551 -26.44 7.19 -26.92
C ASN A 551 -26.42 7.21 -28.45
N GLN A 552 -27.56 6.90 -29.06
CA GLN A 552 -27.68 6.95 -30.52
C GLN A 552 -28.57 8.12 -30.91
N LEU A 553 -28.41 9.24 -30.22
CA LEU A 553 -29.22 10.41 -30.49
C LEU A 553 -29.00 10.92 -31.91
N SER A 554 -29.99 11.66 -32.41
CA SER A 554 -29.86 12.38 -33.66
C SER A 554 -30.16 13.87 -33.51
N PHE A 555 -30.53 14.33 -32.32
CA PHE A 555 -30.83 15.73 -32.07
C PHE A 555 -30.56 16.04 -30.61
N VAL A 556 -30.34 17.32 -30.32
CA VAL A 556 -30.45 17.75 -28.92
C VAL A 556 -31.88 17.51 -28.46
N PRO A 557 -32.10 17.00 -27.24
CA PRO A 557 -33.46 16.84 -26.75
C PRO A 557 -34.29 18.11 -26.97
N GLU A 558 -35.55 17.92 -27.34
CA GLU A 558 -36.30 19.01 -27.94
C GLU A 558 -36.80 20.02 -26.92
N ASN A 559 -37.46 19.54 -25.86
CA ASN A 559 -38.24 20.40 -24.98
C ASN A 559 -37.57 20.60 -23.63
N LEU A 560 -36.24 20.76 -23.62
CA LEU A 560 -35.54 21.07 -22.38
C LEU A 560 -36.04 22.37 -21.77
N THR A 561 -36.06 23.44 -22.56
CA THR A 561 -36.33 24.77 -22.03
C THR A 561 -37.70 24.86 -21.35
N ASP A 562 -38.63 23.98 -21.70
CA ASP A 562 -39.95 23.98 -21.10
C ASP A 562 -40.11 22.91 -20.03
N VAL A 563 -39.08 22.12 -19.76
CA VAL A 563 -39.14 21.03 -18.79
C VAL A 563 -38.06 21.15 -17.74
N VAL A 564 -36.80 21.27 -18.18
CA VAL A 564 -35.69 21.32 -17.24
C VAL A 564 -35.13 22.74 -17.21
N GLU A 565 -35.62 23.55 -16.26
CA GLU A 565 -35.22 24.95 -16.22
C GLU A 565 -33.88 25.13 -15.53
N LYS A 566 -33.74 24.58 -14.31
CA LYS A 566 -32.52 24.77 -13.55
C LYS A 566 -31.40 23.84 -13.97
N LEU A 567 -31.51 23.20 -15.13
CA LEU A 567 -30.50 22.27 -15.62
C LEU A 567 -29.14 22.95 -15.68
N GLU A 568 -28.10 22.22 -15.27
CA GLU A 568 -26.75 22.78 -15.29
C GLU A 568 -25.80 22.05 -16.22
N GLN A 569 -25.55 20.76 -15.99
CA GLN A 569 -24.48 20.05 -16.72
C GLN A 569 -25.04 19.18 -17.83
N LEU A 570 -25.75 19.78 -18.76
CA LEU A 570 -26.31 19.01 -19.88
C LEU A 570 -25.18 18.46 -20.72
N ILE A 571 -24.94 17.15 -20.63
CA ILE A 571 -23.89 16.49 -21.38
C ILE A 571 -24.52 15.63 -22.47
N LEU A 572 -24.01 15.74 -23.70
CA LEU A 572 -24.60 15.02 -24.82
C LEU A 572 -23.52 14.41 -25.70
N GLU A 573 -22.35 14.10 -25.16
CA GLU A 573 -21.25 13.66 -25.99
C GLU A 573 -21.52 12.26 -26.52
N GLY A 574 -20.64 11.82 -27.43
CA GLY A 574 -20.70 10.48 -27.98
C GLY A 574 -21.95 10.12 -28.76
N ASN A 575 -22.86 11.08 -28.91
CA ASN A 575 -24.11 10.83 -29.62
C ASN A 575 -23.84 10.84 -31.12
N LYS A 576 -24.92 10.87 -31.90
CA LYS A 576 -24.81 11.07 -33.34
C LYS A 576 -25.66 12.26 -33.75
N ILE A 577 -25.51 13.36 -33.02
CA ILE A 577 -26.16 14.61 -33.40
C ILE A 577 -25.58 15.10 -34.72
N SER A 578 -26.44 15.33 -35.70
CA SER A 578 -26.02 15.75 -37.03
C SER A 578 -26.49 17.16 -37.35
N GLY A 579 -27.79 17.41 -37.25
CA GLY A 579 -28.32 18.70 -37.66
C GLY A 579 -27.88 19.83 -36.75
N ILE A 580 -28.02 21.05 -37.27
CA ILE A 580 -27.71 22.23 -36.48
C ILE A 580 -28.66 22.32 -35.31
N CYS A 581 -28.15 22.76 -34.16
CA CYS A 581 -28.88 22.65 -32.91
C CYS A 581 -29.99 23.69 -32.81
N SER A 582 -30.69 23.66 -31.68
CA SER A 582 -31.77 24.58 -31.36
C SER A 582 -31.20 25.87 -30.81
N PRO A 583 -32.00 26.94 -30.74
CA PRO A 583 -31.55 28.13 -30.01
C PRO A 583 -31.23 27.84 -28.56
N LEU A 584 -31.79 26.78 -27.99
CA LEU A 584 -31.38 26.23 -26.69
C LEU A 584 -31.53 27.30 -25.59
N ARG A 585 -32.79 27.64 -25.34
CA ARG A 585 -33.13 28.70 -24.40
C ARG A 585 -33.03 28.24 -22.95
N LEU A 586 -31.86 27.75 -22.55
CA LEU A 586 -31.65 27.35 -21.16
C LEU A 586 -31.02 28.51 -20.39
N LYS A 587 -31.62 28.85 -19.26
CA LYS A 587 -31.20 30.01 -18.48
C LYS A 587 -30.08 29.69 -17.51
N GLU A 588 -29.78 28.41 -17.27
CA GLU A 588 -28.82 28.08 -16.23
C GLU A 588 -27.83 26.99 -16.63
N LEU A 589 -27.57 26.81 -17.92
CA LEU A 589 -26.50 25.90 -18.32
C LEU A 589 -25.18 26.39 -17.75
N LYS A 590 -24.43 25.47 -17.15
CA LYS A 590 -23.16 25.87 -16.56
C LYS A 590 -22.01 25.07 -17.16
N ILE A 591 -22.28 23.83 -17.55
CA ILE A 591 -21.30 23.06 -18.31
C ILE A 591 -22.01 22.28 -19.40
N LEU A 592 -21.97 22.79 -20.62
CA LEU A 592 -22.49 22.06 -21.75
C LEU A 592 -21.42 21.09 -22.25
N ASN A 593 -21.78 20.26 -23.22
CA ASN A 593 -20.80 19.40 -23.87
C ASN A 593 -21.43 18.80 -25.12
N LEU A 594 -20.66 18.71 -26.19
CA LEU A 594 -21.16 18.16 -27.44
C LEU A 594 -20.09 17.32 -28.14
N SER A 595 -19.20 16.72 -27.38
CA SER A 595 -18.04 16.05 -27.96
C SER A 595 -18.45 14.85 -28.79
N LYS A 596 -17.64 14.55 -29.80
CA LYS A 596 -17.75 13.35 -30.63
C LYS A 596 -19.08 13.24 -31.35
N ASN A 597 -19.84 14.32 -31.46
CA ASN A 597 -21.02 14.34 -32.31
C ASN A 597 -20.57 14.50 -33.76
N HIS A 598 -21.53 14.69 -34.67
CA HIS A 598 -21.25 15.12 -36.03
C HIS A 598 -21.94 16.46 -36.22
N ILE A 599 -21.30 17.51 -35.76
CA ILE A 599 -21.86 18.85 -35.87
C ILE A 599 -21.42 19.44 -37.20
N SER A 600 -22.35 20.08 -37.90
CA SER A 600 -21.96 20.88 -39.05
C SER A 600 -21.43 22.24 -38.59
N SER A 601 -22.27 22.99 -37.89
CA SER A 601 -21.88 24.25 -37.26
C SER A 601 -22.99 24.63 -36.29
N LEU A 602 -22.75 25.69 -35.54
CA LEU A 602 -23.68 26.13 -34.52
C LEU A 602 -24.48 27.32 -35.02
N SER A 603 -25.77 27.32 -34.74
CA SER A 603 -26.62 28.45 -35.08
C SER A 603 -26.14 29.70 -34.37
N GLU A 604 -26.27 30.85 -35.04
CA GLU A 604 -25.77 32.10 -34.48
C GLU A 604 -26.46 32.47 -33.18
N ASN A 605 -27.62 31.89 -32.91
CA ASN A 605 -28.34 32.11 -31.66
C ASN A 605 -28.31 30.87 -30.76
N PHE A 606 -27.26 30.07 -30.88
CA PHE A 606 -27.16 28.85 -30.08
C PHE A 606 -26.86 29.19 -28.62
N LEU A 607 -25.82 29.98 -28.37
CA LEU A 607 -25.47 30.42 -27.03
C LEU A 607 -25.94 31.84 -26.72
N GLU A 608 -26.78 32.43 -27.57
CA GLU A 608 -27.20 33.81 -27.37
C GLU A 608 -28.22 33.96 -26.24
N ALA A 609 -28.55 32.88 -25.53
CA ALA A 609 -29.55 32.97 -24.46
C ALA A 609 -29.17 32.15 -23.24
N CYS A 610 -27.90 31.77 -23.09
CA CYS A 610 -27.42 30.97 -21.97
C CYS A 610 -26.32 31.75 -21.27
N PRO A 611 -26.68 32.74 -20.44
CA PRO A 611 -25.70 33.70 -19.93
C PRO A 611 -24.82 33.17 -18.80
N LYS A 612 -24.79 31.88 -18.53
CA LYS A 612 -23.92 31.35 -17.48
C LYS A 612 -23.10 30.15 -17.93
N VAL A 613 -23.09 29.84 -19.22
CA VAL A 613 -22.28 28.73 -19.71
C VAL A 613 -20.83 28.97 -19.36
N GLU A 614 -20.13 27.90 -18.97
CA GLU A 614 -18.75 28.07 -18.52
C GLU A 614 -17.78 27.13 -19.23
N SER A 615 -18.24 25.97 -19.66
CA SER A 615 -17.31 24.94 -20.12
C SER A 615 -17.82 24.27 -21.38
N PHE A 616 -18.37 25.04 -22.32
CA PHE A 616 -18.73 24.48 -23.61
C PHE A 616 -17.51 23.81 -24.22
N SER A 617 -17.66 22.54 -24.59
CA SER A 617 -16.53 21.79 -25.12
C SER A 617 -17.08 20.82 -26.17
N ALA A 618 -16.87 21.14 -27.44
CA ALA A 618 -17.34 20.32 -28.55
C ALA A 618 -16.12 19.74 -29.26
N ARG A 619 -15.64 18.62 -28.75
CA ARG A 619 -14.47 17.97 -29.34
C ARG A 619 -14.86 17.06 -30.50
N MET A 620 -13.88 16.79 -31.35
CA MET A 620 -13.98 15.75 -32.39
C MET A 620 -15.17 15.92 -33.31
N ASN A 621 -15.70 17.14 -33.44
CA ASN A 621 -16.79 17.38 -34.37
C ASN A 621 -16.24 17.95 -35.67
N PHE A 622 -17.13 18.31 -36.58
CA PHE A 622 -16.75 18.96 -37.84
C PHE A 622 -17.20 20.41 -37.72
N LEU A 623 -16.39 21.22 -37.06
CA LEU A 623 -16.80 22.55 -36.64
C LEU A 623 -15.93 23.59 -37.34
N ALA A 624 -16.53 24.74 -37.64
CA ALA A 624 -15.85 25.74 -38.46
C ALA A 624 -15.80 27.11 -37.80
N ALA A 625 -16.75 27.42 -36.95
CA ALA A 625 -16.80 28.74 -36.32
C ALA A 625 -17.61 28.66 -35.03
N MET A 626 -17.60 29.76 -34.28
CA MET A 626 -18.30 29.84 -33.02
C MET A 626 -19.27 31.03 -33.03
N PRO A 627 -20.51 30.83 -32.61
CA PRO A 627 -21.59 31.85 -32.70
C PRO A 627 -21.79 32.76 -31.49
N PHE A 628 -20.92 33.74 -31.33
CA PHE A 628 -21.08 34.78 -30.31
C PHE A 628 -21.25 34.14 -28.92
N LEU A 629 -20.15 33.54 -28.47
CA LEU A 629 -20.17 32.87 -27.19
C LEU A 629 -20.49 33.87 -26.09
N PRO A 630 -21.28 33.50 -25.09
CA PRO A 630 -21.62 34.46 -24.05
C PRO A 630 -20.37 34.90 -23.30
N PRO A 631 -20.35 36.13 -22.81
CA PRO A 631 -19.12 36.69 -22.26
C PRO A 631 -18.68 36.05 -20.95
N SER A 632 -19.37 34.97 -20.54
CA SER A 632 -19.10 34.37 -19.25
C SER A 632 -18.29 33.09 -19.31
N MET A 633 -18.04 32.52 -20.50
CA MET A 633 -17.26 31.29 -20.57
C MET A 633 -15.88 31.46 -19.97
N THR A 634 -15.45 30.45 -19.23
CA THR A 634 -14.15 30.38 -18.59
C THR A 634 -13.24 29.36 -19.26
N ILE A 635 -13.71 28.14 -19.47
CA ILE A 635 -12.95 27.08 -20.09
C ILE A 635 -13.64 26.68 -21.37
N LEU A 636 -12.88 26.60 -22.47
CA LEU A 636 -13.41 26.25 -23.78
C LEU A 636 -12.46 25.27 -24.43
N LYS A 637 -12.96 24.10 -24.80
CA LYS A 637 -12.15 23.06 -25.41
C LYS A 637 -12.74 22.68 -26.75
N LEU A 638 -11.96 22.79 -27.81
CA LEU A 638 -12.48 22.65 -29.17
C LEU A 638 -11.57 21.81 -30.05
N SER A 639 -10.91 20.80 -29.48
CA SER A 639 -9.92 20.06 -30.23
C SER A 639 -10.56 19.18 -31.31
N GLN A 640 -9.71 18.70 -32.23
CA GLN A 640 -10.11 17.81 -33.33
C GLN A 640 -11.26 18.36 -34.18
N ASN A 641 -11.30 19.67 -34.38
CA ASN A 641 -12.24 20.23 -35.34
C ASN A 641 -11.51 20.62 -36.62
N LYS A 642 -12.23 21.24 -37.55
CA LYS A 642 -11.69 21.67 -38.83
C LYS A 642 -11.80 23.19 -38.91
N PHE A 643 -10.80 23.88 -38.37
CA PHE A 643 -10.69 25.32 -38.49
C PHE A 643 -9.62 25.66 -39.52
N SER A 644 -9.43 26.97 -39.72
CA SER A 644 -8.27 27.48 -40.42
C SER A 644 -7.67 28.70 -39.75
N CYS A 645 -8.34 29.24 -38.72
CA CYS A 645 -7.90 30.36 -37.93
C CYS A 645 -8.83 30.45 -36.74
N ILE A 646 -8.29 30.91 -35.60
CA ILE A 646 -9.10 31.04 -34.40
C ILE A 646 -10.22 32.02 -34.68
N PRO A 647 -11.48 31.59 -34.68
CA PRO A 647 -12.58 32.51 -34.99
C PRO A 647 -12.64 33.63 -33.96
N GLU A 648 -12.88 34.85 -34.44
CA GLU A 648 -12.77 36.02 -33.58
C GLU A 648 -13.79 36.04 -32.46
N ALA A 649 -14.81 35.18 -32.52
CA ALA A 649 -15.71 35.02 -31.39
C ALA A 649 -15.01 34.47 -30.15
N ILE A 650 -13.82 33.90 -30.32
CA ILE A 650 -13.05 33.41 -29.19
C ILE A 650 -12.04 34.45 -28.69
N LEU A 651 -11.50 35.27 -29.59
CA LEU A 651 -10.44 36.21 -29.22
C LEU A 651 -10.92 37.32 -28.30
N ASN A 652 -12.19 37.35 -27.89
CA ASN A 652 -12.71 38.51 -27.18
C ASN A 652 -13.50 38.15 -25.92
N LEU A 653 -13.51 36.90 -25.51
CA LEU A 653 -14.27 36.54 -24.32
C LEU A 653 -13.65 37.22 -23.10
N PRO A 654 -14.40 38.05 -22.37
CA PRO A 654 -13.77 38.91 -21.37
C PRO A 654 -13.33 38.20 -20.10
N HIS A 655 -13.50 36.89 -20.00
CA HIS A 655 -13.09 36.19 -18.80
C HIS A 655 -12.42 34.85 -19.11
N LEU A 656 -12.15 34.55 -20.37
CA LEU A 656 -11.72 33.21 -20.74
C LEU A 656 -10.41 32.85 -20.03
N ARG A 657 -10.29 31.58 -19.68
CA ARG A 657 -9.20 31.10 -18.84
C ARG A 657 -8.39 29.99 -19.48
N SER A 658 -8.94 29.21 -20.40
CA SER A 658 -8.22 28.13 -21.04
C SER A 658 -8.85 27.89 -22.40
N LEU A 659 -8.05 27.43 -23.34
CA LEU A 659 -8.51 27.24 -24.71
C LEU A 659 -7.67 26.15 -25.34
N ASP A 660 -8.26 24.98 -25.53
CA ASP A 660 -7.56 23.83 -26.09
C ASP A 660 -8.10 23.59 -27.49
N MET A 661 -7.25 23.80 -28.49
CA MET A 661 -7.63 23.68 -29.88
C MET A 661 -6.69 22.73 -30.62
N SER A 662 -6.23 21.70 -29.93
CA SER A 662 -5.30 20.75 -30.53
C SER A 662 -5.94 20.06 -31.73
N SER A 663 -5.08 19.50 -32.57
CA SER A 663 -5.46 18.73 -33.75
C SER A 663 -6.26 19.53 -34.76
N ASN A 664 -6.42 20.82 -34.57
CA ASN A 664 -6.94 21.66 -35.63
C ASN A 664 -5.88 21.86 -36.70
N ASP A 665 -6.31 22.26 -37.89
CA ASP A 665 -5.41 22.72 -38.94
C ASP A 665 -5.59 24.22 -39.05
N ILE A 666 -4.88 24.95 -38.19
CA ILE A 666 -4.91 26.40 -38.18
C ILE A 666 -3.58 26.92 -38.70
N GLN A 667 -3.54 28.22 -39.01
CA GLN A 667 -2.38 28.83 -39.63
C GLN A 667 -1.74 29.90 -38.78
N TYR A 668 -2.52 30.86 -38.30
CA TYR A 668 -1.98 32.04 -37.63
C TYR A 668 -2.52 32.07 -36.20
N LEU A 669 -1.62 32.06 -35.23
CA LEU A 669 -1.99 32.26 -33.83
C LEU A 669 -1.88 33.75 -33.53
N PRO A 670 -3.01 34.44 -33.34
CA PRO A 670 -2.95 35.89 -33.13
C PRO A 670 -2.11 36.24 -31.90
N GLY A 671 -1.42 37.38 -32.01
CA GLY A 671 -0.54 37.83 -30.96
C GLY A 671 -1.32 38.24 -29.72
N PRO A 672 -0.63 38.31 -28.58
CA PRO A 672 -1.31 38.56 -27.31
C PRO A 672 -2.03 39.90 -27.24
N ALA A 673 -1.93 40.75 -28.25
CA ALA A 673 -2.69 42.00 -28.28
C ALA A 673 -4.05 41.83 -28.92
N HIS A 674 -4.52 40.58 -29.08
CA HIS A 674 -5.80 40.30 -29.73
C HIS A 674 -6.74 39.52 -28.85
N TRP A 675 -6.40 39.30 -27.58
CA TRP A 675 -7.12 38.32 -26.78
C TRP A 675 -8.02 38.92 -25.70
N LYS A 676 -7.88 40.20 -25.39
CA LYS A 676 -8.87 40.95 -24.64
C LYS A 676 -9.19 40.35 -23.27
N SER A 677 -8.37 39.42 -22.78
CA SER A 677 -8.66 38.72 -21.54
C SER A 677 -7.41 38.68 -20.68
N LEU A 678 -7.55 39.12 -19.43
CA LEU A 678 -6.43 39.25 -18.51
C LEU A 678 -6.08 37.96 -17.78
N ASN A 679 -6.73 36.84 -18.09
CA ASN A 679 -6.62 35.65 -17.24
C ASN A 679 -6.31 34.40 -18.05
N LEU A 680 -5.63 34.52 -19.18
CA LEU A 680 -5.23 33.34 -19.93
C LEU A 680 -4.25 32.50 -19.13
N ARG A 681 -4.61 31.24 -18.87
CA ARG A 681 -3.73 30.32 -18.16
C ARG A 681 -3.27 29.15 -19.02
N GLU A 682 -4.18 28.51 -19.74
CA GLU A 682 -3.82 27.39 -20.62
C GLU A 682 -4.10 27.77 -22.05
N LEU A 683 -3.14 27.49 -22.92
CA LEU A 683 -3.31 27.71 -24.37
C LEU A 683 -2.76 26.47 -25.07
N LEU A 684 -3.62 25.48 -25.26
CA LEU A 684 -3.22 24.22 -25.87
C LEU A 684 -3.48 24.30 -27.37
N PHE A 685 -2.41 24.17 -28.16
CA PHE A 685 -2.52 24.36 -29.59
C PHE A 685 -1.72 23.33 -30.38
N SER A 686 -1.58 22.13 -29.84
CA SER A 686 -0.72 21.13 -30.46
C SER A 686 -1.29 20.66 -31.80
N HIS A 687 -0.43 20.01 -32.58
CA HIS A 687 -0.80 19.32 -33.82
C HIS A 687 -1.41 20.25 -34.86
N ASN A 688 -1.16 21.55 -34.76
CA ASN A 688 -1.61 22.48 -35.78
C ASN A 688 -0.52 22.66 -36.83
N GLN A 689 -0.69 23.65 -37.70
CA GLN A 689 0.32 24.05 -38.68
C GLN A 689 0.59 25.52 -38.45
N ILE A 690 1.45 25.83 -37.47
CA ILE A 690 1.70 27.19 -37.03
C ILE A 690 3.10 27.59 -37.47
N SER A 691 3.21 28.77 -38.07
CA SER A 691 4.49 29.26 -38.55
C SER A 691 5.22 30.07 -37.48
N ILE A 692 4.57 31.12 -36.99
CA ILE A 692 5.19 32.05 -36.05
C ILE A 692 4.52 31.88 -34.69
N LEU A 693 5.22 32.35 -33.66
CA LEU A 693 4.75 32.26 -32.28
C LEU A 693 4.69 33.67 -31.71
N ASP A 694 4.00 34.56 -32.44
CA ASP A 694 4.08 36.00 -32.24
C ASP A 694 3.98 36.40 -30.78
N LEU A 695 5.06 36.96 -30.25
CA LEU A 695 5.11 37.49 -28.90
C LEU A 695 5.77 38.86 -28.85
N SER A 696 6.23 39.38 -29.99
CA SER A 696 6.94 40.65 -30.01
C SER A 696 6.03 41.81 -29.66
N GLU A 697 4.75 41.73 -30.02
CA GLU A 697 3.85 42.87 -29.84
C GLU A 697 3.72 43.26 -28.37
N LYS A 698 3.19 42.36 -27.54
CA LYS A 698 2.98 42.67 -26.13
C LYS A 698 2.97 41.34 -25.38
N ALA A 699 4.07 41.04 -24.70
CA ALA A 699 4.23 39.76 -24.03
C ALA A 699 3.65 39.73 -22.62
N TYR A 700 3.74 40.85 -21.88
CA TYR A 700 3.31 40.82 -20.49
C TYR A 700 1.81 40.66 -20.34
N LEU A 701 1.04 40.86 -21.41
CA LEU A 701 -0.40 40.67 -21.32
C LEU A 701 -0.78 39.20 -21.15
N TRP A 702 0.16 38.28 -21.37
CA TRP A 702 -0.02 36.86 -21.08
C TRP A 702 0.78 36.42 -19.87
N SER A 703 1.01 37.33 -18.91
CA SER A 703 1.93 37.05 -17.82
C SER A 703 1.49 35.87 -16.94
N ARG A 704 0.23 35.45 -17.03
CA ARG A 704 -0.25 34.37 -16.18
C ARG A 704 -0.25 33.02 -16.86
N VAL A 705 -0.03 32.97 -18.18
CA VAL A 705 -0.13 31.73 -18.94
C VAL A 705 0.72 30.65 -18.29
N GLU A 706 0.12 29.49 -18.06
CA GLU A 706 0.78 28.40 -17.35
C GLU A 706 0.96 27.13 -18.16
N LYS A 707 0.28 27.00 -19.30
CA LYS A 707 0.44 25.83 -20.15
C LYS A 707 0.38 26.28 -21.59
N LEU A 708 1.37 25.87 -22.38
CA LEU A 708 1.49 26.31 -23.77
C LEU A 708 2.02 25.13 -24.58
N HIS A 709 1.11 24.37 -25.17
CA HIS A 709 1.45 23.16 -25.90
C HIS A 709 1.46 23.46 -27.39
N LEU A 710 2.65 23.43 -28.01
CA LEU A 710 2.82 23.71 -29.43
C LEU A 710 3.46 22.58 -30.19
N SER A 711 3.44 21.35 -29.66
CA SER A 711 4.10 20.24 -30.33
C SER A 711 3.51 20.00 -31.72
N HIS A 712 4.28 19.32 -32.56
CA HIS A 712 3.85 18.93 -33.90
C HIS A 712 3.48 20.13 -34.76
N ASN A 713 4.32 21.16 -34.74
CA ASN A 713 4.06 22.35 -35.52
C ASN A 713 5.29 22.71 -36.36
N LYS A 714 5.04 23.53 -37.38
CA LYS A 714 6.10 24.02 -38.26
C LYS A 714 6.73 25.29 -37.71
N LEU A 715 7.18 25.23 -36.46
CA LEU A 715 7.85 26.37 -35.85
C LEU A 715 9.26 26.52 -36.42
N LYS A 716 9.77 27.74 -36.34
CA LYS A 716 11.11 28.05 -36.83
C LYS A 716 12.07 28.41 -35.71
N GLU A 717 11.70 29.37 -34.87
CA GLU A 717 12.49 29.69 -33.69
C GLU A 717 11.56 30.26 -32.63
N ILE A 718 12.03 30.22 -31.38
CA ILE A 718 11.30 30.74 -30.24
C ILE A 718 11.69 32.20 -30.09
N PRO A 719 10.73 33.14 -30.22
CA PRO A 719 11.07 34.55 -30.04
C PRO A 719 11.53 34.82 -28.62
N PRO A 720 12.51 35.70 -28.41
CA PRO A 720 13.03 35.99 -27.10
C PRO A 720 11.97 36.58 -26.16
N GLU A 721 10.87 37.14 -26.68
CA GLU A 721 9.82 37.71 -25.86
C GLU A 721 9.12 36.67 -24.99
N ILE A 722 9.41 35.39 -25.19
CA ILE A 722 8.88 34.35 -24.32
C ILE A 722 9.46 34.45 -22.91
N GLY A 723 10.55 35.21 -22.74
CA GLY A 723 11.13 35.35 -21.42
C GLY A 723 10.30 36.14 -20.44
N CYS A 724 9.19 36.74 -20.87
CA CYS A 724 8.36 37.55 -19.99
C CYS A 724 7.24 36.75 -19.34
N LEU A 725 6.83 35.62 -19.91
CA LEU A 725 5.77 34.81 -19.33
C LEU A 725 6.29 34.07 -18.11
N GLU A 726 6.55 34.80 -17.03
CA GLU A 726 7.18 34.21 -15.85
C GLU A 726 6.34 33.07 -15.29
N ASN A 727 5.02 33.21 -15.32
CA ASN A 727 4.17 32.16 -14.77
C ASN A 727 4.10 30.94 -15.66
N LEU A 728 4.92 30.80 -16.69
CA LEU A 728 4.89 29.60 -17.50
C LEU A 728 5.30 28.40 -16.67
N THR A 729 4.58 27.29 -16.85
CA THR A 729 4.83 26.08 -16.09
C THR A 729 5.20 24.90 -16.97
N SER A 730 4.46 24.65 -18.05
CA SER A 730 4.68 23.48 -18.90
C SER A 730 4.69 23.94 -20.36
N LEU A 731 5.86 24.32 -20.85
CA LEU A 731 6.02 24.61 -22.26
C LEU A 731 6.25 23.32 -23.03
N ASP A 732 5.84 23.32 -24.29
CA ASP A 732 6.00 22.12 -25.12
C ASP A 732 6.14 22.54 -26.57
N VAL A 733 7.35 22.38 -27.08
CA VAL A 733 7.74 22.73 -28.44
C VAL A 733 8.41 21.54 -29.10
N SER A 734 8.06 20.34 -28.64
CA SER A 734 8.68 19.14 -29.19
C SER A 734 8.12 18.82 -30.57
N TYR A 735 8.74 17.84 -31.22
CA TYR A 735 8.31 17.29 -32.51
C TYR A 735 8.25 18.35 -33.60
N ASN A 736 8.94 19.48 -33.44
CA ASN A 736 8.89 20.51 -34.46
C ASN A 736 9.89 20.30 -35.58
N LEU A 737 11.04 19.68 -35.28
CA LEU A 737 12.05 19.28 -36.27
C LEU A 737 12.66 20.48 -36.99
N GLU A 738 12.24 21.69 -36.63
CA GLU A 738 12.72 22.88 -37.32
C GLU A 738 12.97 24.03 -36.35
N LEU A 739 13.19 23.72 -35.07
CA LEU A 739 13.40 24.75 -34.05
C LEU A 739 14.87 25.10 -33.86
N ARG A 740 15.69 24.09 -33.54
CA ARG A 740 17.15 24.12 -33.67
C ARG A 740 17.85 25.03 -32.67
N SER A 741 17.15 25.86 -31.91
CA SER A 741 17.80 26.78 -30.98
C SER A 741 16.86 27.26 -29.89
N PHE A 742 17.42 27.44 -28.71
CA PHE A 742 16.69 27.97 -27.56
C PHE A 742 17.23 29.36 -27.25
N PRO A 743 16.37 30.37 -27.16
CA PRO A 743 16.82 31.70 -26.81
C PRO A 743 17.19 31.67 -25.33
N ASN A 744 18.20 32.44 -24.96
CA ASN A 744 18.66 32.49 -23.58
C ASN A 744 17.61 33.09 -22.62
N GLU A 745 16.59 33.76 -23.16
CA GLU A 745 15.55 34.42 -22.38
C GLU A 745 14.74 33.43 -21.54
N MET A 746 14.56 32.21 -22.00
CA MET A 746 13.81 31.18 -21.25
C MET A 746 14.43 30.88 -19.87
N GLY A 747 15.66 31.29 -19.59
CA GLY A 747 16.29 31.09 -18.27
C GLY A 747 15.60 31.89 -17.18
N LYS A 748 14.71 32.83 -17.52
CA LYS A 748 13.96 33.56 -16.50
C LYS A 748 12.65 32.87 -16.12
N LEU A 749 12.29 31.79 -16.80
CA LEU A 749 11.05 31.08 -16.52
C LEU A 749 11.32 29.92 -15.55
N SER A 750 11.70 30.29 -14.33
CA SER A 750 12.07 29.32 -13.30
C SER A 750 10.93 28.41 -12.86
N LYS A 751 9.68 28.74 -13.22
CA LYS A 751 8.56 27.92 -12.79
C LYS A 751 8.39 26.65 -13.61
N ILE A 752 9.07 26.56 -14.75
CA ILE A 752 8.96 25.41 -15.64
C ILE A 752 9.52 24.18 -14.96
N TRP A 753 8.71 23.14 -14.82
CA TRP A 753 9.18 21.91 -14.18
C TRP A 753 9.28 20.77 -15.19
N ASP A 754 8.75 20.95 -16.40
CA ASP A 754 8.84 20.00 -17.49
C ASP A 754 8.93 20.77 -18.82
N LEU A 755 9.62 20.16 -19.77
CA LEU A 755 9.88 20.74 -21.07
C LEU A 755 10.30 19.64 -22.05
N PRO A 756 9.34 18.92 -22.65
CA PRO A 756 9.72 17.80 -23.50
C PRO A 756 10.60 18.24 -24.66
N LEU A 757 11.63 17.42 -24.91
CA LEU A 757 12.67 17.60 -25.93
C LEU A 757 12.74 16.43 -26.91
N ASP A 758 11.58 15.87 -27.23
CA ASP A 758 11.47 14.73 -28.12
C ASP A 758 11.52 15.19 -29.59
N GLU A 759 12.41 14.55 -30.37
CA GLU A 759 12.58 14.77 -31.82
C GLU A 759 12.80 16.24 -32.18
N LEU A 760 13.79 16.85 -31.54
CA LEU A 760 14.29 18.14 -31.96
C LEU A 760 15.77 18.18 -31.58
N HIS A 761 16.56 18.90 -32.35
CA HIS A 761 18.00 19.01 -32.12
C HIS A 761 18.33 20.44 -31.73
N LEU A 762 19.23 20.57 -30.76
CA LEU A 762 19.72 21.83 -30.19
C LEU A 762 21.23 21.97 -30.37
N ASN A 763 21.68 23.16 -30.02
CA ASN A 763 23.08 23.38 -29.81
C ASN A 763 23.17 22.74 -28.39
N PHE A 764 24.30 22.17 -28.00
CA PHE A 764 24.30 21.42 -26.74
C PHE A 764 23.36 20.19 -26.80
N ASP A 765 22.60 19.90 -25.74
CA ASP A 765 21.74 18.72 -25.64
C ASP A 765 22.54 17.42 -25.73
N PHE A 766 23.84 17.44 -25.39
CA PHE A 766 24.75 16.29 -25.55
C PHE A 766 24.73 15.45 -24.27
N LYS A 767 24.11 14.25 -24.27
CA LYS A 767 23.65 13.52 -23.06
C LYS A 767 24.62 13.49 -21.87
N HIS A 768 25.91 13.25 -22.12
CA HIS A 768 26.97 13.23 -21.12
C HIS A 768 27.19 14.55 -20.37
N ILE A 769 26.62 15.65 -20.86
CA ILE A 769 26.72 17.04 -20.39
C ILE A 769 25.33 17.73 -20.38
N GLY A 770 24.34 17.16 -21.08
CA GLY A 770 22.99 17.67 -21.23
C GLY A 770 22.18 17.72 -19.93
N CYS A 771 21.53 18.85 -19.72
CA CYS A 771 20.69 19.13 -18.55
C CYS A 771 19.30 18.47 -18.61
N LYS A 772 18.54 18.55 -17.51
CA LYS A 772 17.18 18.02 -17.35
C LYS A 772 16.24 18.98 -16.60
N ALA A 773 15.00 19.21 -17.08
CA ALA A 773 14.00 20.07 -16.44
C ALA A 773 14.61 21.41 -15.97
N LYS A 774 14.54 21.76 -14.67
CA LYS A 774 15.13 23.00 -14.15
C LYS A 774 16.62 23.10 -14.48
N ASP A 775 17.36 22.01 -14.59
CA ASP A 775 18.79 22.12 -14.93
C ASP A 775 18.98 22.77 -16.31
N ILE A 776 18.08 22.54 -17.26
CA ILE A 776 18.14 23.19 -18.58
C ILE A 776 17.91 24.69 -18.39
N ILE A 777 16.98 25.07 -17.51
CA ILE A 777 16.67 26.48 -17.24
C ILE A 777 17.88 27.14 -16.59
N ARG A 778 18.54 26.44 -15.66
CA ARG A 778 19.76 26.92 -15.03
C ARG A 778 20.84 27.14 -16.09
N PHE A 779 20.96 26.19 -17.02
CA PHE A 779 21.90 26.31 -18.13
C PHE A 779 21.54 27.50 -19.02
N LEU A 780 20.26 27.67 -19.40
CA LEU A 780 19.85 28.77 -20.27
C LEU A 780 19.99 30.13 -19.55
N GLN A 781 19.96 30.14 -18.22
CA GLN A 781 20.13 31.36 -17.44
C GLN A 781 21.62 31.68 -17.29
N GLN A 782 22.47 30.69 -17.04
CA GLN A 782 23.92 30.92 -16.96
C GLN A 782 24.43 31.32 -18.35
N ARG A 783 23.87 30.75 -19.42
CA ARG A 783 24.23 31.15 -20.79
C ARG A 783 23.72 32.58 -21.03
N LEU A 784 22.67 33.03 -20.35
CA LEU A 784 22.20 34.42 -20.40
C LEU A 784 23.20 35.35 -19.71
N LYS A 785 23.82 34.87 -18.63
CA LYS A 785 24.82 35.66 -17.92
C LYS A 785 25.99 35.99 -18.84
N LYS A 786 26.79 34.97 -19.18
CA LYS A 786 27.93 35.11 -20.09
C LYS A 786 28.49 33.73 -20.50
N ALA A 787 28.50 33.38 -21.78
CA ALA A 787 29.12 32.14 -22.29
C ALA A 787 30.43 32.50 -23.08
N VAL A 788 31.64 31.97 -22.78
CA VAL A 788 32.87 32.36 -23.53
C VAL A 788 33.59 31.27 -24.28
N PRO A 789 34.30 31.52 -25.41
CA PRO A 789 35.13 30.51 -26.08
C PRO A 789 36.20 29.88 -25.17
N TYR A 790 36.19 28.55 -25.01
CA TYR A 790 37.23 27.74 -24.40
C TYR A 790 38.01 27.01 -25.48
N ASN A 791 39.33 27.09 -25.41
CA ASN A 791 40.14 26.83 -26.57
C ASN A 791 41.31 25.89 -26.27
N ARG A 792 41.16 24.85 -25.42
CA ARG A 792 42.39 24.18 -24.82
C ARG A 792 42.34 22.63 -24.71
N MET A 793 42.56 21.95 -25.83
CA MET A 793 42.36 20.49 -26.04
C MET A 793 43.44 19.42 -25.73
N LYS A 794 43.37 18.25 -26.45
CA LYS A 794 44.20 17.03 -26.27
C LYS A 794 44.68 16.26 -27.50
N LEU A 795 45.87 15.68 -27.38
CA LEU A 795 46.57 14.89 -28.39
C LEU A 795 47.04 13.54 -27.85
N MET A 796 46.30 12.49 -28.11
CA MET A 796 46.66 11.18 -27.60
C MET A 796 47.60 10.43 -28.53
N ILE A 797 48.90 10.48 -28.26
CA ILE A 797 49.86 9.68 -29.03
C ILE A 797 49.64 8.21 -28.69
N VAL A 798 49.77 7.33 -29.68
CA VAL A 798 49.51 5.91 -29.52
C VAL A 798 50.56 5.13 -30.30
N GLY A 799 51.17 4.13 -29.67
CA GLY A 799 52.14 3.29 -30.33
C GLY A 799 51.97 1.83 -30.01
N ASN A 800 53.00 1.02 -30.25
CA ASN A 800 52.91 -0.41 -29.95
C ASN A 800 54.30 -1.00 -29.66
N THR A 801 54.65 -1.04 -28.37
CA THR A 801 55.76 -1.80 -27.81
C THR A 801 57.12 -1.23 -28.20
N GLY A 802 57.15 -0.31 -29.14
CA GLY A 802 58.35 0.43 -29.42
C GLY A 802 58.23 1.19 -30.72
N SER A 803 58.59 2.47 -30.68
CA SER A 803 58.48 3.34 -31.85
C SER A 803 59.00 4.72 -31.51
N GLY A 804 58.91 5.64 -32.46
CA GLY A 804 59.15 7.02 -32.16
C GLY A 804 57.95 7.62 -31.45
N LYS A 805 57.79 7.32 -30.16
CA LYS A 805 56.76 7.97 -29.34
C LYS A 805 57.36 8.94 -28.34
N THR A 806 58.19 8.46 -27.42
CA THR A 806 58.79 9.37 -26.46
C THR A 806 59.91 10.18 -27.11
N THR A 807 60.73 9.52 -27.92
CA THR A 807 61.81 10.20 -28.64
C THR A 807 61.27 11.04 -29.79
N LEU A 808 59.99 10.91 -30.10
CA LEU A 808 59.29 11.81 -31.01
C LEU A 808 58.48 12.87 -30.28
N LEU A 809 57.97 12.55 -29.09
CA LEU A 809 57.38 13.59 -28.24
C LEU A 809 58.45 14.51 -27.69
N GLN A 810 59.60 13.98 -27.29
CA GLN A 810 60.68 14.81 -26.80
C GLN A 810 61.34 15.57 -27.92
N GLN A 811 60.90 15.33 -29.15
CA GLN A 811 61.36 16.13 -30.27
C GLN A 811 60.30 17.08 -30.80
N LEU A 812 59.03 16.74 -30.64
CA LEU A 812 57.97 17.69 -30.97
C LEU A 812 58.07 18.85 -30.00
N MET A 813 58.14 18.57 -28.71
CA MET A 813 58.24 19.63 -27.72
C MET A 813 59.60 20.37 -27.81
N LYS A 814 60.53 20.00 -28.72
CA LYS A 814 61.86 20.66 -28.92
C LYS A 814 62.66 20.64 -27.64
N THR A 815 62.48 19.64 -26.81
CA THR A 815 63.08 19.62 -25.47
C THR A 815 64.61 19.56 -25.47
N LYS A 816 65.23 20.71 -25.15
CA LYS A 816 66.68 20.95 -25.08
C LYS A 816 67.40 20.33 -23.88
N LYS A 817 66.72 20.14 -22.75
CA LYS A 817 67.36 19.80 -21.47
C LYS A 817 68.17 18.52 -21.44
N SER A 818 67.64 17.40 -21.89
CA SER A 818 68.32 16.10 -21.79
C SER A 818 68.88 15.88 -20.39
N ASP A 819 68.00 16.10 -19.43
CA ASP A 819 68.27 15.90 -18.03
C ASP A 819 68.51 14.40 -17.85
N LEU A 820 67.56 13.57 -18.28
CA LEU A 820 67.71 12.13 -18.26
C LEU A 820 68.32 11.72 -19.59
N GLY A 821 69.62 11.42 -19.58
CA GLY A 821 70.33 10.98 -20.79
C GLY A 821 69.92 9.59 -21.28
N MET A 822 69.11 8.85 -20.52
CA MET A 822 68.64 7.50 -20.86
C MET A 822 67.21 7.24 -20.42
N GLN A 823 66.26 7.51 -21.30
CA GLN A 823 64.85 7.28 -21.00
C GLN A 823 64.56 5.77 -21.08
N SER A 824 63.66 5.27 -20.21
CA SER A 824 63.27 3.86 -20.20
C SER A 824 61.91 3.67 -20.89
N ALA A 825 61.45 2.43 -21.05
CA ALA A 825 60.15 2.15 -21.65
C ALA A 825 59.06 2.86 -20.85
N THR A 826 57.98 3.24 -21.50
CA THR A 826 56.95 4.03 -20.85
C THR A 826 56.10 3.24 -19.87
N VAL A 827 55.86 3.82 -18.70
CA VAL A 827 54.98 3.26 -17.67
C VAL A 827 53.72 4.11 -17.68
N GLY A 828 52.56 3.44 -17.66
CA GLY A 828 51.27 4.13 -17.72
C GLY A 828 51.12 4.95 -19.01
N ILE A 829 50.63 6.18 -18.88
CA ILE A 829 50.31 7.06 -20.04
C ILE A 829 51.13 8.35 -20.09
N ASP A 830 51.76 8.69 -18.95
CA ASP A 830 52.69 9.81 -18.79
C ASP A 830 52.17 11.13 -19.38
N VAL A 831 51.09 11.66 -18.81
CA VAL A 831 50.56 12.91 -19.34
C VAL A 831 51.57 14.02 -19.16
N LYS A 832 51.77 14.76 -20.25
CA LYS A 832 52.56 15.98 -20.29
C LYS A 832 51.72 17.05 -20.95
N ASP A 833 52.12 18.28 -20.74
CA ASP A 833 51.44 19.40 -21.39
C ASP A 833 52.48 20.38 -21.91
N TRP A 834 52.20 20.98 -23.05
CA TRP A 834 53.14 21.88 -23.69
C TRP A 834 52.39 22.97 -24.43
N PRO A 835 52.59 24.22 -24.06
CA PRO A 835 51.89 25.31 -24.74
C PRO A 835 52.53 25.61 -26.09
N ILE A 836 51.70 26.10 -27.01
CA ILE A 836 52.13 26.48 -28.35
C ILE A 836 51.51 27.85 -28.62
N GLN A 837 52.28 28.91 -28.38
CA GLN A 837 51.93 30.23 -28.90
C GLN A 837 52.38 30.26 -30.34
N ILE A 838 51.45 29.99 -31.25
CA ILE A 838 51.77 29.94 -32.68
C ILE A 838 52.17 31.34 -33.11
N ARG A 839 53.44 31.53 -33.44
CA ARG A 839 53.98 32.85 -33.73
C ARG A 839 53.50 33.31 -35.10
N ASP A 840 52.22 33.61 -35.20
CA ASP A 840 51.60 33.97 -36.48
C ASP A 840 50.51 35.00 -36.21
N LYS A 841 49.71 35.28 -37.24
CA LYS A 841 48.63 36.24 -37.11
C LYS A 841 47.60 35.78 -36.08
N ARG A 842 47.37 34.48 -35.98
CA ARG A 842 46.48 33.93 -34.96
C ARG A 842 47.27 33.79 -33.67
N LYS A 843 47.04 34.70 -32.74
CA LYS A 843 47.74 34.69 -31.46
C LYS A 843 47.19 33.67 -30.48
N ARG A 844 46.32 32.77 -30.93
CA ARG A 844 45.74 31.76 -30.05
C ARG A 844 46.84 30.81 -29.59
N ASP A 845 47.26 30.95 -28.33
CA ASP A 845 48.30 30.09 -27.75
C ASP A 845 47.67 28.80 -27.27
N LEU A 846 47.51 27.86 -28.20
CA LEU A 846 46.80 26.63 -27.91
C LEU A 846 47.65 25.71 -27.04
N VAL A 847 47.03 25.06 -26.07
CA VAL A 847 47.73 24.14 -25.15
C VAL A 847 47.05 22.78 -25.29
N LEU A 848 47.67 21.89 -26.04
CA LEU A 848 47.20 20.53 -26.23
C LEU A 848 48.08 19.63 -25.38
N ASN A 849 47.46 18.72 -24.64
CA ASN A 849 48.20 17.89 -23.69
C ASN A 849 48.44 16.52 -24.31
N VAL A 850 49.68 16.08 -24.25
CA VAL A 850 50.10 14.84 -24.85
C VAL A 850 50.10 13.69 -23.89
N TRP A 851 49.48 12.59 -24.29
CA TRP A 851 49.42 11.42 -23.41
C TRP A 851 50.07 10.27 -24.17
N ASP A 852 51.39 10.16 -24.09
CA ASP A 852 52.07 9.15 -24.89
C ASP A 852 51.82 7.75 -24.34
N PHE A 853 50.75 7.13 -24.83
CA PHE A 853 50.25 5.88 -24.30
C PHE A 853 51.25 4.73 -24.28
N ALA A 854 50.98 3.77 -23.40
CA ALA A 854 51.92 2.69 -23.16
C ALA A 854 52.06 1.83 -24.40
N GLY A 855 53.30 1.50 -24.74
CA GLY A 855 53.55 0.66 -25.88
C GLY A 855 53.36 -0.81 -25.59
N ARG A 856 54.01 -1.30 -24.54
CA ARG A 856 54.00 -2.72 -24.17
C ARG A 856 52.58 -3.21 -23.93
N GLU A 857 52.30 -4.43 -24.35
CA GLU A 857 50.96 -5.00 -24.28
C GLU A 857 50.45 -5.16 -22.87
N GLU A 858 51.31 -5.07 -21.86
CA GLU A 858 50.89 -5.37 -20.49
C GLU A 858 49.89 -4.34 -19.97
N PHE A 859 50.03 -3.11 -20.39
CA PHE A 859 49.16 -2.05 -19.93
C PHE A 859 47.80 -2.12 -20.61
N TYR A 860 47.60 -3.14 -21.46
CA TYR A 860 46.44 -3.25 -22.29
C TYR A 860 45.26 -3.81 -21.50
N SER A 861 44.79 -3.01 -20.57
CA SER A 861 43.40 -3.06 -20.17
C SER A 861 42.87 -1.69 -19.78
N THR A 862 43.71 -0.74 -19.39
CA THR A 862 43.17 0.52 -18.87
C THR A 862 43.00 1.60 -19.92
N HIS A 863 43.68 1.49 -21.06
CA HIS A 863 43.71 2.57 -22.04
C HIS A 863 42.34 3.08 -22.47
N PRO A 864 41.29 2.26 -22.66
CA PRO A 864 39.97 2.76 -23.06
C PRO A 864 39.48 3.92 -22.22
N HIS A 865 39.98 3.97 -20.99
CA HIS A 865 39.53 5.03 -20.09
C HIS A 865 40.07 6.39 -20.46
N PHE A 866 41.20 6.44 -21.15
CA PHE A 866 41.85 7.70 -21.50
C PHE A 866 41.71 8.04 -22.96
N MET A 867 40.76 7.43 -23.66
CA MET A 867 40.48 7.69 -25.06
C MET A 867 39.09 8.31 -25.15
N THR A 868 38.95 9.61 -24.91
CA THR A 868 37.64 10.26 -24.98
C THR A 868 37.26 10.58 -26.43
N GLN A 869 36.06 11.11 -26.70
CA GLN A 869 35.77 11.33 -28.12
C GLN A 869 36.50 12.51 -28.73
N ARG A 870 36.97 13.44 -27.90
CA ARG A 870 37.58 14.71 -28.30
C ARG A 870 39.08 14.74 -28.33
N ALA A 871 39.68 14.51 -29.50
CA ALA A 871 41.13 14.33 -29.50
C ALA A 871 41.65 14.44 -30.92
N LEU A 872 42.96 14.25 -31.06
CA LEU A 872 43.64 14.16 -32.35
C LEU A 872 44.75 13.13 -32.18
N TYR A 873 44.47 11.89 -32.56
CA TYR A 873 45.38 10.79 -32.25
C TYR A 873 46.52 10.74 -33.24
N LEU A 874 47.70 10.43 -32.75
CA LEU A 874 48.77 10.02 -33.63
C LEU A 874 48.88 8.49 -33.65
N ALA A 875 49.81 8.01 -34.45
CA ALA A 875 50.20 6.60 -34.42
C ALA A 875 51.56 6.50 -35.07
N VAL A 876 52.32 5.49 -34.69
CA VAL A 876 53.73 5.42 -35.08
C VAL A 876 54.11 3.99 -35.45
N TYR A 877 55.09 3.88 -36.35
CA TYR A 877 55.47 2.61 -36.96
C TYR A 877 56.64 1.92 -36.27
N ASP A 878 57.78 2.61 -36.18
CA ASP A 878 59.09 1.97 -36.16
C ASP A 878 59.32 1.21 -37.47
N LEU A 879 59.44 2.01 -38.52
CA LEU A 879 59.50 1.54 -39.91
C LEU A 879 60.61 0.54 -40.19
N SER A 880 61.46 0.26 -39.20
CA SER A 880 62.45 -0.80 -39.36
C SER A 880 61.78 -2.10 -39.81
N LYS A 881 60.69 -2.48 -39.15
CA LYS A 881 59.88 -3.62 -39.56
C LYS A 881 58.78 -3.17 -40.53
N GLY A 882 59.19 -2.45 -41.56
CA GLY A 882 58.22 -1.90 -42.50
C GLY A 882 57.48 -3.00 -43.24
N GLN A 883 56.20 -2.75 -43.50
CA GLN A 883 55.26 -3.63 -44.19
C GLN A 883 54.95 -4.89 -43.40
N ALA A 884 55.56 -5.08 -42.24
CA ALA A 884 55.23 -6.15 -41.31
C ALA A 884 54.78 -5.65 -39.96
N GLU A 885 55.45 -4.63 -39.41
CA GLU A 885 54.94 -3.93 -38.25
C GLU A 885 53.65 -3.19 -38.58
N VAL A 886 53.59 -2.59 -39.78
CA VAL A 886 52.40 -1.88 -40.21
C VAL A 886 51.17 -2.77 -40.19
N ASP A 887 51.35 -4.08 -40.35
CA ASP A 887 50.24 -5.00 -40.16
C ASP A 887 49.84 -5.08 -38.69
N ALA A 888 50.83 -5.28 -37.82
CA ALA A 888 50.57 -5.47 -36.40
C ALA A 888 50.05 -4.22 -35.71
N MET A 889 50.07 -3.09 -36.40
CA MET A 889 49.50 -1.86 -35.86
C MET A 889 47.99 -1.79 -36.09
N LYS A 890 47.44 -2.70 -36.90
CA LYS A 890 46.01 -2.68 -37.19
C LYS A 890 45.11 -2.64 -35.96
N PRO A 891 45.33 -3.40 -34.89
CA PRO A 891 44.40 -3.32 -33.75
C PRO A 891 44.26 -1.91 -33.20
N TRP A 892 45.37 -1.17 -33.09
CA TRP A 892 45.33 0.15 -32.49
C TRP A 892 44.35 1.05 -33.22
N LEU A 893 44.53 1.20 -34.53
CA LEU A 893 43.59 1.99 -35.31
C LEU A 893 42.16 1.52 -35.08
N PHE A 894 41.96 0.20 -35.01
CA PHE A 894 40.63 -0.32 -34.79
C PHE A 894 40.03 0.22 -33.50
N ASN A 895 40.82 0.20 -32.42
CA ASN A 895 40.31 0.72 -31.16
C ASN A 895 39.98 2.20 -31.28
N ILE A 896 40.75 2.94 -32.07
CA ILE A 896 40.44 4.35 -32.27
C ILE A 896 39.10 4.50 -32.96
N LYS A 897 38.77 3.59 -33.87
CA LYS A 897 37.45 3.59 -34.48
C LYS A 897 36.38 3.08 -33.53
N ALA A 898 36.77 2.29 -32.51
CA ALA A 898 35.80 1.78 -31.57
C ALA A 898 35.35 2.85 -30.58
N ARG A 899 36.31 3.59 -30.01
CA ARG A 899 35.98 4.59 -29.00
C ARG A 899 35.45 5.87 -29.63
N ALA A 900 36.26 6.52 -30.45
CA ALA A 900 35.96 7.84 -30.99
C ALA A 900 35.85 7.74 -32.50
N SER A 901 34.61 7.57 -33.00
CA SER A 901 34.39 7.40 -34.42
C SER A 901 34.81 8.63 -35.21
N SER A 902 34.52 9.82 -34.69
CA SER A 902 34.72 11.07 -35.42
C SER A 902 35.97 11.79 -34.95
N SER A 903 37.02 11.04 -34.67
CA SER A 903 38.28 11.60 -34.24
C SER A 903 39.34 11.43 -35.33
N PRO A 904 40.17 12.42 -35.55
CA PRO A 904 41.18 12.32 -36.60
C PRO A 904 42.40 11.58 -36.13
N VAL A 905 43.08 10.95 -37.08
CA VAL A 905 44.27 10.17 -36.82
C VAL A 905 45.36 10.63 -37.77
N ILE A 906 46.61 10.59 -37.29
CA ILE A 906 47.76 10.98 -38.08
C ILE A 906 48.81 9.90 -37.94
N LEU A 907 49.13 9.23 -39.05
CA LEU A 907 50.21 8.27 -39.04
C LEU A 907 51.53 9.01 -39.14
N VAL A 908 52.56 8.48 -38.47
CA VAL A 908 53.86 9.13 -38.47
C VAL A 908 54.94 8.05 -38.54
N GLY A 909 55.60 7.94 -39.68
CA GLY A 909 56.80 7.13 -39.75
C GLY A 909 57.88 7.68 -38.84
N THR A 910 58.71 6.78 -38.32
CA THR A 910 59.64 7.16 -37.27
C THR A 910 61.08 6.78 -37.58
N HIS A 911 61.40 6.47 -38.83
CA HIS A 911 62.72 5.91 -39.13
C HIS A 911 63.09 6.15 -40.58
N LEU A 912 64.15 6.92 -40.80
CA LEU A 912 64.79 7.00 -42.10
C LEU A 912 66.27 6.68 -41.93
N ASP A 913 66.79 6.95 -40.73
CA ASP A 913 68.18 6.59 -40.44
C ASP A 913 68.36 5.09 -40.36
N VAL A 914 67.34 4.38 -39.88
CA VAL A 914 67.35 2.90 -39.88
C VAL A 914 66.75 2.48 -41.21
N SER A 915 67.61 2.40 -42.23
CA SER A 915 67.20 2.07 -43.60
C SER A 915 66.08 2.98 -44.08
N LYS A 921 62.66 0.16 -47.96
CA LYS A 921 61.44 -0.33 -47.32
C LYS A 921 60.44 0.81 -47.16
N ALA A 922 60.76 1.97 -47.73
CA ALA A 922 59.89 3.14 -47.65
C ALA A 922 58.65 3.01 -48.50
N CYS A 923 58.43 1.87 -49.15
CA CYS A 923 57.21 1.60 -49.91
C CYS A 923 56.02 1.30 -49.02
N MET A 924 56.16 1.51 -47.70
CA MET A 924 55.05 1.30 -46.79
C MET A 924 53.85 2.15 -47.16
N SER A 925 54.08 3.33 -47.75
CA SER A 925 52.98 4.17 -48.19
C SER A 925 52.04 3.43 -49.12
N LYS A 926 52.54 2.40 -49.81
CA LYS A 926 51.67 1.52 -50.57
C LYS A 926 50.61 0.89 -49.68
N ILE A 927 51.03 0.09 -48.68
CA ILE A 927 50.08 -0.72 -47.92
C ILE A 927 49.15 0.17 -47.12
N THR A 928 49.66 1.27 -46.55
CA THR A 928 48.79 2.20 -45.84
C THR A 928 47.76 2.82 -46.77
N LYS A 929 48.12 3.01 -48.05
CA LYS A 929 47.12 3.37 -49.05
C LYS A 929 46.41 2.14 -49.60
N GLU A 930 47.07 0.98 -49.56
CA GLU A 930 46.48 -0.24 -50.12
C GLU A 930 45.50 -0.88 -49.16
N LEU A 931 45.93 -1.14 -47.93
CA LEU A 931 45.13 -1.90 -46.98
C LEU A 931 44.52 -1.04 -45.87
N LEU A 932 45.34 -0.20 -45.23
CA LEU A 932 45.00 0.39 -43.95
C LEU A 932 44.03 1.57 -44.04
N ASN A 933 43.73 2.07 -45.23
CA ASN A 933 43.21 3.43 -45.35
C ASN A 933 41.76 3.54 -44.90
N LYS A 934 40.83 2.97 -45.67
CA LYS A 934 39.42 3.34 -45.56
C LYS A 934 38.51 2.12 -45.52
N ARG A 935 38.89 1.11 -44.76
CA ARG A 935 38.13 -0.13 -44.63
C ARG A 935 37.98 -0.49 -43.15
N GLY A 936 36.94 0.07 -42.52
CA GLY A 936 36.62 -0.21 -41.13
C GLY A 936 37.49 0.48 -40.10
N PHE A 937 38.47 1.26 -40.52
CA PHE A 937 39.44 1.97 -39.71
C PHE A 937 39.19 3.48 -39.80
N PRO A 938 39.53 4.26 -38.77
CA PRO A 938 39.02 5.63 -38.68
C PRO A 938 39.55 6.57 -39.74
N ALA A 939 39.08 7.82 -39.71
CA ALA A 939 39.31 8.78 -40.78
C ALA A 939 40.75 9.28 -40.73
N ILE A 940 41.64 8.48 -41.34
CA ILE A 940 43.02 8.94 -41.51
C ILE A 940 43.02 10.22 -42.31
N ARG A 941 43.79 11.21 -41.86
CA ARG A 941 43.82 12.50 -42.50
C ARG A 941 45.20 12.96 -42.91
N ASP A 942 46.24 12.16 -42.67
CA ASP A 942 47.58 12.47 -43.12
C ASP A 942 48.53 11.32 -42.82
N TYR A 943 49.80 11.46 -43.21
CA TYR A 943 50.85 10.53 -42.83
C TYR A 943 52.19 11.15 -43.17
N HIS A 944 53.16 11.01 -42.27
CA HIS A 944 54.49 11.57 -42.44
C HIS A 944 55.54 10.52 -42.09
N PHE A 945 56.80 10.85 -42.36
CA PHE A 945 57.90 9.90 -42.23
C PHE A 945 59.10 10.54 -41.55
N VAL A 946 58.86 11.24 -40.46
CA VAL A 946 59.96 11.93 -39.79
C VAL A 946 61.00 10.94 -39.24
N ASN A 947 62.18 11.50 -38.95
CA ASN A 947 63.23 10.73 -38.30
C ASN A 947 62.96 10.56 -36.81
N ALA A 948 62.50 11.62 -36.15
CA ALA A 948 62.13 11.60 -34.74
C ALA A 948 63.33 11.29 -33.83
N THR A 949 64.52 11.75 -34.28
CA THR A 949 65.74 11.79 -33.47
C THR A 949 66.52 13.09 -33.72
N GLU A 950 66.59 13.59 -34.97
CA GLU A 950 67.36 14.78 -35.30
C GLU A 950 67.35 15.20 -36.80
N GLU A 951 67.85 16.41 -37.02
CA GLU A 951 68.18 17.13 -38.28
C GLU A 951 67.24 17.19 -39.50
N SER A 952 65.93 17.47 -39.39
CA SER A 952 65.12 17.60 -40.61
C SER A 952 63.86 18.47 -40.59
N ASP A 953 63.56 18.94 -41.80
CA ASP A 953 62.39 19.71 -42.24
C ASP A 953 61.08 18.93 -42.07
N ALA A 954 61.12 17.60 -42.22
CA ALA A 954 59.96 16.73 -42.07
C ALA A 954 59.31 16.92 -40.71
N LEU A 955 60.10 17.20 -39.66
CA LEU A 955 59.57 17.49 -38.34
C LEU A 955 58.81 18.82 -38.34
N ALA A 956 59.33 19.84 -38.99
CA ALA A 956 58.61 21.10 -39.09
C ALA A 956 57.29 20.88 -39.84
N LYS A 957 57.29 20.00 -40.85
CA LYS A 957 56.05 19.72 -41.56
C LYS A 957 55.08 18.96 -40.67
N LEU A 958 55.59 18.04 -39.85
CA LEU A 958 54.73 17.34 -38.91
C LEU A 958 54.09 18.30 -37.93
N ARG A 959 54.86 19.28 -37.43
CA ARG A 959 54.33 20.30 -36.52
C ARG A 959 53.22 21.04 -37.21
N LYS A 960 53.48 21.51 -38.43
CA LYS A 960 52.48 22.29 -39.14
C LYS A 960 51.22 21.47 -39.37
N THR A 961 51.37 20.19 -39.72
CA THR A 961 50.22 19.34 -39.95
C THR A 961 49.42 19.14 -38.67
N ILE A 962 50.10 18.92 -37.55
CA ILE A 962 49.40 18.73 -36.28
C ILE A 962 48.63 19.98 -35.92
N ILE A 963 49.28 21.14 -36.04
CA ILE A 963 48.60 22.39 -35.69
C ILE A 963 47.39 22.62 -36.57
N ASN A 964 47.56 22.50 -37.89
CA ASN A 964 46.44 22.75 -38.80
C ASN A 964 45.35 21.71 -38.68
N GLU A 965 45.68 20.50 -38.25
CA GLU A 965 44.66 19.49 -38.04
C GLU A 965 43.88 19.75 -36.75
N SER A 966 44.56 20.23 -35.72
CA SER A 966 43.88 20.55 -34.46
C SER A 966 42.89 21.69 -34.66
N LEU A 967 43.34 22.78 -35.31
CA LEU A 967 42.49 23.95 -35.57
C LEU A 967 41.35 23.66 -36.53
N ASN A 968 41.30 22.48 -37.15
CA ASN A 968 40.24 22.12 -38.07
C ASN A 968 39.50 20.86 -37.60
N PHE A 969 38.87 20.87 -36.41
CA PHE A 969 38.14 19.68 -35.94
C PHE A 969 36.63 19.80 -36.25
N LYS A 970 35.87 20.60 -35.48
CA LYS A 970 34.45 20.96 -35.73
C LYS A 970 33.54 19.78 -36.06
N ILE A 971 33.36 18.84 -35.13
CA ILE A 971 32.49 17.69 -35.41
C ILE A 971 31.07 18.22 -35.53
N ARG A 972 30.35 17.80 -36.57
CA ARG A 972 28.98 18.26 -36.86
C ARG A 972 28.88 19.79 -36.87
N ASP A 973 29.99 20.46 -37.19
CA ASP A 973 30.14 21.91 -37.17
C ASP A 973 29.73 22.46 -35.81
N GLN A 974 30.38 21.94 -34.76
CA GLN A 974 30.13 22.35 -33.38
C GLN A 974 31.40 22.95 -32.78
N LEU A 975 32.52 22.74 -33.49
CA LEU A 975 33.81 23.36 -33.21
C LEU A 975 34.25 23.20 -31.73
N VAL A 976 34.65 21.98 -31.31
CA VAL A 976 35.06 21.70 -29.90
C VAL A 976 36.12 22.67 -29.40
N VAL A 977 37.15 22.85 -30.23
CA VAL A 977 38.37 23.60 -29.97
C VAL A 977 38.20 25.04 -29.53
N GLY A 978 37.02 25.66 -29.58
CA GLY A 978 36.85 27.01 -29.05
C GLY A 978 35.44 27.18 -28.43
N GLN A 979 34.75 26.15 -27.92
CA GLN A 979 33.30 26.30 -27.62
C GLN A 979 32.99 27.14 -26.35
N LEU A 980 31.79 27.70 -26.19
CA LEU A 980 31.61 28.72 -25.15
C LEU A 980 31.36 28.09 -23.75
N ILE A 981 32.07 28.45 -22.66
CA ILE A 981 31.70 28.02 -21.32
C ILE A 981 31.66 29.23 -20.41
N PRO A 982 30.89 29.14 -19.33
CA PRO A 982 30.94 30.20 -18.32
C PRO A 982 32.35 30.36 -17.77
N ASP A 983 32.76 31.61 -17.61
CA ASP A 983 34.10 31.92 -17.14
C ASP A 983 34.36 31.31 -15.76
N CYS A 984 33.32 31.01 -15.00
CA CYS A 984 33.47 30.38 -13.70
C CYS A 984 34.24 29.06 -13.79
N TYR A 985 33.96 28.27 -14.83
CA TYR A 985 34.68 27.03 -15.01
C TYR A 985 36.17 27.29 -15.23
N VAL A 986 36.49 28.30 -16.04
CA VAL A 986 37.89 28.62 -16.30
C VAL A 986 38.58 29.08 -15.02
N GLU A 987 37.87 29.84 -14.19
CA GLU A 987 38.43 30.28 -12.93
C GLU A 987 38.72 29.09 -12.01
N LEU A 988 37.77 28.16 -11.93
CA LEU A 988 37.99 26.96 -11.13
C LEU A 988 39.16 26.16 -11.67
N GLU A 989 39.28 26.06 -13.00
CA GLU A 989 40.40 25.35 -13.58
C GLU A 989 41.72 26.01 -13.24
N LYS A 990 41.77 27.34 -13.29
CA LYS A 990 43.00 28.05 -12.96
C LYS A 990 43.38 27.83 -11.51
N ILE A 991 42.42 27.92 -10.58
CA ILE A 991 42.78 27.74 -9.18
C ILE A 991 43.17 26.30 -8.90
N ILE A 992 42.55 25.33 -9.58
CA ILE A 992 42.95 23.94 -9.39
C ILE A 992 44.36 23.72 -9.92
N LEU A 993 44.68 24.28 -11.09
CA LEU A 993 46.02 24.13 -11.63
C LEU A 993 47.05 24.75 -10.70
N SER A 994 46.75 25.93 -10.15
CA SER A 994 47.64 26.51 -9.15
C SER A 994 47.75 25.62 -7.92
N GLU A 995 46.76 24.81 -7.57
CA GLU A 995 47.01 23.77 -6.55
C GLU A 995 47.76 22.56 -7.09
N ARG A 996 47.89 22.40 -8.40
CA ARG A 996 49.00 21.59 -8.93
C ARG A 996 50.37 22.20 -8.65
N LYS A 997 50.40 23.44 -8.17
CA LYS A 997 51.55 24.08 -7.53
C LYS A 997 51.54 23.96 -5.99
N ASN A 998 50.53 23.35 -5.34
CA ASN A 998 50.54 23.05 -3.89
C ASN A 998 49.69 21.80 -3.47
N VAL A 999 50.27 20.62 -3.16
CA VAL A 999 49.56 19.37 -2.69
C VAL A 999 50.47 18.31 -1.99
N PRO A 1000 49.97 17.34 -1.17
CA PRO A 1000 50.90 16.31 -0.66
C PRO A 1000 51.26 15.31 -1.75
N ILE A 1001 52.56 15.13 -1.96
CA ILE A 1001 53.04 14.17 -2.95
C ILE A 1001 52.63 12.76 -2.57
N GLU A 1002 52.68 12.44 -1.28
CA GLU A 1002 52.34 11.10 -0.83
C GLU A 1002 50.87 10.76 -1.08
N PHE A 1003 50.02 11.76 -1.26
CA PHE A 1003 48.59 11.50 -1.42
C PHE A 1003 47.95 12.71 -2.11
N PRO A 1004 48.06 12.80 -3.44
CA PRO A 1004 47.66 14.02 -4.15
C PRO A 1004 46.16 14.32 -4.14
N VAL A 1005 45.39 13.50 -3.43
CA VAL A 1005 43.94 13.67 -3.42
C VAL A 1005 43.58 14.98 -2.73
N ILE A 1006 42.39 15.48 -3.05
CA ILE A 1006 41.77 16.60 -2.34
C ILE A 1006 40.41 16.13 -1.82
N ASP A 1007 40.11 16.50 -0.57
CA ASP A 1007 38.80 16.20 -0.01
C ASP A 1007 37.80 17.28 -0.40
N ARG A 1008 36.53 16.88 -0.49
CA ARG A 1008 35.50 17.83 -0.89
C ARG A 1008 35.44 19.03 0.06
N LYS A 1009 35.75 18.82 1.34
CA LYS A 1009 35.84 19.95 2.26
C LYS A 1009 36.92 20.93 1.82
N ARG A 1010 38.06 20.42 1.35
CA ARG A 1010 39.11 21.31 0.86
C ARG A 1010 38.65 22.09 -0.36
N LEU A 1011 37.92 21.44 -1.26
CA LEU A 1011 37.43 22.13 -2.46
C LEU A 1011 36.43 23.22 -2.10
N LEU A 1012 35.48 22.90 -1.22
CA LEU A 1012 34.52 23.90 -0.77
C LEU A 1012 35.16 24.97 0.09
N GLN A 1013 36.36 24.72 0.61
CA GLN A 1013 37.12 25.79 1.25
C GLN A 1013 37.85 26.65 0.23
N LEU A 1014 38.36 26.04 -0.84
CA LEU A 1014 39.09 26.79 -1.85
C LEU A 1014 38.16 27.65 -2.68
N VAL A 1015 36.90 27.23 -2.84
CA VAL A 1015 35.94 28.12 -3.50
C VAL A 1015 35.67 29.33 -2.63
N ARG A 1016 35.64 29.15 -1.32
CA ARG A 1016 35.47 30.29 -0.42
C ARG A 1016 36.71 31.18 -0.43
N GLU A 1017 37.89 30.59 -0.54
CA GLU A 1017 39.13 31.37 -0.57
C GLU A 1017 39.13 32.35 -1.73
N ASN A 1018 38.63 31.92 -2.88
CA ASN A 1018 38.46 32.81 -4.02
C ASN A 1018 37.05 33.41 -3.98
N GLN A 1019 36.66 34.07 -5.06
CA GLN A 1019 35.33 34.67 -5.19
C GLN A 1019 34.52 33.97 -6.27
N LEU A 1020 34.58 32.63 -6.29
CA LEU A 1020 33.89 31.87 -7.31
C LEU A 1020 32.38 32.04 -7.19
N GLN A 1021 31.71 32.12 -8.33
CA GLN A 1021 30.27 32.28 -8.39
C GLN A 1021 29.53 30.96 -8.36
N LEU A 1022 30.15 29.90 -7.85
CA LEU A 1022 29.57 28.56 -7.88
C LEU A 1022 28.92 28.25 -6.54
N ASP A 1023 27.80 27.54 -6.60
CA ASP A 1023 27.08 27.06 -5.43
C ASP A 1023 27.31 25.54 -5.31
N GLU A 1024 26.60 24.94 -4.35
CA GLU A 1024 26.64 23.49 -4.22
C GLU A 1024 25.97 22.78 -5.39
N ASN A 1025 25.23 23.50 -6.22
CA ASN A 1025 24.60 22.92 -7.41
C ASN A 1025 25.40 23.13 -8.68
N GLU A 1026 26.46 23.92 -8.64
CA GLU A 1026 27.30 24.14 -9.81
C GLU A 1026 28.43 23.12 -9.89
N LEU A 1027 29.06 22.84 -8.76
CA LEU A 1027 30.15 21.86 -8.72
C LEU A 1027 29.77 20.49 -9.28
N PRO A 1028 28.58 19.93 -9.02
CA PRO A 1028 28.27 18.61 -9.60
C PRO A 1028 28.42 18.56 -11.10
N HIS A 1029 28.26 19.70 -11.79
CA HIS A 1029 28.53 19.78 -13.21
C HIS A 1029 29.94 20.30 -13.46
N ALA A 1030 30.40 21.22 -12.61
CA ALA A 1030 31.69 21.86 -12.82
C ALA A 1030 32.82 20.83 -12.81
N VAL A 1031 32.86 20.00 -11.76
CA VAL A 1031 33.94 19.03 -11.66
C VAL A 1031 33.84 18.00 -12.78
N HIS A 1032 32.63 17.65 -13.23
CA HIS A 1032 32.46 16.72 -14.33
C HIS A 1032 32.98 17.30 -15.62
N PHE A 1033 32.66 18.56 -15.89
CA PHE A 1033 33.18 19.19 -17.10
C PHE A 1033 34.70 19.30 -17.05
N LEU A 1034 35.26 19.61 -15.88
CA LEU A 1034 36.71 19.68 -15.79
C LEU A 1034 37.35 18.31 -15.87
N ASN A 1035 36.61 17.26 -15.50
CA ASN A 1035 37.06 15.90 -15.76
C ASN A 1035 37.14 15.65 -17.26
N GLU A 1036 36.15 16.15 -18.01
CA GLU A 1036 36.11 16.01 -19.46
C GLU A 1036 37.34 16.66 -20.11
N SER A 1037 38.01 17.59 -19.44
CA SER A 1037 39.16 18.28 -19.99
C SER A 1037 40.49 17.77 -19.46
N GLY A 1038 40.48 16.69 -18.69
CA GLY A 1038 41.72 16.14 -18.20
C GLY A 1038 42.39 16.92 -17.10
N VAL A 1039 41.63 17.73 -16.36
CA VAL A 1039 42.21 18.47 -15.23
C VAL A 1039 42.27 17.58 -14.00
N LEU A 1040 41.12 17.03 -13.60
CA LEU A 1040 41.06 16.19 -12.41
C LEU A 1040 40.00 15.12 -12.61
N LEU A 1041 40.31 13.89 -12.20
CA LEU A 1041 39.37 12.79 -12.27
C LEU A 1041 38.59 12.71 -10.96
N HIS A 1042 37.28 12.61 -11.02
CA HIS A 1042 36.38 12.44 -9.89
C HIS A 1042 35.37 11.38 -10.32
N PHE A 1043 34.97 10.46 -9.44
CA PHE A 1043 34.05 9.40 -9.85
C PHE A 1043 32.66 9.55 -9.24
N GLN A 1044 31.67 9.85 -10.09
CA GLN A 1044 30.26 9.92 -9.73
C GLN A 1044 29.52 8.60 -10.08
N ASP A 1045 30.19 7.59 -10.64
CA ASP A 1045 29.56 6.37 -11.19
C ASP A 1045 28.69 5.50 -10.28
N PRO A 1046 27.42 5.22 -10.66
CA PRO A 1046 26.50 4.36 -9.91
C PRO A 1046 27.04 2.93 -9.71
N ALA A 1047 27.88 2.46 -10.63
CA ALA A 1047 28.47 1.13 -10.57
C ALA A 1047 29.46 0.96 -9.40
N LEU A 1048 30.08 2.05 -8.95
CA LEU A 1048 31.03 2.09 -7.84
C LEU A 1048 30.34 2.81 -6.66
N GLN A 1049 30.86 3.95 -6.25
CA GLN A 1049 30.36 4.83 -5.21
C GLN A 1049 30.85 6.25 -5.53
N LEU A 1050 30.08 7.28 -5.18
CA LEU A 1050 30.51 8.64 -5.47
C LEU A 1050 31.69 9.01 -4.58
N SER A 1051 32.78 9.40 -5.22
CA SER A 1051 34.05 9.73 -4.58
C SER A 1051 34.05 11.03 -3.76
N ASP A 1052 34.22 11.00 -2.44
CA ASP A 1052 34.39 12.26 -1.67
C ASP A 1052 35.74 12.91 -2.04
N LEU A 1053 36.63 12.06 -2.55
CA LEU A 1053 37.97 12.37 -2.98
C LEU A 1053 37.94 12.84 -4.42
N TYR A 1054 38.86 13.76 -4.67
CA TYR A 1054 39.07 14.48 -5.90
C TYR A 1054 40.50 14.29 -6.38
N PHE A 1055 40.66 13.84 -7.62
CA PHE A 1055 41.95 13.39 -8.15
C PHE A 1055 42.54 14.39 -9.11
N VAL A 1056 42.85 15.55 -8.55
CA VAL A 1056 43.81 16.48 -9.12
C VAL A 1056 45.15 15.76 -9.24
N GLU A 1057 45.93 16.25 -10.19
CA GLU A 1057 47.15 15.64 -10.69
C GLU A 1057 46.88 14.20 -11.10
N PRO A 1058 46.14 13.97 -12.20
CA PRO A 1058 45.85 12.60 -12.62
C PRO A 1058 47.08 11.80 -13.00
N LYS A 1059 48.19 12.49 -13.33
CA LYS A 1059 49.45 11.97 -13.91
C LYS A 1059 50.15 10.92 -13.04
N TRP A 1060 49.82 10.89 -11.77
CA TRP A 1060 50.43 9.97 -10.82
C TRP A 1060 49.47 8.96 -10.30
N LEU A 1061 48.20 9.21 -10.47
CA LEU A 1061 47.19 8.29 -10.05
C LEU A 1061 46.98 7.24 -11.14
N CYS A 1062 47.06 7.64 -12.42
CA CYS A 1062 47.30 6.71 -13.51
C CYS A 1062 48.60 5.95 -13.31
N LYS A 1063 49.61 6.61 -12.74
CA LYS A 1063 50.88 5.95 -12.48
C LYS A 1063 50.76 4.92 -11.36
N ILE A 1064 49.94 5.20 -10.36
CA ILE A 1064 49.73 4.35 -9.18
C ILE A 1064 48.90 3.13 -9.54
N MET A 1065 47.87 3.30 -10.37
CA MET A 1065 46.98 2.21 -10.73
C MET A 1065 47.68 1.12 -11.53
N ALA A 1066 48.87 1.39 -12.06
CA ALA A 1066 49.59 0.42 -12.86
C ALA A 1066 50.75 -0.22 -12.11
N GLN A 1067 51.00 0.18 -10.87
CA GLN A 1067 52.08 -0.45 -10.10
C GLN A 1067 51.78 -1.91 -9.81
N ILE A 1068 50.53 -2.23 -9.46
CA ILE A 1068 50.17 -3.61 -9.13
C ILE A 1068 50.30 -4.51 -10.35
N LEU A 1069 49.99 -4.00 -11.54
CA LEU A 1069 50.03 -4.81 -12.75
C LEU A 1069 51.45 -5.08 -13.22
N THR A 1070 52.47 -4.55 -12.55
CA THR A 1070 53.85 -4.83 -12.91
C THR A 1070 54.66 -5.48 -11.82
N VAL A 1071 54.16 -5.52 -10.58
CA VAL A 1071 54.86 -6.22 -9.50
C VAL A 1071 54.61 -7.71 -9.63
N LYS A 1072 55.70 -8.47 -9.70
CA LYS A 1072 55.62 -9.92 -9.84
C LYS A 1072 56.04 -10.59 -8.54
N VAL A 1073 55.90 -11.91 -8.52
CA VAL A 1073 56.32 -12.69 -7.35
C VAL A 1073 57.05 -13.95 -7.80
N GLU A 1074 58.38 -13.87 -7.81
CA GLU A 1074 59.23 -15.04 -8.06
C GLU A 1074 59.65 -15.71 -6.75
N GLY A 1075 58.66 -16.02 -5.92
CA GLY A 1075 58.91 -16.71 -4.67
C GLY A 1075 58.43 -18.14 -4.73
N CYS A 1076 57.24 -18.40 -4.18
CA CYS A 1076 56.60 -19.71 -4.26
C CYS A 1076 55.23 -19.54 -4.87
N PRO A 1077 54.96 -20.12 -6.04
CA PRO A 1077 53.61 -20.05 -6.61
C PRO A 1077 52.62 -20.90 -5.84
N LYS A 1078 52.31 -20.48 -4.61
CA LYS A 1078 51.42 -21.26 -3.75
C LYS A 1078 50.00 -21.27 -4.27
N HIS A 1079 49.57 -20.18 -4.92
CA HIS A 1079 48.25 -20.06 -5.52
C HIS A 1079 48.34 -20.20 -7.03
N PRO A 1080 47.25 -20.59 -7.70
CA PRO A 1080 47.26 -20.59 -9.16
C PRO A 1080 47.50 -19.19 -9.69
N LYS A 1081 48.14 -19.12 -10.85
CA LYS A 1081 48.64 -17.85 -11.37
C LYS A 1081 47.54 -16.82 -11.51
N GLY A 1082 47.57 -15.79 -10.66
CA GLY A 1082 46.68 -14.66 -10.79
C GLY A 1082 45.90 -14.31 -9.53
N ILE A 1083 45.43 -15.32 -8.79
CA ILE A 1083 44.72 -15.05 -7.55
C ILE A 1083 45.72 -14.69 -6.45
N ILE A 1084 45.37 -13.70 -5.63
CA ILE A 1084 46.24 -13.25 -4.56
C ILE A 1084 45.39 -12.59 -3.49
N SER A 1085 45.92 -12.53 -2.27
CA SER A 1085 45.30 -11.88 -1.14
C SER A 1085 46.10 -10.62 -0.80
N ARG A 1086 45.74 -9.99 0.32
CA ARG A 1086 46.29 -8.69 0.68
C ARG A 1086 47.75 -8.84 1.08
N ARG A 1087 48.65 -8.50 0.16
CA ARG A 1087 50.09 -8.55 0.40
C ARG A 1087 50.76 -7.35 -0.27
N ASP A 1088 51.17 -6.37 0.53
CA ASP A 1088 51.92 -5.22 0.03
C ASP A 1088 53.30 -5.66 -0.44
N PRO A 1100 51.54 4.48 2.52
CA PRO A 1100 51.54 3.33 3.43
C PRO A 1100 50.64 3.53 4.64
N LYS A 1101 50.65 4.75 5.19
CA LYS A 1101 49.82 5.06 6.36
C LYS A 1101 48.37 5.19 5.91
N ASN A 1102 47.62 4.10 6.05
CA ASN A 1102 46.21 3.98 5.67
C ASN A 1102 46.03 4.07 4.16
N TYR A 1103 47.09 4.30 3.39
CA TYR A 1103 46.95 4.37 1.94
C TYR A 1103 46.78 3.01 1.31
N MET A 1104 47.32 1.97 1.93
CA MET A 1104 47.02 0.61 1.49
C MET A 1104 45.52 0.34 1.50
N SER A 1105 44.77 0.98 2.40
CA SER A 1105 43.33 0.76 2.42
C SER A 1105 42.66 1.36 1.19
N GLN A 1106 42.95 2.63 0.89
CA GLN A 1106 42.30 3.31 -0.23
C GLN A 1106 42.79 2.79 -1.58
N TYR A 1107 44.04 2.33 -1.67
CA TYR A 1107 44.55 1.76 -2.92
C TYR A 1107 43.61 0.67 -3.43
N PHE A 1108 43.36 -0.35 -2.63
CA PHE A 1108 42.44 -1.39 -3.08
C PHE A 1108 40.99 -1.11 -2.71
N LYS A 1109 40.70 0.00 -2.03
CA LYS A 1109 39.33 0.50 -2.01
C LYS A 1109 39.00 1.24 -3.29
N LEU A 1110 40.00 1.42 -4.16
CA LEU A 1110 39.85 1.95 -5.50
C LEU A 1110 39.98 0.82 -6.49
N LEU A 1111 40.97 -0.06 -6.38
CA LEU A 1111 41.30 -1.03 -7.41
C LEU A 1111 40.23 -2.09 -7.57
N GLU A 1112 39.64 -2.59 -6.47
CA GLU A 1112 38.58 -3.57 -6.66
C GLU A 1112 37.25 -2.89 -6.97
N LYS A 1113 37.14 -1.60 -6.60
CA LYS A 1113 36.08 -0.72 -7.12
C LYS A 1113 36.36 -0.53 -8.60
N PHE A 1114 37.64 -0.54 -8.97
CA PHE A 1114 38.08 -0.55 -10.36
C PHE A 1114 38.10 -1.97 -10.94
N GLN A 1115 37.49 -2.91 -10.22
CA GLN A 1115 37.36 -4.33 -10.58
C GLN A 1115 38.67 -4.98 -10.99
N ILE A 1116 39.79 -4.55 -10.42
CA ILE A 1116 41.03 -5.32 -10.51
C ILE A 1116 41.05 -6.44 -9.49
N ALA A 1117 40.03 -6.55 -8.64
CA ALA A 1117 39.93 -7.63 -7.66
C ALA A 1117 38.50 -7.84 -7.20
N LEU A 1126 42.77 -11.00 -6.77
CA LEU A 1126 42.50 -11.67 -8.03
C LEU A 1126 42.64 -10.70 -9.20
N VAL A 1127 43.76 -10.78 -9.91
CA VAL A 1127 44.06 -9.86 -11.00
C VAL A 1127 43.63 -10.50 -12.31
N PRO A 1128 42.56 -10.02 -12.95
CA PRO A 1128 42.13 -10.61 -14.21
C PRO A 1128 43.13 -10.44 -15.34
N SER A 1129 44.15 -9.62 -15.13
CA SER A 1129 45.24 -9.49 -16.08
C SER A 1129 46.42 -10.33 -15.63
N SER A 1130 47.21 -10.78 -16.61
CA SER A 1130 48.26 -11.76 -16.37
C SER A 1130 47.72 -12.98 -15.62
N LEU A 1131 46.62 -13.53 -16.15
CA LEU A 1131 45.84 -14.57 -15.48
C LEU A 1131 45.64 -15.74 -16.45
N SER A 1132 46.62 -16.64 -16.48
CA SER A 1132 46.48 -17.97 -17.08
C SER A 1132 45.84 -17.91 -18.47
N ASP A 1133 46.58 -17.29 -19.40
CA ASP A 1133 46.05 -17.12 -20.76
C ASP A 1133 45.63 -18.46 -21.37
N HIS A 1134 46.44 -19.49 -21.21
CA HIS A 1134 46.06 -20.80 -21.69
C HIS A 1134 44.92 -21.35 -20.86
N ARG A 1135 43.88 -21.81 -21.54
CA ARG A 1135 42.67 -22.24 -20.84
C ARG A 1135 42.86 -23.64 -20.25
N PRO A 1136 42.45 -23.85 -19.00
CA PRO A 1136 42.43 -25.20 -18.46
C PRO A 1136 41.36 -26.05 -19.13
N VAL A 1137 41.61 -27.36 -19.20
CA VAL A 1137 40.72 -28.26 -19.92
C VAL A 1137 39.46 -28.48 -19.10
N ILE A 1138 38.31 -28.21 -19.72
CA ILE A 1138 37.00 -28.35 -19.10
C ILE A 1138 36.12 -29.21 -19.98
N GLU A 1139 35.32 -30.08 -19.35
CA GLU A 1139 34.37 -30.92 -20.06
C GLU A 1139 32.99 -30.77 -19.43
N LEU A 1140 31.99 -30.51 -20.27
CA LEU A 1140 30.61 -30.35 -19.83
C LEU A 1140 29.99 -31.70 -19.47
N PRO A 1141 29.08 -31.73 -18.50
CA PRO A 1141 28.41 -33.01 -18.18
C PRO A 1141 27.67 -33.60 -19.36
N HIS A 1142 26.99 -32.78 -20.15
CA HIS A 1142 26.23 -33.24 -21.31
C HIS A 1142 26.63 -32.43 -22.54
N CYS A 1143 27.03 -33.14 -23.60
CA CYS A 1143 27.47 -32.51 -24.84
C CYS A 1143 26.85 -33.22 -26.04
N GLU A 1144 25.55 -33.50 -25.98
CA GLU A 1144 24.89 -34.30 -27.00
C GLU A 1144 24.09 -33.46 -27.99
N ASN A 1145 24.52 -32.23 -28.23
CA ASN A 1145 24.06 -31.36 -29.33
C ASN A 1145 22.60 -30.93 -29.20
N SER A 1146 21.86 -31.44 -28.20
CA SER A 1146 20.45 -31.13 -28.09
C SER A 1146 20.02 -30.69 -26.70
N GLU A 1147 20.87 -30.81 -25.70
CA GLU A 1147 20.57 -30.34 -24.35
C GLU A 1147 21.25 -29.03 -24.03
N ILE A 1148 21.95 -28.43 -24.99
CA ILE A 1148 22.70 -27.20 -24.75
C ILE A 1148 22.18 -26.11 -25.68
N ILE A 1149 22.42 -24.87 -25.28
CA ILE A 1149 22.13 -23.67 -26.05
C ILE A 1149 23.44 -22.92 -26.22
N ILE A 1150 23.68 -22.45 -27.44
CA ILE A 1150 24.95 -21.85 -27.81
C ILE A 1150 24.68 -20.56 -28.58
N ARG A 1151 25.41 -19.52 -28.24
CA ARG A 1151 25.26 -18.21 -28.86
C ARG A 1151 26.63 -17.62 -29.11
N LEU A 1152 26.85 -17.07 -30.29
CA LEU A 1152 28.15 -16.49 -30.65
C LEU A 1152 28.11 -14.97 -30.58
N TYR A 1153 29.30 -14.38 -30.57
CA TYR A 1153 29.48 -12.94 -30.58
C TYR A 1153 30.65 -12.55 -31.49
N GLU A 1154 30.65 -13.09 -32.71
CA GLU A 1154 31.72 -12.80 -33.65
C GLU A 1154 31.94 -11.30 -33.79
N MET A 1155 33.18 -10.88 -33.54
CA MET A 1155 33.60 -9.49 -33.64
C MET A 1155 35.01 -9.47 -34.17
N PRO A 1156 35.41 -8.44 -34.92
CA PRO A 1156 36.71 -8.50 -35.60
C PRO A 1156 37.90 -8.59 -34.65
N TYR A 1157 37.79 -8.02 -33.46
CA TYR A 1157 38.86 -8.07 -32.48
C TYR A 1157 38.27 -7.74 -31.12
N PHE A 1158 38.65 -8.49 -30.10
CA PHE A 1158 38.20 -8.15 -28.75
C PHE A 1158 38.64 -6.74 -28.38
N PRO A 1159 37.82 -5.99 -27.65
CA PRO A 1159 38.32 -4.89 -26.84
C PRO A 1159 39.27 -5.37 -25.73
N MET A 1160 40.26 -4.54 -25.34
CA MET A 1160 41.33 -4.93 -24.41
C MET A 1160 40.78 -5.33 -23.04
N GLY A 1161 40.21 -4.37 -22.31
CA GLY A 1161 39.57 -4.61 -21.04
C GLY A 1161 38.20 -5.26 -21.19
N PHE A 1162 37.84 -5.75 -22.38
CA PHE A 1162 36.60 -6.50 -22.48
C PHE A 1162 36.55 -7.65 -21.49
N TRP A 1163 37.47 -8.60 -21.60
CA TRP A 1163 37.43 -9.77 -20.73
C TRP A 1163 37.65 -9.39 -19.27
N SER A 1164 38.58 -8.48 -19.02
CA SER A 1164 38.82 -8.05 -17.64
C SER A 1164 37.54 -7.53 -17.00
N ARG A 1165 36.74 -6.79 -17.75
CA ARG A 1165 35.47 -6.30 -17.23
C ARG A 1165 34.30 -7.22 -17.50
N LEU A 1166 34.45 -8.18 -18.41
CA LEU A 1166 33.35 -9.13 -18.62
C LEU A 1166 33.35 -10.21 -17.55
N ILE A 1167 34.51 -10.81 -17.29
CA ILE A 1167 34.59 -11.83 -16.26
C ILE A 1167 34.36 -11.26 -14.87
N ASN A 1168 34.42 -9.94 -14.72
CA ASN A 1168 34.17 -9.29 -13.44
C ASN A 1168 32.71 -8.84 -13.29
N ARG A 1169 31.92 -8.87 -14.36
CA ARG A 1169 30.49 -8.61 -14.24
C ARG A 1169 29.71 -9.90 -14.02
N LEU A 1170 30.11 -10.98 -14.68
CA LEU A 1170 29.48 -12.28 -14.46
C LEU A 1170 29.86 -12.84 -13.10
N LEU A 1171 31.07 -12.53 -12.64
CA LEU A 1171 31.62 -13.16 -11.44
C LEU A 1171 30.74 -12.89 -10.22
N GLU A 1172 30.67 -11.64 -9.80
CA GLU A 1172 30.05 -11.30 -8.52
C GLU A 1172 28.55 -11.44 -8.51
N ILE A 1173 27.87 -11.94 -9.54
CA ILE A 1173 26.42 -12.17 -9.44
C ILE A 1173 26.27 -13.58 -8.90
N SER A 1174 26.37 -13.70 -7.58
CA SER A 1174 26.30 -14.98 -6.90
C SER A 1174 24.87 -15.52 -6.79
N PRO A 1175 23.87 -14.69 -6.39
CA PRO A 1175 22.51 -15.25 -6.25
C PRO A 1175 21.86 -15.61 -7.58
N TYR A 1176 22.43 -16.38 -8.49
CA TYR A 1176 21.67 -16.89 -9.61
C TYR A 1176 20.63 -17.91 -9.14
N MET A 1177 19.40 -17.80 -9.65
CA MET A 1177 18.24 -18.64 -9.29
C MET A 1177 17.96 -18.69 -7.77
N LEU A 1178 18.15 -17.56 -7.08
CA LEU A 1178 17.84 -17.38 -5.66
C LEU A 1178 16.40 -17.80 -5.31
N ALA A 1184 20.88 -18.85 -2.91
CA ALA A 1184 22.14 -18.16 -2.66
C ALA A 1184 23.30 -19.13 -2.61
N LEU A 1185 23.19 -20.22 -3.37
CA LEU A 1185 24.22 -21.25 -3.44
C LEU A 1185 25.24 -20.83 -4.49
N ARG A 1186 26.47 -20.56 -4.04
CA ARG A 1186 27.51 -20.14 -4.96
C ARG A 1186 27.97 -21.31 -5.83
N PRO A 1187 28.35 -21.06 -7.07
CA PRO A 1187 28.87 -22.11 -7.93
C PRO A 1187 30.37 -22.27 -7.81
N ASN A 1188 30.85 -23.42 -8.26
CA ASN A 1188 32.28 -23.62 -8.42
C ASN A 1188 32.69 -23.12 -9.80
N ARG A 1189 33.79 -22.37 -9.85
CA ARG A 1189 34.22 -21.72 -11.08
C ARG A 1189 35.73 -21.79 -11.20
N MET A 1190 36.20 -22.10 -12.40
CA MET A 1190 37.62 -22.17 -12.71
C MET A 1190 37.84 -21.30 -13.94
N TYR A 1191 38.25 -20.06 -13.72
CA TYR A 1191 38.20 -19.01 -14.73
C TYR A 1191 39.62 -18.59 -15.10
N TRP A 1192 39.99 -18.84 -16.35
CA TRP A 1192 41.22 -18.31 -16.91
C TRP A 1192 40.97 -16.88 -17.38
N ARG A 1193 41.88 -16.36 -18.20
CA ARG A 1193 41.75 -14.98 -18.68
C ARG A 1193 40.44 -14.80 -19.46
N GLN A 1194 40.06 -15.77 -20.27
CA GLN A 1194 38.98 -15.61 -21.24
C GLN A 1194 37.95 -16.72 -21.11
N GLY A 1195 37.52 -17.00 -19.89
CA GLY A 1195 36.44 -17.96 -19.67
C GLY A 1195 36.08 -18.01 -18.20
N ILE A 1196 34.92 -18.58 -17.92
CA ILE A 1196 34.47 -18.71 -16.54
C ILE A 1196 34.15 -20.15 -16.18
N TYR A 1197 33.16 -20.74 -16.84
CA TYR A 1197 32.65 -22.07 -16.52
C TYR A 1197 32.26 -22.17 -15.04
N LEU A 1198 31.17 -21.52 -14.69
CA LEU A 1198 30.53 -21.83 -13.41
C LEU A 1198 29.69 -23.09 -13.53
N ASN A 1199 29.34 -23.63 -12.37
CA ASN A 1199 28.48 -24.80 -12.24
C ASN A 1199 27.85 -24.83 -10.84
N TRP A 1200 26.54 -25.02 -10.77
CA TRP A 1200 25.91 -25.56 -9.58
C TRP A 1200 25.92 -27.08 -9.61
N SER A 1201 25.69 -27.64 -10.80
CA SER A 1201 25.36 -29.05 -10.94
C SER A 1201 25.39 -29.40 -12.42
N PRO A 1202 25.29 -30.68 -12.80
CA PRO A 1202 25.10 -31.00 -14.22
C PRO A 1202 23.77 -30.48 -14.76
N GLU A 1203 22.97 -29.91 -13.86
CA GLU A 1203 21.69 -29.31 -14.21
C GLU A 1203 21.80 -27.80 -14.43
N ALA A 1204 22.92 -27.18 -14.05
CA ALA A 1204 23.08 -25.74 -14.23
C ALA A 1204 24.56 -25.43 -14.33
N TYR A 1205 25.02 -24.92 -15.46
CA TYR A 1205 26.41 -24.51 -15.63
C TYR A 1205 26.47 -23.55 -16.81
N CYS A 1206 27.57 -22.84 -16.92
CA CYS A 1206 27.76 -21.81 -17.94
C CYS A 1206 29.23 -21.69 -18.27
N LEU A 1207 29.55 -21.71 -19.56
CA LEU A 1207 30.92 -21.54 -20.05
C LEU A 1207 30.93 -20.37 -21.03
N VAL A 1208 31.36 -19.21 -20.56
CA VAL A 1208 31.55 -18.04 -21.43
C VAL A 1208 32.98 -18.14 -21.95
N GLY A 1209 33.15 -18.97 -22.98
CA GLY A 1209 34.47 -19.28 -23.48
C GLY A 1209 35.00 -18.22 -24.43
N SER A 1210 36.16 -18.52 -25.00
CA SER A 1210 36.76 -17.64 -26.00
C SER A 1210 37.65 -18.52 -26.88
N GLU A 1211 37.15 -18.88 -28.05
CA GLU A 1211 37.87 -19.73 -28.98
C GLU A 1211 37.94 -19.04 -30.33
N VAL A 1212 38.86 -19.53 -31.17
CA VAL A 1212 38.94 -19.12 -32.56
C VAL A 1212 38.76 -20.37 -33.42
N LEU A 1213 37.75 -20.35 -34.28
CA LEU A 1213 37.54 -21.44 -35.21
C LEU A 1213 38.50 -21.32 -36.39
N ASP A 1214 38.87 -22.47 -36.95
CA ASP A 1214 39.86 -22.48 -38.02
C ASP A 1214 39.34 -21.72 -39.23
N ASN A 1215 40.27 -21.05 -39.92
CA ASN A 1215 39.94 -20.21 -41.08
C ASN A 1215 38.94 -19.12 -40.71
N HIS A 1216 39.17 -18.47 -39.58
CA HIS A 1216 38.33 -17.36 -39.13
C HIS A 1216 39.19 -16.36 -38.38
N PRO A 1217 39.71 -15.34 -39.07
CA PRO A 1217 40.57 -14.36 -38.41
C PRO A 1217 39.85 -13.47 -37.40
N GLU A 1218 38.54 -13.59 -37.26
CA GLU A 1218 37.82 -12.86 -36.22
C GLU A 1218 37.99 -13.59 -34.89
N SER A 1219 37.26 -13.15 -33.88
CA SER A 1219 37.32 -13.76 -32.55
C SER A 1219 35.92 -13.89 -32.00
N PHE A 1220 35.55 -15.09 -31.59
CA PHE A 1220 34.21 -15.39 -31.13
C PHE A 1220 34.15 -15.46 -29.61
N LEU A 1221 32.93 -15.40 -29.08
CA LEU A 1221 32.66 -15.49 -27.64
C LEU A 1221 31.61 -16.58 -27.46
N LYS A 1222 32.04 -17.82 -27.29
CA LYS A 1222 31.13 -18.94 -27.20
C LYS A 1222 30.54 -19.03 -25.80
N ILE A 1223 29.21 -19.09 -25.72
CA ILE A 1223 28.50 -19.35 -24.47
C ILE A 1223 27.70 -20.63 -24.64
N THR A 1224 27.81 -21.52 -23.67
CA THR A 1224 27.08 -22.79 -23.68
C THR A 1224 26.33 -22.92 -22.37
N VAL A 1225 25.04 -23.18 -22.46
CA VAL A 1225 24.22 -23.31 -21.25
C VAL A 1225 23.21 -24.44 -21.45
N PRO A 1226 23.04 -25.34 -20.46
CA PRO A 1226 22.12 -26.47 -20.66
C PRO A 1226 20.70 -25.99 -20.95
N SER A 1227 20.00 -26.71 -21.83
CA SER A 1227 18.66 -26.29 -22.25
C SER A 1227 17.62 -26.55 -21.21
N CYS A 1228 18.01 -26.89 -19.98
CA CYS A 1228 17.05 -27.07 -18.91
C CYS A 1228 16.35 -25.75 -18.59
N ARG A 1229 15.34 -25.89 -17.74
CA ARG A 1229 14.41 -24.85 -17.28
C ARG A 1229 15.15 -23.74 -16.58
N LYS A 1230 16.15 -24.06 -15.76
CA LYS A 1230 16.97 -23.04 -15.10
C LYS A 1230 18.08 -22.53 -16.01
N GLY A 1231 18.49 -23.29 -17.00
CA GLY A 1231 19.54 -22.87 -17.91
C GLY A 1231 19.10 -21.65 -18.69
N CYS A 1232 17.83 -21.57 -19.07
CA CYS A 1232 17.34 -20.39 -19.78
C CYS A 1232 17.46 -19.14 -18.90
N ILE A 1233 17.33 -19.32 -17.59
CA ILE A 1233 17.56 -18.22 -16.66
C ILE A 1233 19.02 -17.80 -16.71
N LEU A 1234 19.92 -18.77 -16.66
CA LEU A 1234 21.35 -18.45 -16.78
C LEU A 1234 21.63 -17.69 -18.07
N LEU A 1235 21.12 -18.20 -19.18
CA LEU A 1235 21.33 -17.61 -20.49
C LEU A 1235 20.92 -16.16 -20.47
N GLY A 1236 19.66 -15.92 -20.13
CA GLY A 1236 19.15 -14.56 -20.15
C GLY A 1236 19.93 -13.62 -19.25
N GLN A 1237 20.26 -14.08 -18.04
CA GLN A 1237 20.93 -13.21 -17.09
C GLN A 1237 22.39 -12.99 -17.46
N VAL A 1238 22.95 -13.83 -18.33
CA VAL A 1238 24.31 -13.61 -18.81
C VAL A 1238 24.31 -12.76 -20.08
N VAL A 1239 23.36 -12.99 -20.99
CA VAL A 1239 23.31 -12.18 -22.20
C VAL A 1239 22.99 -10.74 -21.86
N ASP A 1240 22.17 -10.51 -20.83
CA ASP A 1240 21.91 -9.14 -20.40
C ASP A 1240 23.20 -8.46 -19.96
N HIS A 1241 23.99 -9.13 -19.12
CA HIS A 1241 25.22 -8.54 -18.62
C HIS A 1241 26.29 -8.42 -19.69
N ILE A 1242 26.19 -9.20 -20.77
CA ILE A 1242 27.15 -9.06 -21.87
C ILE A 1242 26.73 -8.01 -22.88
N ASP A 1243 25.43 -7.72 -22.99
CA ASP A 1243 24.95 -6.73 -23.93
C ASP A 1243 24.92 -5.33 -23.33
N SER A 1244 24.41 -5.21 -22.10
CA SER A 1244 24.39 -3.91 -21.43
C SER A 1244 25.78 -3.31 -21.33
N LEU A 1245 26.80 -4.15 -21.12
CA LEU A 1245 28.17 -3.64 -21.11
C LEU A 1245 28.53 -3.03 -22.45
N MET A 1246 28.28 -3.76 -23.53
CA MET A 1246 28.74 -3.33 -24.85
C MET A 1246 28.17 -1.97 -25.23
N GLU A 1247 26.94 -1.68 -24.83
CA GLU A 1247 26.35 -0.37 -25.11
C GLU A 1247 26.66 0.66 -24.04
N GLU A 1248 27.25 0.25 -22.92
CA GLU A 1248 27.62 1.21 -21.88
C GLU A 1248 29.05 1.72 -22.07
N TRP A 1249 29.94 0.88 -22.59
CA TRP A 1249 31.33 1.27 -22.76
C TRP A 1249 31.78 1.37 -24.20
N PHE A 1250 31.20 0.57 -25.10
CA PHE A 1250 31.67 0.46 -26.47
C PHE A 1250 30.54 0.76 -27.44
N PRO A 1251 30.04 2.00 -27.47
CA PRO A 1251 28.92 2.32 -28.36
C PRO A 1251 29.28 2.35 -29.82
N GLY A 1252 30.56 2.19 -30.16
CA GLY A 1252 30.96 2.17 -31.55
C GLY A 1252 30.68 0.84 -32.21
N LEU A 1253 30.87 -0.25 -31.47
CA LEU A 1253 30.63 -1.59 -32.01
C LEU A 1253 29.16 -1.74 -32.39
N LEU A 1254 28.27 -1.70 -31.40
CA LEU A 1254 26.84 -1.86 -31.66
C LEU A 1254 26.24 -0.57 -32.22
N GLU A 1255 26.90 -0.05 -33.24
CA GLU A 1255 26.47 1.14 -33.96
C GLU A 1255 26.37 0.76 -35.43
N ILE A 1256 25.14 0.53 -35.90
CA ILE A 1256 24.94 0.09 -37.27
C ILE A 1256 25.33 1.22 -38.21
N ASP A 1257 26.42 1.01 -38.96
CA ASP A 1257 26.92 2.01 -39.90
C ASP A 1257 26.16 1.85 -41.21
N ILE A 1258 25.13 2.68 -41.38
CA ILE A 1258 24.37 2.66 -42.63
C ILE A 1258 25.27 3.02 -43.81
N CYS A 1259 26.27 3.87 -43.58
CA CYS A 1259 27.32 4.07 -44.57
C CYS A 1259 28.02 2.75 -44.83
N GLY A 1260 28.01 2.32 -46.10
CA GLY A 1260 28.40 0.97 -46.42
C GLY A 1260 27.24 0.01 -46.23
N GLU A 1261 27.31 -0.85 -45.23
CA GLU A 1261 26.22 -1.76 -44.92
C GLU A 1261 26.17 -1.98 -43.42
N GLY A 1262 25.07 -2.59 -42.97
CA GLY A 1262 24.87 -2.83 -41.56
C GLY A 1262 25.72 -3.95 -41.01
N GLU A 1263 27.03 -3.74 -40.99
CA GLU A 1263 27.94 -4.76 -40.44
C GLU A 1263 27.75 -4.90 -38.94
N THR A 1264 27.73 -3.77 -38.23
CA THR A 1264 27.49 -3.69 -36.78
C THR A 1264 28.65 -4.30 -36.00
N LEU A 1265 29.62 -4.89 -36.69
CA LEU A 1265 30.88 -5.32 -36.10
C LEU A 1265 30.67 -6.32 -34.97
N LEU A 1266 29.42 -6.67 -34.68
CA LEU A 1266 29.07 -7.55 -33.57
C LEU A 1266 27.92 -8.42 -34.06
N LYS A 1267 28.26 -9.54 -34.69
CA LYS A 1267 27.27 -10.40 -35.34
C LYS A 1267 26.94 -11.52 -34.37
N LYS A 1268 26.00 -11.24 -33.47
CA LYS A 1268 25.62 -12.20 -32.44
C LYS A 1268 24.82 -13.34 -33.08
N TRP A 1269 25.49 -14.46 -33.30
CA TRP A 1269 24.85 -15.62 -33.92
C TRP A 1269 23.99 -16.37 -32.92
N ALA A 1270 23.19 -17.29 -33.45
CA ALA A 1270 22.52 -18.31 -32.66
C ALA A 1270 22.68 -19.64 -33.39
N LEU A 1271 22.95 -20.69 -32.64
CA LEU A 1271 23.27 -21.99 -33.19
C LEU A 1271 22.12 -22.97 -32.92
N TYR A 1272 21.54 -23.51 -33.99
CA TYR A 1272 20.45 -24.46 -33.85
C TYR A 1272 20.65 -25.60 -34.84
N SER A 1273 20.17 -26.78 -34.47
CA SER A 1273 20.37 -27.99 -35.27
C SER A 1273 19.09 -28.82 -35.27
N PHE A 1274 18.63 -29.17 -36.47
CA PHE A 1274 17.44 -30.02 -36.60
C PHE A 1274 17.72 -31.44 -36.12
N ASN A 1275 18.82 -32.03 -36.56
CA ASN A 1275 19.14 -33.41 -36.26
C ASN A 1275 19.52 -33.51 -34.79
N ASP A 1276 18.55 -33.93 -33.96
CA ASP A 1276 18.76 -33.96 -32.52
C ASP A 1276 19.90 -34.90 -32.16
N GLY A 1277 21.03 -34.33 -31.77
CA GLY A 1277 22.23 -35.12 -31.53
C GLY A 1277 22.88 -35.53 -32.83
N GLU A 1278 24.20 -35.52 -32.87
CA GLU A 1278 24.97 -35.95 -34.05
C GLU A 1278 24.52 -35.20 -35.31
N GLU A 1279 24.19 -33.91 -35.16
CA GLU A 1279 23.81 -33.10 -36.30
C GLU A 1279 24.98 -32.87 -37.26
N HIS A 1280 26.21 -33.13 -36.81
CA HIS A 1280 27.42 -33.05 -37.63
C HIS A 1280 27.76 -31.61 -38.03
N GLN A 1281 26.88 -30.67 -37.66
CA GLN A 1281 27.09 -29.26 -37.92
C GLN A 1281 26.00 -28.48 -37.21
N LYS A 1282 26.38 -27.35 -36.61
CA LYS A 1282 25.42 -26.45 -35.98
C LYS A 1282 25.10 -25.35 -36.99
N ILE A 1283 23.81 -25.11 -37.19
CA ILE A 1283 23.36 -24.17 -38.22
C ILE A 1283 23.28 -22.77 -37.62
N LEU A 1284 23.93 -21.83 -38.29
CA LEU A 1284 23.97 -20.43 -37.88
C LEU A 1284 22.61 -19.78 -38.07
N LEU A 1285 22.39 -18.69 -37.34
CA LEU A 1285 21.28 -17.79 -37.65
C LEU A 1285 21.55 -16.45 -37.00
N ASP A 1286 21.63 -15.40 -37.80
CA ASP A 1286 21.84 -14.07 -37.25
C ASP A 1286 20.70 -13.71 -36.31
N ASP A 1287 21.04 -13.17 -35.14
CA ASP A 1287 20.04 -12.96 -34.10
C ASP A 1287 18.98 -11.96 -34.53
N LEU A 1288 19.38 -10.92 -35.26
CA LEU A 1288 18.41 -9.94 -35.73
C LEU A 1288 17.38 -10.58 -36.64
N MET A 1289 17.82 -11.36 -37.63
CA MET A 1289 16.89 -11.99 -38.56
C MET A 1289 15.97 -12.98 -37.86
N LYS A 1290 16.53 -13.68 -36.88
CA LYS A 1290 15.77 -14.56 -36.02
C LYS A 1290 14.74 -13.75 -35.24
N LYS A 1291 15.10 -12.56 -34.76
CA LYS A 1291 14.17 -11.66 -34.06
C LYS A 1291 13.05 -11.22 -35.00
N ALA A 1292 13.30 -11.15 -36.30
CA ALA A 1292 12.26 -10.87 -37.29
C ALA A 1292 11.29 -12.02 -37.40
N GLU A 1293 11.73 -13.24 -37.06
CA GLU A 1293 10.83 -14.39 -37.00
C GLU A 1293 10.11 -14.41 -35.67
N GLU A 1294 9.46 -13.30 -35.31
CA GLU A 1294 8.68 -13.22 -34.09
C GLU A 1294 7.18 -13.36 -34.32
N GLY A 1295 6.73 -13.17 -35.57
CA GLY A 1295 5.34 -13.42 -35.89
C GLY A 1295 4.91 -14.85 -35.66
N ASP A 1296 5.86 -15.77 -35.59
CA ASP A 1296 5.64 -17.16 -35.22
C ASP A 1296 6.39 -17.45 -33.93
N LEU A 1297 6.40 -18.72 -33.53
CA LEU A 1297 7.13 -19.14 -32.35
C LEU A 1297 8.09 -20.30 -32.63
N LEU A 1298 8.00 -20.97 -33.80
CA LEU A 1298 8.78 -22.16 -34.25
C LEU A 1298 9.58 -21.85 -35.54
N VAL A 1299 10.89 -22.14 -35.59
CA VAL A 1299 11.72 -21.93 -36.78
C VAL A 1299 11.73 -23.23 -37.57
N ASN A 1300 11.90 -23.10 -38.89
CA ASN A 1300 11.95 -24.28 -39.76
C ASN A 1300 12.68 -23.93 -41.03
N PRO A 1301 13.44 -24.85 -41.61
CA PRO A 1301 14.20 -24.55 -42.82
C PRO A 1301 13.33 -24.52 -44.06
N ASP A 1302 13.98 -24.46 -45.23
CA ASP A 1302 13.25 -24.57 -46.49
C ASP A 1302 12.48 -25.88 -46.58
N GLN A 1303 12.90 -26.89 -45.83
CA GLN A 1303 12.23 -28.18 -45.73
C GLN A 1303 11.31 -28.16 -44.52
N PRO A 1304 9.99 -28.05 -44.72
CA PRO A 1304 9.09 -27.65 -43.63
C PRO A 1304 8.45 -28.78 -42.83
N ARG A 1305 8.85 -30.03 -43.00
CA ARG A 1305 8.19 -31.09 -42.23
C ARG A 1305 8.64 -31.07 -40.77
N LEU A 1306 9.91 -30.80 -40.52
CA LEU A 1306 10.48 -30.77 -39.19
C LEU A 1306 10.84 -29.34 -38.80
N THR A 1307 10.82 -29.06 -37.51
CA THR A 1307 10.94 -27.69 -37.03
C THR A 1307 11.45 -27.68 -35.60
N ILE A 1308 11.94 -26.55 -35.13
CA ILE A 1308 12.30 -26.41 -33.75
C ILE A 1308 11.52 -25.24 -33.19
N PRO A 1309 10.75 -25.41 -32.13
CA PRO A 1309 10.29 -24.29 -31.37
C PRO A 1309 11.38 -23.26 -31.15
N ILE A 1310 11.07 -22.00 -31.37
CA ILE A 1310 11.91 -20.91 -30.92
C ILE A 1310 12.02 -21.02 -29.40
N SER A 1311 10.97 -21.54 -28.77
CA SER A 1311 10.96 -21.91 -27.36
C SER A 1311 11.96 -23.01 -27.01
N GLN A 1312 12.68 -23.54 -27.98
CA GLN A 1312 13.68 -24.56 -27.75
C GLN A 1312 15.08 -24.05 -28.10
N ILE A 1313 15.22 -22.98 -28.89
CA ILE A 1313 16.56 -22.47 -29.26
C ILE A 1313 16.89 -21.10 -28.69
N ALA A 1314 15.91 -20.37 -28.16
CA ALA A 1314 16.09 -19.08 -27.49
C ALA A 1314 14.87 -18.87 -26.57
N PRO A 1315 14.86 -19.61 -25.45
CA PRO A 1315 13.79 -19.55 -24.49
C PRO A 1315 13.72 -18.23 -23.72
N ASP A 1316 14.68 -17.33 -23.94
CA ASP A 1316 14.78 -16.04 -23.28
C ASP A 1316 13.94 -14.96 -23.99
N LEU A 1317 13.96 -14.87 -25.31
CA LEU A 1317 13.05 -14.00 -26.06
C LEU A 1317 11.61 -14.42 -25.77
N ILE A 1318 11.45 -15.72 -25.88
CA ILE A 1318 10.29 -16.52 -25.60
C ILE A 1318 9.69 -16.26 -24.21
N LEU A 1319 8.36 -16.32 -24.16
CA LEU A 1319 7.52 -16.00 -23.01
C LEU A 1319 7.57 -17.01 -21.82
N ALA A 1320 8.00 -18.26 -22.02
CA ALA A 1320 7.69 -19.35 -21.08
C ALA A 1320 8.47 -19.41 -19.74
N ASP A 1321 9.45 -18.53 -19.51
CA ASP A 1321 10.43 -18.62 -18.39
C ASP A 1321 9.89 -18.35 -16.98
N LEU A 1322 9.02 -17.35 -16.83
CA LEU A 1322 8.26 -17.17 -15.59
C LEU A 1322 7.21 -18.30 -15.52
N PRO A 1323 6.38 -18.41 -14.47
CA PRO A 1323 5.37 -19.46 -14.42
C PRO A 1323 4.59 -19.52 -15.73
N ARG A 1324 4.52 -20.71 -16.33
CA ARG A 1324 4.13 -20.87 -17.74
C ARG A 1324 2.71 -20.39 -18.03
N ASN A 1325 1.90 -20.28 -16.98
CA ASN A 1325 0.49 -19.92 -17.01
C ASN A 1325 0.23 -18.49 -17.56
N ILE A 1326 1.27 -17.65 -17.61
CA ILE A 1326 1.30 -16.24 -18.06
C ILE A 1326 1.00 -16.04 -19.55
N MET A 1327 1.05 -17.11 -20.34
CA MET A 1327 0.92 -17.04 -21.79
C MET A 1327 -0.45 -16.52 -22.24
N LEU A 1328 -0.42 -15.43 -23.00
CA LEU A 1328 -1.51 -15.08 -23.92
C LEU A 1328 -1.38 -15.89 -25.21
N ASN A 1329 -2.24 -16.90 -25.41
CA ASN A 1329 -2.55 -17.23 -26.80
C ASN A 1329 -3.35 -16.05 -27.37
N ASN A 1330 -3.16 -15.73 -28.65
CA ASN A 1330 -3.91 -14.69 -29.33
C ASN A 1330 -5.29 -15.18 -29.84
N ASP A 1331 -5.90 -16.18 -29.18
CA ASP A 1331 -7.09 -16.87 -29.68
C ASP A 1331 -8.38 -16.19 -29.20
N GLU A 1332 -8.78 -16.39 -27.96
CA GLU A 1332 -10.08 -15.95 -27.41
C GLU A 1332 -10.13 -14.47 -27.01
N LEU A 1333 -9.38 -13.64 -27.76
CA LEU A 1333 -9.25 -12.21 -27.60
C LEU A 1333 -10.58 -11.46 -27.70
N GLU A 1334 -10.66 -10.37 -26.95
CA GLU A 1334 -11.80 -9.47 -27.01
C GLU A 1334 -11.28 -8.12 -26.54
N PHE A 1335 -11.30 -7.13 -27.41
CA PHE A 1335 -10.66 -5.84 -27.10
C PHE A 1335 -11.08 -4.66 -27.98
N GLU A 1336 -10.77 -3.46 -27.48
CA GLU A 1336 -10.98 -2.15 -28.08
C GLU A 1336 -9.92 -1.17 -27.54
N GLN A 1337 -9.62 -0.09 -28.26
CA GLN A 1337 -8.60 0.90 -27.86
C GLN A 1337 -9.02 2.37 -28.02
N ALA A 1338 -10.31 2.63 -28.25
CA ALA A 1338 -10.80 4.00 -28.34
C ALA A 1338 -10.54 4.72 -26.99
N PRO A 1339 -10.58 6.06 -26.95
CA PRO A 1339 -10.29 6.81 -25.72
C PRO A 1339 -11.22 6.59 -24.51
N GLU A 1340 -12.22 5.72 -24.56
CA GLU A 1340 -12.89 5.24 -23.34
C GLU A 1340 -12.23 3.99 -22.71
N PHE A 1341 -11.43 3.25 -23.49
CA PHE A 1341 -10.93 1.94 -23.08
C PHE A 1341 -9.63 2.01 -22.31
N LEU A 1342 -8.86 3.09 -22.39
CA LEU A 1342 -7.77 3.26 -21.44
C LEU A 1342 -8.32 3.63 -20.08
N LEU A 1343 -7.59 3.26 -19.04
CA LEU A 1343 -8.00 3.57 -17.68
C LEU A 1343 -7.14 4.67 -17.06
N GLY A 1344 -5.91 4.84 -17.55
CA GLY A 1344 -5.03 5.86 -17.02
C GLY A 1344 -3.67 5.75 -17.65
N ASP A 1345 -2.81 6.70 -17.30
CA ASP A 1345 -1.44 6.75 -17.79
C ASP A 1345 -0.47 6.60 -16.62
N GLY A 1346 0.70 6.05 -16.91
CA GLY A 1346 1.70 5.89 -15.86
C GLY A 1346 3.01 5.29 -16.31
N SER A 1347 4.12 5.86 -15.82
CA SER A 1347 5.50 5.43 -16.11
C SER A 1347 5.73 5.22 -17.60
N PHE A 1348 6.31 4.09 -18.00
CA PHE A 1348 6.72 3.84 -19.37
C PHE A 1348 5.59 3.22 -20.19
N GLY A 1349 4.46 3.90 -20.31
CA GLY A 1349 3.35 3.41 -21.09
C GLY A 1349 2.03 3.77 -20.45
N SER A 1350 0.98 3.08 -20.90
CA SER A 1350 -0.38 3.29 -20.41
C SER A 1350 -1.06 1.95 -20.17
N VAL A 1351 -2.28 2.01 -19.63
CA VAL A 1351 -3.07 0.82 -19.32
C VAL A 1351 -4.46 0.98 -19.93
N TYR A 1352 -4.98 -0.09 -20.49
CA TYR A 1352 -6.30 -0.11 -21.12
C TYR A 1352 -7.14 -1.22 -20.51
N ARG A 1353 -8.33 -1.47 -21.07
CA ARG A 1353 -9.26 -2.54 -20.71
C ARG A 1353 -9.66 -3.38 -21.91
N ALA A 1354 -9.84 -4.68 -21.69
CA ALA A 1354 -10.14 -5.68 -22.71
C ALA A 1354 -10.79 -6.91 -22.05
N ALA A 1355 -10.92 -8.10 -22.65
CA ALA A 1355 -11.65 -9.19 -21.96
C ALA A 1355 -11.02 -10.58 -22.11
N TYR A 1356 -10.62 -10.99 -23.31
CA TYR A 1356 -10.19 -12.38 -23.59
C TYR A 1356 -11.30 -13.37 -23.19
N GLU A 1357 -10.95 -14.50 -22.59
CA GLU A 1357 -11.87 -15.39 -21.89
C GLU A 1357 -12.52 -14.75 -20.66
N GLY A 1358 -11.87 -13.75 -20.07
CA GLY A 1358 -12.42 -12.91 -19.01
C GLY A 1358 -13.45 -11.91 -19.54
N GLU A 1359 -13.78 -10.93 -18.71
CA GLU A 1359 -14.89 -10.00 -18.94
C GLU A 1359 -14.42 -8.56 -19.15
N GLU A 1360 -13.37 -8.17 -18.42
CA GLU A 1360 -13.08 -6.77 -18.10
C GLU A 1360 -11.59 -6.43 -18.05
N VAL A 1361 -10.76 -7.47 -18.08
CA VAL A 1361 -9.36 -7.49 -17.65
C VAL A 1361 -8.51 -6.38 -18.29
N ALA A 1362 -7.70 -5.69 -17.48
CA ALA A 1362 -6.92 -4.53 -17.90
C ALA A 1362 -5.73 -4.94 -18.79
N VAL A 1363 -5.36 -4.13 -19.79
CA VAL A 1363 -4.18 -4.37 -20.61
C VAL A 1363 -3.26 -3.16 -20.52
N LYS A 1364 -2.01 -3.39 -20.16
CA LYS A 1364 -1.01 -2.33 -20.12
C LYS A 1364 -0.26 -2.32 -21.44
N ILE A 1365 -0.62 -1.39 -22.32
CA ILE A 1365 0.06 -1.27 -23.61
C ILE A 1365 1.28 -0.37 -23.43
N PHE A 1366 2.27 -0.52 -24.31
CA PHE A 1366 3.53 0.19 -24.26
C PHE A 1366 3.81 1.14 -25.44
N ASN A 1367 4.65 2.16 -25.22
CA ASN A 1367 4.89 3.25 -26.16
C ASN A 1367 5.45 2.75 -27.51
N HIS A 1369 9.27 3.06 -29.32
CA HIS A 1369 9.75 3.84 -28.16
C HIS A 1369 10.30 2.97 -27.02
N THR A 1370 9.54 2.02 -26.46
CA THR A 1370 10.06 1.10 -25.45
C THR A 1370 10.92 0.02 -26.10
N SER A 1371 11.37 -0.96 -25.32
CA SER A 1371 12.23 -2.00 -25.83
C SER A 1371 12.03 -3.26 -24.99
N LEU A 1372 12.41 -4.40 -25.58
CA LEU A 1372 12.35 -5.70 -24.90
C LEU A 1372 13.50 -5.89 -23.93
N ARG A 1373 14.36 -4.88 -23.79
CA ARG A 1373 15.23 -4.81 -22.63
C ARG A 1373 14.31 -4.52 -21.46
N LEU A 1374 13.67 -3.37 -21.53
CA LEU A 1374 12.88 -2.80 -20.46
C LEU A 1374 11.81 -3.78 -20.06
N LEU A 1375 11.07 -4.26 -21.06
CA LEU A 1375 10.02 -5.22 -20.81
C LEU A 1375 10.56 -6.48 -20.14
N ARG A 1376 11.77 -6.93 -20.46
CA ARG A 1376 12.32 -8.08 -19.77
C ARG A 1376 12.54 -7.83 -18.29
N GLN A 1377 13.00 -6.63 -17.92
CA GLN A 1377 13.08 -6.24 -16.51
C GLN A 1377 11.71 -6.35 -15.88
N GLU A 1378 10.75 -5.71 -16.51
CA GLU A 1378 9.43 -5.56 -15.94
C GLU A 1378 8.76 -6.92 -15.79
N LEU A 1379 8.91 -7.76 -16.81
CA LEU A 1379 8.43 -9.13 -16.81
C LEU A 1379 8.88 -9.84 -15.55
N VAL A 1380 10.20 -9.95 -15.38
CA VAL A 1380 10.69 -10.68 -14.23
C VAL A 1380 10.26 -9.99 -12.95
N VAL A 1381 10.48 -8.68 -12.84
CA VAL A 1381 10.48 -8.02 -11.55
C VAL A 1381 9.09 -7.89 -10.96
N LEU A 1382 8.07 -7.67 -11.80
CA LEU A 1382 6.69 -7.57 -11.34
C LEU A 1382 6.08 -8.97 -11.15
N CYS A 1383 6.57 -9.97 -11.89
CA CYS A 1383 6.22 -11.35 -11.63
C CYS A 1383 6.97 -11.86 -10.40
N HIS A 1384 6.72 -13.12 -10.06
CA HIS A 1384 7.33 -13.81 -8.90
C HIS A 1384 7.10 -13.03 -7.61
N LEU A 1385 6.11 -12.14 -7.60
CA LEU A 1385 5.76 -11.37 -6.42
C LEU A 1385 4.25 -11.44 -6.23
N HIS A 1386 3.80 -12.29 -5.31
CA HIS A 1386 2.39 -12.48 -5.04
C HIS A 1386 2.08 -11.94 -3.65
N HIS A 1387 1.14 -11.01 -3.57
CA HIS A 1387 0.75 -10.41 -2.30
C HIS A 1387 -0.65 -9.86 -2.43
N PRO A 1388 -1.45 -9.88 -1.35
CA PRO A 1388 -2.80 -9.31 -1.44
C PRO A 1388 -2.83 -7.84 -1.81
N SER A 1389 -1.88 -7.03 -1.33
CA SER A 1389 -1.84 -5.60 -1.67
C SER A 1389 -1.17 -5.31 -3.01
N LEU A 1390 -0.59 -6.32 -3.69
CA LEU A 1390 0.03 -6.10 -4.99
C LEU A 1390 -0.98 -6.35 -6.10
N ILE A 1391 -0.88 -5.58 -7.17
CA ILE A 1391 -1.77 -5.72 -8.31
C ILE A 1391 -1.22 -6.80 -9.24
N SER A 1392 -1.61 -8.04 -8.98
CA SER A 1392 -1.07 -9.17 -9.73
C SER A 1392 -1.50 -9.11 -11.19
N LEU A 1393 -0.60 -9.51 -12.08
CA LEU A 1393 -0.87 -9.56 -13.51
C LEU A 1393 -1.24 -10.99 -13.92
N LEU A 1394 -1.99 -11.12 -15.00
CA LEU A 1394 -2.50 -12.41 -15.43
C LEU A 1394 -1.72 -12.97 -16.62
N ALA A 1395 -1.32 -12.13 -17.58
CA ALA A 1395 -0.66 -12.64 -18.75
C ALA A 1395 0.18 -11.56 -19.43
N ALA A 1396 1.03 -11.95 -20.37
CA ALA A 1396 1.80 -11.11 -21.16
C ALA A 1396 1.66 -11.41 -22.63
N GLY A 1397 1.81 -10.45 -23.54
CA GLY A 1397 1.68 -10.67 -24.98
C GLY A 1397 2.83 -10.09 -25.78
N ILE A 1398 3.66 -10.96 -26.35
CA ILE A 1398 4.84 -10.60 -27.14
C ILE A 1398 4.43 -9.88 -28.41
N ARG A 1399 3.66 -10.56 -29.27
CA ARG A 1399 3.13 -9.99 -30.51
C ARG A 1399 2.44 -8.66 -30.25
N PRO A 1400 1.48 -8.56 -29.33
CA PRO A 1400 0.83 -7.28 -29.04
C PRO A 1400 1.68 -6.33 -28.18
N ARG A 1401 2.91 -6.72 -27.81
CA ARG A 1401 3.88 -5.95 -27.02
C ARG A 1401 3.34 -5.33 -25.75
N MET A 1402 2.50 -6.07 -25.02
CA MET A 1402 1.76 -5.53 -23.90
C MET A 1402 1.30 -6.58 -22.91
N LEU A 1403 0.90 -6.13 -21.72
CA LEU A 1403 0.72 -6.97 -20.53
C LEU A 1403 -0.70 -6.89 -20.01
N VAL A 1404 -1.10 -7.75 -19.05
CA VAL A 1404 -2.51 -7.95 -18.62
C VAL A 1404 -2.72 -8.04 -17.11
N MET A 1405 -3.68 -7.32 -16.54
CA MET A 1405 -3.82 -7.06 -15.10
C MET A 1405 -5.27 -7.09 -14.60
N GLU A 1406 -5.41 -7.28 -13.29
CA GLU A 1406 -6.68 -7.16 -12.57
C GLU A 1406 -7.39 -5.83 -12.89
N LEU A 1407 -8.71 -5.84 -13.09
CA LEU A 1407 -9.48 -4.61 -13.26
C LEU A 1407 -9.93 -4.05 -11.89
N ALA A 1408 -9.43 -2.88 -11.48
CA ALA A 1408 -9.73 -2.25 -10.20
C ALA A 1408 -11.17 -1.68 -10.18
N SER A 1409 -12.05 -2.22 -9.35
CA SER A 1409 -13.46 -2.19 -9.73
C SER A 1409 -14.09 -0.83 -9.49
N LYS A 1410 -13.74 -0.18 -8.39
CA LYS A 1410 -14.35 1.09 -8.02
C LYS A 1410 -13.49 2.30 -8.37
N GLY A 1411 -12.43 2.10 -9.16
CA GLY A 1411 -11.62 3.21 -9.62
C GLY A 1411 -10.36 3.39 -8.82
N SER A 1412 -9.67 4.50 -9.11
CA SER A 1412 -8.40 4.81 -8.47
C SER A 1412 -8.61 5.85 -7.39
N LEU A 1413 -7.64 5.94 -6.46
CA LEU A 1413 -7.79 6.73 -5.25
C LEU A 1413 -7.92 8.23 -5.55
N ASP A 1414 -7.26 8.69 -6.61
CA ASP A 1414 -7.41 10.05 -7.08
C ASP A 1414 -8.87 10.30 -7.48
N ARG A 1415 -9.48 9.43 -8.29
CA ARG A 1415 -10.88 9.52 -8.69
C ARG A 1415 -11.78 9.53 -7.47
N LEU A 1416 -11.47 8.67 -6.51
CA LEU A 1416 -12.27 8.56 -5.29
C LEU A 1416 -12.27 9.88 -4.52
N LEU A 1417 -11.09 10.48 -4.34
CA LEU A 1417 -10.97 11.81 -3.74
C LEU A 1417 -11.66 12.89 -4.55
N GLN A 1418 -11.59 12.83 -5.88
CA GLN A 1418 -12.15 13.85 -6.76
C GLN A 1418 -13.68 13.93 -6.64
N GLN A 1419 -14.34 12.87 -6.20
CA GLN A 1419 -15.77 12.69 -6.45
C GLN A 1419 -16.56 12.31 -5.20
N ASP A 1420 -16.07 11.34 -4.44
CA ASP A 1420 -16.92 10.49 -3.60
C ASP A 1420 -16.84 10.79 -2.11
N LYS A 1421 -16.49 12.03 -1.76
CA LYS A 1421 -16.14 12.46 -0.40
C LYS A 1421 -17.21 12.21 0.66
N ALA A 1422 -18.45 11.96 0.27
CA ALA A 1422 -19.51 11.49 1.15
C ALA A 1422 -19.29 10.09 1.74
N SER A 1423 -18.34 9.32 1.23
CA SER A 1423 -18.29 7.86 1.40
C SER A 1423 -16.96 7.25 1.87
N LEU A 1424 -16.10 8.14 2.34
CA LEU A 1424 -14.81 7.84 2.94
C LEU A 1424 -14.91 7.78 4.48
N THR A 1425 -15.31 6.65 5.08
CA THR A 1425 -15.35 6.47 6.55
C THR A 1425 -13.95 6.41 7.15
N ARG A 1426 -13.72 6.82 8.40
CA ARG A 1426 -12.37 6.77 8.98
C ARG A 1426 -11.80 5.37 8.96
N THR A 1427 -12.62 4.39 9.30
CA THR A 1427 -12.35 2.97 9.13
C THR A 1427 -11.83 2.62 7.75
N LEU A 1428 -12.47 3.20 6.75
CA LEU A 1428 -12.20 2.91 5.37
C LEU A 1428 -10.85 3.52 4.98
N GLN A 1429 -10.66 4.78 5.31
CA GLN A 1429 -9.36 5.44 5.20
C GLN A 1429 -8.27 4.64 5.89
N HIS A 1430 -8.57 4.16 7.11
CA HIS A 1430 -7.59 3.35 7.83
C HIS A 1430 -7.34 2.03 7.12
N ARG A 1431 -8.35 1.43 6.52
CA ARG A 1431 -8.16 0.19 5.79
C ARG A 1431 -7.24 0.40 4.62
N ILE A 1432 -7.52 1.45 3.85
CA ILE A 1432 -6.68 1.75 2.69
C ILE A 1432 -5.24 1.98 3.14
N ALA A 1433 -5.05 2.76 4.21
CA ALA A 1433 -3.71 3.02 4.71
C ALA A 1433 -3.02 1.73 5.15
N LEU A 1434 -3.76 0.85 5.81
CA LEU A 1434 -3.22 -0.39 6.31
C LEU A 1434 -2.85 -1.34 5.18
N HIS A 1435 -3.75 -1.50 4.22
CA HIS A 1435 -3.48 -2.27 3.02
C HIS A 1435 -2.22 -1.80 2.34
N VAL A 1436 -2.06 -0.48 2.25
CA VAL A 1436 -0.94 0.13 1.59
C VAL A 1436 0.34 -0.07 2.39
N ALA A 1437 0.28 0.19 3.69
CA ALA A 1437 1.38 -0.09 4.59
C ALA A 1437 1.88 -1.52 4.39
N ASP A 1438 0.96 -2.44 4.13
CA ASP A 1438 1.33 -3.85 4.01
C ASP A 1438 2.04 -4.11 2.68
N GLY A 1439 1.52 -3.54 1.61
CA GLY A 1439 2.16 -3.66 0.31
C GLY A 1439 3.58 -3.11 0.36
N LEU A 1440 3.74 -1.92 0.92
CA LEU A 1440 5.06 -1.29 1.01
C LEU A 1440 6.00 -2.13 1.87
N ARG A 1441 5.47 -2.74 2.93
CA ARG A 1441 6.26 -3.65 3.76
C ARG A 1441 6.76 -4.83 2.95
N TYR A 1442 5.88 -5.43 2.14
CA TYR A 1442 6.31 -6.54 1.31
C TYR A 1442 7.36 -6.09 0.29
N LEU A 1443 7.18 -4.89 -0.27
CA LEU A 1443 8.16 -4.37 -1.22
C LEU A 1443 9.53 -4.20 -0.57
N HIS A 1444 9.59 -3.86 0.73
CA HIS A 1444 10.85 -3.96 1.47
C HIS A 1444 11.20 -5.35 1.97
N SER A 1445 10.24 -6.29 2.08
CA SER A 1445 10.57 -7.71 2.19
C SER A 1445 11.28 -8.19 0.92
N ALA A 1446 10.85 -7.68 -0.22
CA ALA A 1446 11.47 -7.74 -1.52
C ALA A 1446 12.57 -6.68 -1.71
N MET A 1447 13.07 -6.12 -0.60
CA MET A 1447 14.26 -5.28 -0.51
C MET A 1447 14.34 -4.11 -1.49
N ILE A 1448 13.21 -3.57 -1.96
CA ILE A 1448 13.20 -2.63 -3.09
C ILE A 1448 12.34 -1.39 -2.87
N ILE A 1449 12.69 -0.29 -3.53
CA ILE A 1449 11.84 0.92 -3.62
C ILE A 1449 10.64 0.77 -4.59
N TYR A 1450 9.51 1.39 -4.24
CA TYR A 1450 8.35 1.63 -5.12
C TYR A 1450 8.66 2.74 -6.12
N ARG A 1451 9.15 3.85 -5.57
CA ARG A 1451 9.34 5.19 -6.17
C ARG A 1451 8.14 5.74 -6.96
N ASP A 1452 6.91 5.35 -6.61
CA ASP A 1452 5.69 5.87 -7.26
C ASP A 1452 4.39 5.86 -6.40
N LEU A 1453 4.39 6.64 -5.31
CA LEU A 1453 3.37 6.57 -4.27
C LEU A 1453 2.54 7.87 -4.19
N LYS A 1454 1.22 7.83 -4.47
CA LYS A 1454 0.37 8.99 -4.67
C LYS A 1454 -1.06 8.51 -4.94
N PRO A 1455 -2.10 9.34 -4.81
CA PRO A 1455 -3.49 8.93 -5.09
C PRO A 1455 -3.68 8.39 -6.48
N HIS A 1456 -2.88 8.87 -7.43
CA HIS A 1456 -3.03 8.37 -8.80
C HIS A 1456 -2.59 6.91 -8.91
N ASN A 1457 -1.78 6.44 -7.96
CA ASN A 1457 -1.17 5.13 -8.09
C ASN A 1457 -1.83 4.08 -7.21
N VAL A 1458 -2.67 4.47 -6.25
CA VAL A 1458 -3.35 3.51 -5.40
C VAL A 1458 -4.70 3.16 -6.02
N LEU A 1459 -5.02 1.87 -6.06
CA LEU A 1459 -6.22 1.37 -6.70
C LEU A 1459 -7.16 0.76 -5.66
N LEU A 1460 -8.46 1.04 -5.79
CA LEU A 1460 -9.47 0.52 -4.89
C LEU A 1460 -10.31 -0.53 -5.61
N PHE A 1461 -10.59 -1.64 -4.93
CA PHE A 1461 -11.39 -2.71 -5.48
C PHE A 1461 -12.85 -2.67 -5.01
N THR A 1462 -13.07 -2.70 -3.69
CA THR A 1462 -14.41 -2.66 -3.14
C THR A 1462 -14.50 -1.55 -2.10
N LEU A 1463 -15.68 -0.92 -2.04
CA LEU A 1463 -15.96 0.12 -1.06
C LEU A 1463 -16.61 -0.44 0.20
N TYR A 1464 -16.51 -1.74 0.43
CA TYR A 1464 -17.04 -2.38 1.62
C TYR A 1464 -15.99 -2.31 2.72
N PRO A 1465 -16.26 -1.57 3.81
CA PRO A 1465 -15.23 -1.33 4.82
C PRO A 1465 -14.50 -2.58 5.32
N ASN A 1466 -15.23 -3.55 5.85
CA ASN A 1466 -14.62 -4.72 6.45
C ASN A 1466 -14.44 -5.85 5.44
N ALA A 1467 -13.83 -5.55 4.31
CA ALA A 1467 -13.60 -6.54 3.27
C ALA A 1467 -12.24 -7.19 3.49
N ALA A 1468 -11.83 -8.04 2.53
CA ALA A 1468 -10.52 -8.66 2.58
C ALA A 1468 -9.50 -8.02 1.67
N ILE A 1469 -9.94 -7.35 0.61
CA ILE A 1469 -9.06 -6.63 -0.31
C ILE A 1469 -9.75 -5.30 -0.64
N ILE A 1470 -9.12 -4.20 -0.24
CA ILE A 1470 -9.66 -2.87 -0.51
C ILE A 1470 -8.75 -2.01 -1.36
N ALA A 1471 -7.45 -1.96 -1.06
CA ALA A 1471 -6.56 -1.10 -1.82
C ALA A 1471 -5.31 -1.88 -2.20
N LYS A 1472 -4.74 -1.50 -3.35
CA LYS A 1472 -3.54 -2.12 -3.86
C LYS A 1472 -2.65 -1.04 -4.46
N ILE A 1473 -1.39 -1.42 -4.76
CA ILE A 1473 -0.35 -0.50 -5.25
C ILE A 1473 0.26 -0.91 -6.60
N ALA A 1474 0.30 0.00 -7.58
CA ALA A 1474 0.82 -0.21 -8.93
C ALA A 1474 2.35 0.03 -9.11
N ASP A 1475 2.76 0.33 -10.35
CA ASP A 1475 4.12 0.24 -10.91
C ASP A 1475 5.33 0.72 -10.07
N TYR A 1476 6.43 -0.03 -10.19
CA TYR A 1476 7.48 -0.22 -9.20
C TYR A 1476 8.81 0.42 -9.55
N GLY A 1477 9.81 0.26 -8.69
CA GLY A 1477 11.17 0.76 -8.90
C GLY A 1477 11.83 0.21 -10.15
N GLY A 1492 10.45 13.07 -8.49
CA GLY A 1492 9.46 12.10 -8.94
C GLY A 1492 8.10 12.72 -9.24
N THR A 1493 7.57 13.59 -8.38
CA THR A 1493 6.56 14.56 -8.82
C THR A 1493 6.58 15.80 -7.94
N PRO A 1494 6.27 17.01 -8.44
CA PRO A 1494 6.08 18.17 -7.57
C PRO A 1494 4.98 17.97 -6.53
N GLY A 1495 3.85 17.37 -6.91
CA GLY A 1495 2.83 16.99 -5.93
C GLY A 1495 3.24 15.88 -4.96
N PHE A 1496 4.39 15.23 -5.19
CA PHE A 1496 4.90 14.07 -4.42
C PHE A 1496 6.43 14.10 -4.28
N ARG A 1497 6.96 15.13 -3.60
CA ARG A 1497 8.42 15.31 -3.44
C ARG A 1497 9.00 14.67 -2.18
N ALA A 1498 10.33 14.54 -2.23
CA ALA A 1498 11.24 14.17 -1.16
C ALA A 1498 12.63 14.83 -1.39
N PRO A 1499 13.48 14.98 -0.36
CA PRO A 1499 14.86 15.42 -0.51
C PRO A 1499 15.71 14.31 -1.13
N GLU A 1500 15.65 14.19 -2.46
CA GLU A 1500 16.14 13.04 -3.22
C GLU A 1500 17.58 12.65 -2.87
N VAL A 1501 17.80 11.36 -2.60
CA VAL A 1501 19.09 10.80 -2.18
C VAL A 1501 20.22 11.15 -3.16
N ALA A 1502 19.96 11.09 -4.46
CA ALA A 1502 20.92 11.46 -5.48
C ALA A 1502 21.12 12.98 -5.65
N ARG A 1503 20.26 13.83 -5.08
CA ARG A 1503 20.34 15.29 -5.23
C ARG A 1503 21.43 15.89 -4.33
N GLN A 1510 14.99 1.86 0.22
CA GLN A 1510 15.50 2.79 1.20
C GLN A 1510 14.41 3.61 1.91
N GLN A 1511 14.82 4.38 2.91
CA GLN A 1511 13.96 5.17 3.80
C GLN A 1511 13.10 6.24 3.14
N ALA A 1512 13.33 6.58 1.88
CA ALA A 1512 12.58 7.63 1.17
C ALA A 1512 11.09 7.32 0.98
N ASP A 1513 10.73 6.06 0.74
CA ASP A 1513 9.33 5.73 0.45
C ASP A 1513 8.41 5.99 1.66
N VAL A 1514 8.95 5.85 2.88
CA VAL A 1514 8.28 6.20 4.14
C VAL A 1514 7.75 7.63 4.07
N TYR A 1515 8.62 8.55 3.67
CA TYR A 1515 8.21 9.95 3.57
C TYR A 1515 7.13 10.14 2.51
N SER A 1516 7.27 9.48 1.36
CA SER A 1516 6.28 9.61 0.31
C SER A 1516 4.93 9.07 0.80
N PHE A 1517 4.97 8.05 1.63
CA PHE A 1517 3.77 7.54 2.23
C PHE A 1517 3.15 8.55 3.18
N GLY A 1518 3.98 9.24 3.96
CA GLY A 1518 3.55 10.36 4.79
C GLY A 1518 2.69 11.35 4.01
N LEU A 1519 3.11 11.73 2.80
CA LEU A 1519 2.34 12.66 1.95
C LEU A 1519 0.96 12.09 1.61
N LEU A 1520 0.91 10.83 1.20
CA LEU A 1520 -0.35 10.22 0.81
C LEU A 1520 -1.29 10.15 2.00
N LEU A 1521 -0.76 9.67 3.12
CA LEU A 1521 -1.49 9.53 4.36
C LEU A 1521 -2.08 10.86 4.80
N TYR A 1522 -1.27 11.91 4.72
CA TYR A 1522 -1.71 13.26 4.98
C TYR A 1522 -2.92 13.63 4.13
N ASP A 1523 -2.92 13.33 2.84
CA ASP A 1523 -4.04 13.69 1.97
C ASP A 1523 -5.27 12.84 2.28
N ILE A 1524 -5.06 11.54 2.56
CA ILE A 1524 -6.19 10.68 2.92
C ILE A 1524 -6.85 11.21 4.18
N LEU A 1525 -6.05 11.60 5.18
CA LEU A 1525 -6.58 12.29 6.35
C LEU A 1525 -7.23 13.61 5.94
N THR A 1526 -6.64 14.30 4.97
CA THR A 1526 -7.17 15.58 4.52
C THR A 1526 -8.38 15.42 3.61
N THR A 1527 -8.42 14.37 2.80
CA THR A 1527 -9.48 14.14 1.81
C THR A 1527 -9.49 15.24 0.74
N GLY A 1528 -8.33 15.46 0.10
CA GLY A 1528 -8.27 16.31 -1.06
C GLY A 1528 -7.80 17.73 -0.83
N GLY A 1529 -6.82 17.92 0.05
CA GLY A 1529 -6.25 19.24 0.27
C GLY A 1529 -4.94 19.48 -0.44
N ARG A 1530 -4.04 18.49 -0.59
CA ARG A 1530 -2.73 18.79 -1.21
C ARG A 1530 -2.73 19.33 -2.65
N ILE A 1531 -3.47 18.76 -3.63
CA ILE A 1531 -3.33 19.17 -5.05
C ILE A 1531 -4.67 19.57 -5.70
N VAL A 1532 -5.71 19.83 -4.91
CA VAL A 1532 -6.74 20.76 -5.38
C VAL A 1532 -6.08 22.11 -5.67
N GLU A 1533 -5.05 22.46 -4.90
CA GLU A 1533 -4.11 23.56 -5.20
C GLU A 1533 -3.33 23.41 -6.52
N GLY A 1534 -3.31 22.23 -7.13
CA GLY A 1534 -2.67 21.98 -8.42
C GLY A 1534 -3.35 22.70 -9.58
N LEU A 1535 -4.51 23.27 -9.30
CA LEU A 1535 -5.26 24.13 -10.20
C LEU A 1535 -4.96 25.63 -9.94
N LYS A 1536 -4.04 25.94 -9.02
CA LYS A 1536 -4.04 27.24 -8.29
C LYS A 1536 -2.64 27.80 -8.03
N PHE A 1537 -1.79 27.12 -7.25
CA PHE A 1537 -0.43 27.56 -6.93
C PHE A 1537 0.55 26.38 -6.83
N PRO A 1538 0.74 25.61 -7.90
CA PRO A 1538 1.30 24.27 -7.81
C PRO A 1538 2.82 24.23 -7.58
N ASN A 1539 3.56 25.30 -7.86
CA ASN A 1539 5.02 25.29 -7.66
C ASN A 1539 5.38 25.16 -6.17
N GLU A 1540 4.46 25.58 -5.32
CA GLU A 1540 4.62 25.70 -3.88
C GLU A 1540 4.72 24.36 -3.13
N PHE A 1541 4.61 23.24 -3.83
CA PHE A 1541 4.54 21.88 -3.29
C PHE A 1541 5.86 21.29 -2.77
N ASP A 1542 6.97 22.00 -2.92
CA ASP A 1542 8.21 21.65 -2.22
C ASP A 1542 8.95 22.94 -1.89
N GLU A 1543 8.31 23.78 -1.09
CA GLU A 1543 8.78 25.14 -0.80
C GLU A 1543 8.72 25.49 0.69
N LEU A 1544 7.74 24.85 1.31
CA LEU A 1544 7.33 24.81 2.68
C LEU A 1544 7.54 23.38 3.20
N GLU A 1545 8.68 22.80 2.83
CA GLU A 1545 8.93 21.35 2.75
C GLU A 1545 8.65 20.61 4.06
N ILE A 1546 8.86 21.28 5.18
CA ILE A 1546 8.65 20.80 6.55
C ILE A 1546 7.87 21.88 7.37
N GLN A 1547 7.13 22.72 6.65
CA GLN A 1547 6.81 24.08 7.05
C GLN A 1547 5.41 24.60 6.63
N GLY A 1548 4.66 23.86 5.81
CA GLY A 1548 3.45 24.36 5.14
C GLY A 1548 2.19 24.49 5.98
N LYS A 1549 1.06 24.02 5.47
CA LYS A 1549 -0.16 23.76 6.26
C LYS A 1549 0.03 22.61 7.26
N LEU A 1550 1.16 21.91 7.10
CA LEU A 1550 1.64 20.79 7.90
C LEU A 1550 1.52 20.95 9.42
N PRO A 1551 1.79 22.12 10.04
CA PRO A 1551 1.79 22.25 11.50
C PRO A 1551 0.44 22.00 12.18
N ASP A 1552 -0.67 22.21 11.49
CA ASP A 1552 -2.00 21.93 12.05
C ASP A 1552 -3.02 21.60 10.97
N PRO A 1553 -2.99 20.44 10.29
CA PRO A 1553 -3.84 20.11 9.14
C PRO A 1553 -5.33 19.91 9.45
N VAL A 1554 -5.72 19.35 10.61
CA VAL A 1554 -7.06 19.58 11.13
C VAL A 1554 -7.44 21.05 11.04
N LYS A 1555 -6.53 21.93 11.44
CA LYS A 1555 -6.83 23.37 11.39
C LYS A 1555 -6.75 23.90 9.96
N GLU A 1556 -5.84 23.42 9.16
CA GLU A 1556 -5.60 23.94 7.87
C GLU A 1556 -6.56 23.41 6.77
N TYR A 1557 -7.35 22.36 7.05
CA TYR A 1557 -8.32 21.86 6.09
C TYR A 1557 -9.71 21.64 6.67
N GLY A 1558 -9.86 21.62 7.99
CA GLY A 1558 -11.16 21.45 8.59
C GLY A 1558 -11.67 20.03 8.62
N CYS A 1559 -10.84 19.05 8.29
CA CYS A 1559 -11.26 17.66 8.33
C CYS A 1559 -11.49 17.21 9.76
N ALA A 1560 -12.19 16.09 9.93
CA ALA A 1560 -12.50 15.57 11.25
C ALA A 1560 -11.22 15.22 12.00
N PRO A 1561 -11.12 15.59 13.28
CA PRO A 1561 -9.91 15.28 14.04
C PRO A 1561 -9.68 13.78 14.13
N TRP A 1562 -8.41 13.39 14.12
CA TRP A 1562 -8.06 11.98 14.11
C TRP A 1562 -6.66 11.77 14.68
N PRO A 1563 -6.50 11.85 16.01
CA PRO A 1563 -5.16 11.71 16.60
C PRO A 1563 -4.60 10.30 16.51
N MET A 1564 -3.40 10.20 17.08
CA MET A 1564 -2.47 9.10 16.99
C MET A 1564 -1.89 8.97 15.60
N VAL A 1565 -2.73 9.12 14.58
CA VAL A 1565 -2.20 8.95 13.23
C VAL A 1565 -1.75 10.32 12.76
N GLU A 1566 -2.37 11.36 13.31
CA GLU A 1566 -1.88 12.72 13.10
C GLU A 1566 -0.52 12.91 13.75
N LYS A 1567 -0.28 12.23 14.88
CA LYS A 1567 1.06 12.15 15.43
C LYS A 1567 1.93 11.17 14.65
N LEU A 1568 1.32 10.14 14.05
CA LEU A 1568 2.11 9.15 13.30
C LEU A 1568 2.76 9.78 12.09
N ILE A 1569 2.03 10.60 11.33
CA ILE A 1569 2.63 11.21 10.15
C ILE A 1569 3.76 12.14 10.58
N LYS A 1570 3.59 12.92 11.64
CA LYS A 1570 4.65 13.81 12.10
C LYS A 1570 5.88 13.02 12.55
N GLN A 1571 5.64 11.96 13.30
CA GLN A 1571 6.66 11.09 13.86
C GLN A 1571 7.33 10.21 12.80
N CYS A 1572 6.60 9.89 11.74
CA CYS A 1572 7.15 9.25 10.56
C CYS A 1572 8.03 10.22 9.77
N LEU A 1573 7.52 11.44 9.58
CA LEU A 1573 8.06 12.46 8.70
C LEU A 1573 9.21 13.23 9.33
N LYS A 1574 10.34 12.54 9.43
CA LYS A 1574 11.63 13.11 9.82
C LYS A 1574 12.50 13.32 8.60
N GLU A 1575 13.10 14.49 8.45
CA GLU A 1575 13.85 14.85 7.23
C GLU A 1575 15.05 13.94 7.01
N ASN A 1576 15.78 13.67 8.09
CA ASN A 1576 16.86 12.70 8.09
C ASN A 1576 16.32 11.28 7.90
N PRO A 1577 16.81 10.50 6.92
CA PRO A 1577 16.35 9.14 6.71
C PRO A 1577 16.62 8.23 7.90
N GLN A 1578 17.67 8.49 8.67
CA GLN A 1578 17.99 7.70 9.87
C GLN A 1578 16.91 7.80 10.95
N GLU A 1579 16.19 8.92 10.96
CA GLU A 1579 15.19 9.20 11.99
C GLU A 1579 13.83 8.57 11.66
N ARG A 1580 13.61 8.15 10.42
CA ARG A 1580 12.32 7.58 9.99
C ARG A 1580 12.14 6.14 10.49
N PRO A 1581 10.96 5.75 11.02
CA PRO A 1581 10.65 4.36 11.30
C PRO A 1581 10.53 3.55 10.01
N THR A 1582 10.70 2.24 10.10
CA THR A 1582 10.65 1.32 8.99
C THR A 1582 9.21 1.11 8.54
N SER A 1583 9.06 0.58 7.32
CA SER A 1583 7.73 0.31 6.80
C SER A 1583 7.04 -0.79 7.61
N ALA A 1584 7.81 -1.79 8.05
CA ALA A 1584 7.24 -2.80 8.94
C ALA A 1584 6.74 -2.18 10.24
N GLN A 1585 7.51 -1.24 10.80
CA GLN A 1585 7.09 -0.58 12.03
C GLN A 1585 5.83 0.24 11.82
N VAL A 1586 5.74 0.99 10.72
CA VAL A 1586 4.55 1.81 10.50
C VAL A 1586 3.34 0.91 10.23
N PHE A 1587 3.55 -0.22 9.54
CA PHE A 1587 2.45 -1.18 9.37
C PHE A 1587 1.99 -1.71 10.72
N ASP A 1588 2.93 -2.04 11.61
CA ASP A 1588 2.57 -2.55 12.92
C ASP A 1588 1.79 -1.50 13.72
N ILE A 1589 2.21 -0.24 13.65
CA ILE A 1589 1.50 0.80 14.39
C ILE A 1589 0.12 1.04 13.79
N LEU A 1590 -0.01 0.95 12.47
CA LEU A 1590 -1.33 1.02 11.85
C LEU A 1590 -2.20 -0.17 12.22
N ASN A 1591 -1.60 -1.31 12.56
CA ASN A 1591 -2.36 -2.49 13.00
C ASN A 1591 -2.65 -2.38 14.49
N SER A 1592 -3.35 -1.32 14.89
CA SER A 1592 -3.56 -0.96 16.29
C SER A 1592 -4.94 -0.40 16.43
N ALA A 1593 -5.85 -1.13 17.07
CA ALA A 1593 -7.26 -0.78 17.10
C ALA A 1593 -7.52 0.61 17.70
N GLU A 1594 -6.66 1.00 18.63
CA GLU A 1594 -6.65 2.32 19.23
C GLU A 1594 -6.49 3.40 18.16
N LEU A 1595 -5.62 3.20 17.14
CA LEU A 1595 -5.48 4.18 16.08
C LEU A 1595 -6.77 4.38 15.30
N VAL A 1596 -7.67 3.40 15.33
CA VAL A 1596 -8.93 3.49 14.60
C VAL A 1596 -10.08 4.00 15.47
N CYS A 1597 -10.02 3.77 16.79
CA CYS A 1597 -11.13 3.98 17.74
C CYS A 1597 -11.28 5.34 18.46
N LEU A 1598 -10.31 6.27 18.40
CA LEU A 1598 -10.35 7.50 19.22
C LEU A 1598 -10.04 8.79 18.45
N THR A 1599 -10.73 9.88 18.85
CA THR A 1599 -10.82 11.14 18.06
C THR A 1599 -10.37 12.41 18.78
N ARG A 1600 -10.49 12.53 20.11
CA ARG A 1600 -9.97 13.71 20.82
C ARG A 1600 -9.83 13.55 22.33
N ARG A 1601 -8.96 14.41 22.85
CA ARG A 1601 -8.79 14.78 24.26
C ARG A 1601 -8.55 16.27 24.34
N ILE A 1602 -8.73 16.81 25.53
CA ILE A 1602 -8.67 18.24 25.85
C ILE A 1602 -7.84 18.35 27.13
N LEU A 1603 -6.55 18.62 26.97
CA LEU A 1603 -5.72 18.94 28.13
C LEU A 1603 -6.17 20.28 28.67
N LEU A 1604 -6.84 20.27 29.81
CA LEU A 1604 -7.36 21.50 30.41
C LEU A 1604 -6.21 22.42 30.79
N PRO A 1605 -6.49 23.71 31.04
CA PRO A 1605 -5.43 24.64 31.44
C PRO A 1605 -4.54 24.14 32.57
N LYS A 1606 -3.37 24.76 32.72
CA LYS A 1606 -2.32 24.24 33.57
C LYS A 1606 -2.78 24.17 35.03
N ASN A 1607 -2.63 22.99 35.62
CA ASN A 1607 -2.88 22.76 37.05
C ASN A 1607 -4.28 23.23 37.46
N VAL A 1608 -5.27 22.55 36.89
CA VAL A 1608 -6.66 22.68 37.33
C VAL A 1608 -7.12 21.31 37.81
N ILE A 1609 -7.56 21.24 39.05
CA ILE A 1609 -8.06 19.99 39.63
C ILE A 1609 -9.58 20.01 39.52
N VAL A 1610 -10.13 19.05 38.79
CA VAL A 1610 -11.56 18.90 38.61
C VAL A 1610 -11.94 17.46 38.88
N GLU A 1611 -13.04 17.26 39.61
CA GLU A 1611 -13.44 15.94 40.08
C GLU A 1611 -14.90 15.63 39.82
N CYS A 1612 -15.59 16.44 39.02
CA CYS A 1612 -17.02 16.22 38.77
C CYS A 1612 -17.38 16.87 37.45
N MET A 1613 -18.36 16.28 36.77
CA MET A 1613 -18.76 16.77 35.46
C MET A 1613 -20.14 16.23 35.12
N VAL A 1614 -20.87 17.01 34.34
CA VAL A 1614 -22.20 16.63 33.85
C VAL A 1614 -22.34 17.09 32.41
N ALA A 1615 -22.95 16.25 31.60
CA ALA A 1615 -23.13 16.54 30.19
C ALA A 1615 -24.47 17.24 29.96
N THR A 1616 -24.76 17.51 28.68
CA THR A 1616 -26.03 18.10 28.28
C THR A 1616 -26.54 17.36 27.06
N HIS A 1617 -27.67 16.67 27.20
CA HIS A 1617 -28.27 15.94 26.11
C HIS A 1617 -29.57 16.56 25.62
N HIS A 1618 -30.17 17.49 26.38
CA HIS A 1618 -31.41 18.11 25.94
C HIS A 1618 -31.17 19.01 24.74
N ASN A 1619 -30.06 19.74 24.72
CA ASN A 1619 -29.63 20.46 23.53
C ASN A 1619 -28.57 19.61 22.83
N SER A 1620 -29.06 18.61 22.10
CA SER A 1620 -28.20 17.64 21.43
C SER A 1620 -27.61 18.18 20.13
N ARG A 1621 -27.76 19.47 19.85
CA ARG A 1621 -27.16 20.07 18.67
C ARG A 1621 -25.68 20.36 18.90
N ASN A 1622 -25.38 21.23 19.87
CA ASN A 1622 -24.03 21.47 20.35
C ASN A 1622 -24.07 21.44 21.87
N ALA A 1623 -23.20 20.64 22.47
CA ALA A 1623 -23.26 20.38 23.89
C ALA A 1623 -21.99 20.87 24.58
N SER A 1624 -22.17 21.27 25.84
CA SER A 1624 -21.06 21.68 26.69
C SER A 1624 -21.06 20.84 27.94
N ILE A 1625 -19.86 20.46 28.40
CA ILE A 1625 -19.70 19.52 29.50
C ILE A 1625 -19.26 20.32 30.71
N TRP A 1626 -20.17 20.49 31.66
CA TRP A 1626 -19.95 21.39 32.78
C TRP A 1626 -19.18 20.66 33.88
N LEU A 1627 -18.03 21.22 34.26
CA LEU A 1627 -17.12 20.59 35.20
C LEU A 1627 -17.14 21.36 36.52
N GLY A 1628 -16.61 20.77 37.59
CA GLY A 1628 -16.50 21.44 38.90
C GLY A 1628 -15.15 22.10 39.09
N CYS A 1629 -14.72 22.24 40.32
CA CYS A 1629 -13.30 22.31 40.62
C CYS A 1629 -13.00 21.90 42.06
N GLY A 1630 -11.74 21.54 42.26
CA GLY A 1630 -11.12 21.22 43.53
C GLY A 1630 -9.65 21.63 43.66
N HIS A 1631 -9.06 22.33 42.69
CA HIS A 1631 -7.84 23.08 42.94
C HIS A 1631 -8.03 24.18 43.98
N THR A 1632 -9.25 24.69 44.12
CA THR A 1632 -9.57 25.68 45.15
C THR A 1632 -10.44 25.04 46.21
N ASP A 1633 -10.07 25.26 47.48
CA ASP A 1633 -10.89 24.81 48.60
C ASP A 1633 -12.27 25.43 48.57
N ARG A 1634 -12.42 26.58 47.91
CA ARG A 1634 -13.71 27.22 47.70
C ARG A 1634 -14.26 26.85 46.32
N GLY A 1635 -15.56 26.94 46.09
CA GLY A 1635 -16.16 26.43 44.85
C GLY A 1635 -16.11 27.36 43.63
N GLN A 1636 -15.35 27.03 42.60
CA GLN A 1636 -15.64 27.50 41.23
C GLN A 1636 -16.37 26.46 40.41
N LEU A 1637 -17.35 26.91 39.63
CA LEU A 1637 -17.83 26.13 38.51
C LEU A 1637 -16.84 26.25 37.36
N SER A 1638 -16.81 25.27 36.46
CA SER A 1638 -15.89 25.40 35.34
C SER A 1638 -16.58 24.92 34.07
N PHE A 1639 -17.13 25.87 33.33
CA PHE A 1639 -17.75 25.59 32.03
C PHE A 1639 -16.70 25.10 31.04
N LEU A 1640 -17.13 24.24 30.11
CA LEU A 1640 -16.24 23.77 29.05
C LEU A 1640 -17.08 23.38 27.85
N ASP A 1641 -16.97 24.15 26.78
CA ASP A 1641 -17.60 23.81 25.51
C ASP A 1641 -16.76 22.75 24.80
N LEU A 1642 -17.27 22.23 23.69
CA LEU A 1642 -16.57 21.21 22.93
C LEU A 1642 -16.24 21.62 21.51
N ASN A 1643 -17.15 22.30 20.81
CA ASN A 1643 -16.84 22.74 19.46
C ASN A 1643 -15.89 23.92 19.43
N THR A 1644 -15.78 24.65 20.54
CA THR A 1644 -14.78 25.72 20.68
C THR A 1644 -13.65 25.36 21.63
N GLU A 1645 -13.84 24.36 22.49
CA GLU A 1645 -12.85 23.88 23.46
C GLU A 1645 -12.33 24.97 24.42
N GLY A 1646 -13.13 26.00 24.67
CA GLY A 1646 -12.70 27.14 25.48
C GLY A 1646 -13.08 27.03 26.93
N TYR A 1647 -12.10 26.82 27.80
CA TYR A 1647 -12.35 26.75 29.23
C TYR A 1647 -12.64 28.14 29.79
N THR A 1648 -13.63 28.21 30.67
CA THR A 1648 -13.94 29.43 31.40
C THR A 1648 -14.01 29.12 32.89
N SER A 1649 -13.74 30.12 33.71
CA SER A 1649 -13.73 29.96 35.16
C SER A 1649 -14.66 30.98 35.80
N GLU A 1650 -15.36 30.56 36.85
CA GLU A 1650 -16.28 31.45 37.55
C GLU A 1650 -16.50 30.90 38.96
N GLU A 1651 -15.94 31.59 39.97
CA GLU A 1651 -16.19 31.22 41.36
C GLU A 1651 -17.66 31.48 41.69
N VAL A 1652 -18.36 30.46 42.17
CA VAL A 1652 -19.78 30.58 42.51
C VAL A 1652 -20.10 30.13 43.92
N ALA A 1653 -19.25 29.37 44.60
CA ALA A 1653 -19.53 28.89 45.94
C ALA A 1653 -18.35 29.20 46.84
N ASP A 1654 -18.63 29.27 48.14
CA ASP A 1654 -17.62 29.57 49.15
C ASP A 1654 -16.90 28.32 49.64
N SER A 1655 -17.38 27.13 49.27
CA SER A 1655 -16.74 25.88 49.63
C SER A 1655 -16.66 25.01 48.39
N ARG A 1656 -15.61 24.19 48.33
CA ARG A 1656 -15.35 23.36 47.16
C ARG A 1656 -16.59 22.56 46.77
N ILE A 1657 -16.92 22.52 45.49
CA ILE A 1657 -18.03 21.68 44.98
C ILE A 1657 -17.71 20.17 45.15
N LEU A 1658 -18.71 19.28 45.17
CA LEU A 1658 -18.49 17.83 45.04
C LEU A 1658 -19.12 17.24 43.79
N CYS A 1659 -20.32 17.67 43.43
CA CYS A 1659 -21.10 17.09 42.34
C CYS A 1659 -22.05 18.12 41.72
N LEU A 1660 -22.45 17.86 40.48
CA LEU A 1660 -23.49 18.65 39.81
C LEU A 1660 -24.49 17.70 39.17
N ALA A 1661 -25.55 18.29 38.64
CA ALA A 1661 -26.57 17.54 37.91
C ALA A 1661 -27.35 18.50 37.02
N LEU A 1662 -28.03 17.91 36.04
CA LEU A 1662 -28.82 18.67 35.07
C LEU A 1662 -30.29 18.36 35.29
N VAL A 1663 -31.07 19.39 35.60
CA VAL A 1663 -32.52 19.29 35.68
C VAL A 1663 -33.09 20.21 34.61
N HIS A 1664 -33.43 19.64 33.45
CA HIS A 1664 -34.05 20.40 32.38
C HIS A 1664 -35.56 20.40 32.58
N LEU A 1665 -36.16 21.57 32.41
CA LEU A 1665 -37.60 21.70 32.55
C LEU A 1665 -38.23 21.74 31.18
N PRO A 1666 -39.12 20.79 30.85
CA PRO A 1666 -39.78 20.84 29.54
C PRO A 1666 -40.53 22.12 29.29
N VAL A 1667 -41.02 22.77 30.34
CA VAL A 1667 -41.70 24.05 30.23
C VAL A 1667 -40.65 25.16 30.34
N GLU A 1668 -40.98 26.32 29.75
CA GLU A 1668 -40.16 27.53 29.80
C GLU A 1668 -38.90 27.39 28.96
N LYS A 1669 -38.64 26.19 28.45
CA LYS A 1669 -37.50 25.90 27.58
C LYS A 1669 -36.19 26.38 28.21
N GLU A 1670 -35.88 25.81 29.37
CA GLU A 1670 -34.62 26.09 30.04
C GLU A 1670 -34.17 24.81 30.75
N SER A 1671 -32.89 24.77 31.09
CA SER A 1671 -32.29 23.62 31.78
C SER A 1671 -31.53 24.16 32.98
N TRP A 1672 -32.21 24.23 34.12
CA TRP A 1672 -31.55 24.61 35.35
C TRP A 1672 -30.46 23.60 35.68
N ILE A 1673 -29.29 24.09 36.09
CA ILE A 1673 -28.17 23.23 36.44
C ILE A 1673 -27.90 23.39 37.93
N VAL A 1674 -27.76 22.26 38.62
CA VAL A 1674 -27.67 22.25 40.08
C VAL A 1674 -26.30 21.74 40.49
N SER A 1675 -25.85 22.19 41.66
CA SER A 1675 -24.50 21.88 42.14
C SER A 1675 -24.55 21.69 43.65
N GLY A 1676 -24.06 20.55 44.11
CA GLY A 1676 -23.91 20.27 45.53
C GLY A 1676 -22.46 20.33 45.95
N THR A 1677 -22.22 20.83 47.17
CA THR A 1677 -20.91 21.29 47.66
C THR A 1677 -20.54 20.85 49.10
N GLN A 1678 -19.26 21.02 49.48
CA GLN A 1678 -18.68 20.67 50.80
C GLN A 1678 -19.49 21.19 51.99
N SER A 1679 -19.93 22.44 51.92
CA SER A 1679 -20.70 23.10 52.98
C SER A 1679 -22.18 22.71 52.99
N GLY A 1680 -22.69 21.97 51.99
CA GLY A 1680 -24.11 21.75 51.94
C GLY A 1680 -24.89 22.85 51.26
N THR A 1681 -24.22 23.90 50.81
CA THR A 1681 -24.89 25.00 50.12
C THR A 1681 -25.28 24.53 48.72
N LEU A 1682 -26.52 24.07 48.59
CA LEU A 1682 -27.01 23.52 47.33
C LEU A 1682 -27.35 24.67 46.39
N LEU A 1683 -26.53 24.88 45.37
CA LEU A 1683 -26.68 26.01 44.46
C LEU A 1683 -27.43 25.57 43.20
N VAL A 1684 -28.26 26.47 42.69
CA VAL A 1684 -28.98 26.26 41.43
C VAL A 1684 -28.78 27.49 40.56
N ILE A 1685 -28.37 27.29 39.31
CA ILE A 1685 -28.09 28.37 38.39
C ILE A 1685 -28.61 28.02 37.00
N ASN A 1686 -29.14 29.03 36.31
CA ASN A 1686 -29.78 28.86 35.02
C ASN A 1686 -28.75 28.53 33.95
N THR A 1687 -29.24 27.93 32.85
CA THR A 1687 -28.39 27.56 31.72
C THR A 1687 -27.73 28.77 31.08
N GLU A 1688 -28.54 29.63 30.46
CA GLU A 1688 -27.98 30.77 29.73
C GLU A 1688 -27.53 31.86 30.69
N ASP A 1689 -28.31 32.14 31.73
CA ASP A 1689 -27.97 33.22 32.66
C ASP A 1689 -27.12 32.66 33.80
N GLY A 1690 -25.92 33.21 33.95
CA GLY A 1690 -25.07 32.88 35.06
C GLY A 1690 -25.23 33.87 36.19
N LYS A 1691 -26.41 34.48 36.27
CA LYS A 1691 -26.69 35.46 37.32
C LYS A 1691 -27.93 35.10 38.12
N LYS A 1692 -28.91 34.45 37.47
CA LYS A 1692 -30.11 34.00 38.17
C LYS A 1692 -29.73 32.74 38.95
N ARG A 1693 -29.04 32.96 40.06
CA ARG A 1693 -28.57 31.89 40.93
C ARG A 1693 -29.27 32.00 42.27
N HIS A 1694 -29.78 30.87 42.77
CA HIS A 1694 -30.40 30.85 44.09
C HIS A 1694 -30.08 29.52 44.74
N THR A 1695 -29.24 29.57 45.76
CA THR A 1695 -28.99 28.37 46.55
C THR A 1695 -30.26 27.99 47.29
N LEU A 1696 -30.56 26.69 47.28
CA LEU A 1696 -31.75 26.17 47.96
C LEU A 1696 -31.44 26.04 49.44
N GLU A 1697 -32.24 25.25 50.16
CA GLU A 1697 -32.01 25.02 51.58
C GLU A 1697 -30.56 24.60 51.82
N LYS A 1698 -29.89 25.31 52.73
CA LYS A 1698 -28.54 24.95 53.09
C LYS A 1698 -28.54 23.61 53.81
N MET A 1699 -27.85 22.63 53.23
CA MET A 1699 -27.88 21.29 53.77
C MET A 1699 -27.03 21.23 55.04
N THR A 1700 -27.09 20.11 55.74
CA THR A 1700 -26.42 19.93 57.02
C THR A 1700 -24.99 19.42 56.89
N ASP A 1701 -24.74 18.45 56.03
CA ASP A 1701 -23.43 17.87 55.85
C ASP A 1701 -22.97 18.06 54.40
N SER A 1702 -21.81 17.54 54.03
CA SER A 1702 -21.24 17.70 52.69
C SER A 1702 -22.02 16.88 51.67
N VAL A 1703 -22.63 17.52 50.67
CA VAL A 1703 -23.35 16.87 49.58
C VAL A 1703 -22.37 16.05 48.76
N THR A 1704 -22.61 14.77 48.61
CA THR A 1704 -21.73 13.80 47.95
C THR A 1704 -22.21 13.47 46.54
N CYS A 1705 -23.51 13.58 46.29
CA CYS A 1705 -24.17 13.13 45.08
C CYS A 1705 -25.30 14.09 44.67
N LEU A 1706 -25.56 14.20 43.37
CA LEU A 1706 -26.80 14.74 42.85
C LEU A 1706 -27.29 13.84 41.73
N TYR A 1707 -28.58 13.86 41.44
CA TYR A 1707 -29.10 12.95 40.42
C TYR A 1707 -30.44 13.47 39.90
N CYS A 1708 -30.69 13.22 38.62
CA CYS A 1708 -31.96 13.53 37.98
C CYS A 1708 -32.57 12.23 37.48
N ASN A 1709 -33.78 11.94 37.93
CA ASN A 1709 -34.42 10.65 37.71
C ASN A 1709 -35.45 10.75 36.59
N SER A 1710 -36.21 9.66 36.39
CA SER A 1710 -37.32 9.59 35.44
C SER A 1710 -38.52 9.04 36.21
N PHE A 1711 -39.27 9.93 36.84
CA PHE A 1711 -40.39 9.57 37.72
C PHE A 1711 -41.63 10.33 37.26
N SER A 1712 -42.38 9.72 36.33
CA SER A 1712 -43.57 10.31 35.73
C SER A 1712 -44.85 9.72 36.31
N LYS A 1713 -44.85 9.46 37.62
CA LYS A 1713 -45.90 8.71 38.30
C LYS A 1713 -47.24 9.44 38.40
N GLN A 1714 -47.38 10.65 37.86
CA GLN A 1714 -48.59 11.44 38.04
C GLN A 1714 -49.40 11.56 36.75
N SER A 1715 -49.41 10.50 35.94
CA SER A 1715 -50.14 10.42 34.68
C SER A 1715 -49.68 11.48 33.68
N LYS A 1716 -48.61 12.20 33.97
CA LYS A 1716 -48.05 13.23 33.10
C LYS A 1716 -46.54 13.06 33.14
N GLN A 1717 -45.82 13.89 32.39
CA GLN A 1717 -44.36 13.88 32.45
C GLN A 1717 -43.90 14.57 33.72
N LYS A 1718 -43.10 13.87 34.51
CA LYS A 1718 -42.68 14.36 35.81
C LYS A 1718 -41.27 13.87 36.09
N ASN A 1719 -40.52 14.66 36.84
CA ASN A 1719 -39.16 14.30 37.22
C ASN A 1719 -38.86 14.92 38.58
N PHE A 1720 -37.84 14.36 39.24
CA PHE A 1720 -37.42 14.80 40.57
C PHE A 1720 -35.93 15.06 40.60
N LEU A 1721 -35.39 15.28 41.80
CA LEU A 1721 -33.98 15.50 42.00
C LEU A 1721 -33.60 14.91 43.35
N LEU A 1722 -32.39 14.39 43.43
CA LEU A 1722 -31.91 13.73 44.64
C LEU A 1722 -30.62 14.39 45.09
N VAL A 1723 -30.53 14.68 46.38
CA VAL A 1723 -29.35 15.31 46.97
C VAL A 1723 -28.73 14.30 47.92
N GLY A 1724 -27.73 13.56 47.45
CA GLY A 1724 -27.00 12.67 48.33
C GLY A 1724 -26.03 13.52 49.14
N THR A 1725 -26.22 13.60 50.45
CA THR A 1725 -25.35 14.30 51.38
C THR A 1725 -24.45 13.26 52.06
N ALA A 1726 -23.50 13.70 52.88
CA ALA A 1726 -22.59 12.80 53.58
C ALA A 1726 -23.22 12.14 54.79
N ASP A 1727 -24.54 12.12 54.88
CA ASP A 1727 -25.23 11.49 56.01
C ASP A 1727 -26.38 10.57 55.61
N GLY A 1728 -26.84 10.61 54.36
CA GLY A 1728 -27.92 9.75 53.91
C GLY A 1728 -29.25 10.43 53.75
N LYS A 1729 -29.36 11.71 54.10
CA LYS A 1729 -30.64 12.40 54.11
C LYS A 1729 -31.08 12.69 52.67
N LEU A 1730 -32.07 11.94 52.20
CA LEU A 1730 -32.59 12.15 50.85
C LEU A 1730 -33.47 13.39 50.81
N ALA A 1731 -32.89 14.53 50.44
CA ALA A 1731 -33.66 15.77 50.27
C ALA A 1731 -34.15 15.81 48.82
N ILE A 1732 -35.25 15.11 48.58
CA ILE A 1732 -35.80 14.98 47.24
C ILE A 1732 -36.61 16.22 46.91
N PHE A 1733 -36.65 16.57 45.62
CA PHE A 1733 -37.40 17.73 45.16
C PHE A 1733 -38.19 17.38 43.91
N GLU A 1734 -38.71 18.40 43.23
CA GLU A 1734 -39.51 18.21 42.03
C GLU A 1734 -38.85 18.95 40.87
N ASP A 1735 -39.16 18.50 39.65
CA ASP A 1735 -38.48 19.02 38.46
C ASP A 1735 -38.68 20.53 38.31
N LYS A 1736 -39.83 21.05 38.75
CA LYS A 1736 -40.15 22.46 38.52
C LYS A 1736 -39.83 23.36 39.70
N THR A 1737 -39.85 22.83 40.92
CA THR A 1737 -39.70 23.66 42.13
C THR A 1737 -38.30 24.24 42.28
N VAL A 1738 -37.39 23.99 41.34
CA VAL A 1738 -36.01 24.45 41.47
C VAL A 1738 -35.90 25.97 41.44
N LYS A 1739 -36.87 26.66 40.86
CA LYS A 1739 -36.73 28.11 40.66
C LYS A 1739 -36.89 28.89 41.96
N LEU A 1740 -37.84 28.49 42.81
CA LEU A 1740 -38.12 29.25 44.01
C LEU A 1740 -36.99 29.11 45.02
N LYS A 1741 -36.58 30.23 45.61
CA LYS A 1741 -35.50 30.25 46.57
C LYS A 1741 -35.82 29.37 47.77
N GLY A 1742 -34.87 28.52 48.17
CA GLY A 1742 -35.10 27.64 49.30
C GLY A 1742 -36.19 26.63 49.04
N ALA A 1743 -35.93 25.66 48.16
CA ALA A 1743 -36.96 24.74 47.70
C ALA A 1743 -37.49 23.88 48.84
N ALA A 1744 -38.61 23.21 48.56
CA ALA A 1744 -39.33 22.44 49.56
C ALA A 1744 -39.14 20.95 49.32
N PRO A 1745 -38.47 20.23 50.23
CA PRO A 1745 -38.30 18.78 50.05
C PRO A 1745 -39.61 18.05 50.34
N LEU A 1746 -40.05 17.25 49.38
CA LEU A 1746 -41.29 16.49 49.57
C LEU A 1746 -41.14 15.48 50.70
N LYS A 1747 -40.20 14.55 50.56
CA LYS A 1747 -40.00 13.45 51.51
C LYS A 1747 -38.53 13.44 51.95
N ILE A 1748 -38.25 14.10 53.07
CA ILE A 1748 -36.89 14.13 53.59
C ILE A 1748 -36.57 12.78 54.22
N LEU A 1749 -35.83 11.95 53.50
CA LEU A 1749 -35.54 10.57 53.92
C LEU A 1749 -34.13 10.51 54.48
N ASN A 1750 -34.02 10.68 55.80
CA ASN A 1750 -32.75 10.41 56.48
C ASN A 1750 -32.50 8.91 56.45
N ILE A 1751 -31.52 8.48 55.65
CA ILE A 1751 -31.28 7.06 55.46
C ILE A 1751 -30.10 6.62 56.30
N GLY A 1752 -28.94 7.21 56.06
CA GLY A 1752 -27.72 6.80 56.74
C GLY A 1752 -27.56 7.45 58.10
N ASN A 1753 -26.33 7.43 58.57
CA ASN A 1753 -25.95 7.99 59.87
C ASN A 1753 -24.91 9.09 59.66
N VAL A 1754 -24.41 9.63 60.78
CA VAL A 1754 -23.28 10.55 60.70
C VAL A 1754 -22.01 9.80 60.33
N SER A 1755 -21.88 8.54 60.75
CA SER A 1755 -20.73 7.71 60.42
C SER A 1755 -20.94 6.89 59.16
N THR A 1756 -22.13 6.94 58.56
CA THR A 1756 -22.43 6.22 57.32
C THR A 1756 -22.80 7.23 56.24
N PRO A 1757 -21.86 7.62 55.38
CA PRO A 1757 -22.15 8.68 54.41
C PRO A 1757 -22.77 8.17 53.11
N LEU A 1758 -23.87 8.79 52.69
CA LEU A 1758 -24.44 8.49 51.39
C LEU A 1758 -23.47 8.96 50.32
N MET A 1759 -23.23 8.05 49.36
CA MET A 1759 -22.08 8.11 48.48
C MET A 1759 -22.33 7.73 47.01
N CYS A 1760 -23.41 7.01 46.67
CA CYS A 1760 -23.75 6.79 45.26
C CYS A 1760 -25.26 6.61 45.03
N LEU A 1761 -25.74 7.01 43.85
CA LEU A 1761 -27.10 6.77 43.38
C LEU A 1761 -27.11 6.26 41.94
N SER A 1762 -28.12 5.45 41.62
CA SER A 1762 -28.44 4.94 40.28
C SER A 1762 -29.95 4.81 40.01
N GLU A 1763 -30.31 4.92 38.74
CA GLU A 1763 -31.62 4.53 38.20
C GLU A 1763 -31.56 3.09 37.65
N SER A 1764 -32.69 2.43 37.36
CA SER A 1764 -32.68 1.07 36.81
C SER A 1764 -32.38 0.98 35.31
N THR A 1765 -32.03 -0.22 34.85
CA THR A 1765 -31.65 -0.44 33.46
C THR A 1765 -32.87 -0.40 32.54
N ASN A 1766 -34.01 -0.91 33.02
CA ASN A 1766 -35.24 -0.96 32.23
C ASN A 1766 -36.27 0.01 32.79
N SER A 1767 -37.35 0.19 32.03
CA SER A 1767 -38.46 1.03 32.45
C SER A 1767 -39.71 0.23 32.79
N THR A 1768 -39.68 -1.10 32.66
CA THR A 1768 -40.85 -1.91 32.98
C THR A 1768 -41.04 -2.06 34.49
N GLU A 1769 -39.96 -1.96 35.27
CA GLU A 1769 -40.03 -1.98 36.71
C GLU A 1769 -40.37 -0.63 37.32
N ARG A 1770 -40.89 0.30 36.50
CA ARG A 1770 -41.27 1.64 36.94
C ARG A 1770 -40.07 2.37 37.54
N ASN A 1771 -38.87 2.07 37.01
CA ASN A 1771 -37.65 2.77 37.35
C ASN A 1771 -37.39 2.73 38.86
N VAL A 1772 -37.28 1.51 39.38
CA VAL A 1772 -36.87 1.34 40.77
C VAL A 1772 -35.48 1.93 40.94
N MET A 1773 -35.34 2.84 41.91
CA MET A 1773 -34.10 3.55 42.12
C MET A 1773 -33.26 2.81 43.15
N TRP A 1774 -31.96 2.74 42.90
CA TRP A 1774 -31.02 2.07 43.79
C TRP A 1774 -29.93 3.05 44.18
N GLY A 1775 -29.66 3.16 45.47
CA GLY A 1775 -28.61 4.04 45.95
C GLY A 1775 -27.79 3.37 47.04
N GLY A 1776 -26.47 3.51 46.94
CA GLY A 1776 -25.60 3.00 47.98
C GLY A 1776 -25.52 3.95 49.15
N CYS A 1777 -25.39 3.39 50.35
CA CYS A 1777 -25.45 4.18 51.57
C CYS A 1777 -24.53 3.55 52.60
N GLY A 1778 -23.55 4.30 53.06
CA GLY A 1778 -22.55 3.74 53.94
C GLY A 1778 -21.89 2.55 53.27
N THR A 1779 -22.17 1.36 53.77
CA THR A 1779 -21.69 0.14 53.16
C THR A 1779 -22.84 -0.77 52.74
N LYS A 1780 -24.09 -0.34 52.95
CA LYS A 1780 -25.26 -1.15 52.63
C LYS A 1780 -26.05 -0.46 51.52
N ILE A 1781 -26.22 -1.18 50.41
CA ILE A 1781 -27.02 -0.69 49.29
C ILE A 1781 -28.50 -0.74 49.64
N PHE A 1782 -29.26 0.25 49.15
CA PHE A 1782 -30.71 0.27 49.38
C PHE A 1782 -31.40 0.65 48.09
N SER A 1783 -32.73 0.63 48.12
CA SER A 1783 -33.53 0.91 46.94
C SER A 1783 -34.89 1.43 47.35
N PHE A 1784 -35.56 2.08 46.40
CA PHE A 1784 -36.90 2.61 46.63
C PHE A 1784 -37.59 2.77 45.27
N SER A 1785 -38.78 3.36 45.29
CA SER A 1785 -39.61 3.53 44.11
C SER A 1785 -40.43 4.80 44.31
N ASN A 1786 -41.55 4.90 43.59
CA ASN A 1786 -42.46 6.01 43.81
C ASN A 1786 -42.93 6.10 45.26
N ASP A 1787 -42.89 4.98 45.98
CA ASP A 1787 -43.18 5.01 47.41
C ASP A 1787 -42.14 5.82 48.17
N PHE A 1788 -40.91 5.90 47.64
CA PHE A 1788 -39.80 6.57 48.30
C PHE A 1788 -39.59 6.02 49.72
N THR A 1789 -39.61 4.70 49.83
CA THR A 1789 -39.32 3.99 51.06
C THR A 1789 -38.28 2.93 50.77
N ILE A 1790 -37.37 2.71 51.71
CA ILE A 1790 -36.31 1.72 51.53
C ILE A 1790 -36.94 0.36 51.31
N GLN A 1791 -36.62 -0.26 50.16
CA GLN A 1791 -37.19 -1.55 49.81
C GLN A 1791 -36.28 -2.72 50.15
N LYS A 1792 -34.99 -2.47 50.34
CA LYS A 1792 -34.04 -3.51 50.75
C LYS A 1792 -32.90 -2.84 51.51
N LEU A 1793 -32.33 -3.59 52.44
CA LEU A 1793 -31.19 -3.13 53.23
C LEU A 1793 -30.04 -4.12 53.11
N ILE A 1794 -29.70 -4.47 51.87
CA ILE A 1794 -28.66 -5.45 51.61
C ILE A 1794 -27.37 -5.00 52.27
N GLU A 1795 -26.70 -5.94 52.94
CA GLU A 1795 -25.47 -5.65 53.66
C GLU A 1795 -24.33 -6.41 53.00
N THR A 1796 -23.20 -5.72 52.79
CA THR A 1796 -22.08 -6.28 52.06
C THR A 1796 -20.93 -6.73 52.96
N ARG A 1797 -20.66 -6.02 54.06
CA ARG A 1797 -19.58 -6.42 54.96
C ARG A 1797 -19.78 -7.83 55.47
N THR A 1798 -21.03 -8.25 55.70
CA THR A 1798 -21.32 -9.61 56.13
C THR A 1798 -21.24 -10.55 54.92
N SER A 1799 -20.02 -10.67 54.40
CA SER A 1799 -19.72 -11.55 53.29
C SER A 1799 -19.05 -12.82 53.80
N GLN A 1800 -19.38 -13.94 53.18
CA GLN A 1800 -18.88 -15.23 53.62
C GLN A 1800 -17.66 -15.71 52.83
N LEU A 1801 -17.14 -14.88 51.93
CA LEU A 1801 -16.01 -15.21 51.08
C LEU A 1801 -14.84 -14.26 51.33
N PHE A 1802 -14.48 -14.04 52.59
CA PHE A 1802 -13.42 -13.09 52.90
C PHE A 1802 -12.08 -13.50 52.34
N SER A 1803 -11.64 -12.84 51.28
CA SER A 1803 -10.22 -12.78 50.94
C SER A 1803 -9.55 -11.60 51.61
N TYR A 1804 -10.30 -10.52 51.83
CA TYR A 1804 -9.89 -9.39 52.65
C TYR A 1804 -11.15 -8.67 53.09
N ALA A 1805 -11.03 -7.90 54.17
CA ALA A 1805 -12.20 -7.32 54.82
C ALA A 1805 -12.54 -5.93 54.27
N ALA A 1806 -11.61 -4.98 54.37
CA ALA A 1806 -11.92 -3.59 54.06
C ALA A 1806 -12.32 -3.39 52.60
N PHE A 1807 -11.97 -4.32 51.71
CA PHE A 1807 -12.48 -4.24 50.34
C PHE A 1807 -14.00 -4.30 50.31
N SER A 1808 -14.59 -5.02 51.27
CA SER A 1808 -16.02 -4.92 51.52
C SER A 1808 -16.35 -4.15 52.79
N ASP A 1809 -15.38 -4.00 53.69
CA ASP A 1809 -15.57 -3.24 54.93
C ASP A 1809 -15.08 -1.81 54.76
N SER A 1810 -15.76 -1.08 53.87
CA SER A 1810 -15.49 0.33 53.65
C SER A 1810 -16.73 0.97 53.06
N ASN A 1811 -16.71 2.29 52.93
CA ASN A 1811 -17.84 2.99 52.35
C ASN A 1811 -17.99 2.65 50.88
N ILE A 1812 -19.24 2.49 50.45
CA ILE A 1812 -19.54 2.23 49.05
C ILE A 1812 -19.08 3.41 48.20
N ILE A 1813 -18.78 3.15 46.93
CA ILE A 1813 -18.33 4.18 46.01
C ILE A 1813 -19.25 4.27 44.79
N THR A 1814 -19.65 3.13 44.22
CA THR A 1814 -20.41 3.11 42.99
C THR A 1814 -21.48 2.02 43.06
N VAL A 1815 -22.56 2.23 42.31
CA VAL A 1815 -23.59 1.22 42.12
C VAL A 1815 -24.14 1.34 40.70
N VAL A 1816 -24.42 0.21 40.08
CA VAL A 1816 -25.02 0.15 38.76
C VAL A 1816 -26.16 -0.86 38.79
N VAL A 1817 -27.26 -0.54 38.13
CA VAL A 1817 -28.46 -1.36 38.15
C VAL A 1817 -28.59 -2.07 36.81
N ASP A 1818 -28.58 -3.38 36.84
CA ASP A 1818 -28.73 -4.21 35.65
C ASP A 1818 -29.41 -5.50 36.09
N THR A 1819 -29.27 -6.56 35.28
CA THR A 1819 -29.74 -7.87 35.71
C THR A 1819 -29.13 -8.27 37.05
N ALA A 1820 -27.93 -7.78 37.35
CA ALA A 1820 -27.31 -7.95 38.65
C ALA A 1820 -26.78 -6.59 39.09
N LEU A 1821 -26.10 -6.57 40.24
CA LEU A 1821 -25.55 -5.33 40.79
C LEU A 1821 -24.04 -5.46 40.91
N TYR A 1822 -23.32 -4.48 40.37
CA TYR A 1822 -21.86 -4.43 40.43
C TYR A 1822 -21.46 -3.26 41.31
N ILE A 1823 -20.69 -3.53 42.35
CA ILE A 1823 -20.41 -2.54 43.40
C ILE A 1823 -18.93 -2.56 43.75
N ALA A 1824 -18.41 -1.39 44.09
CA ALA A 1824 -17.03 -1.25 44.56
C ALA A 1824 -16.99 -0.29 45.73
N LYS A 1825 -15.93 -0.41 46.52
CA LYS A 1825 -15.71 0.45 47.68
C LYS A 1825 -14.39 1.19 47.52
N GLN A 1826 -14.12 2.08 48.48
CA GLN A 1826 -12.91 2.90 48.43
C GLN A 1826 -11.67 2.02 48.46
N ASN A 1827 -10.82 2.20 47.45
CA ASN A 1827 -9.59 1.42 47.31
C ASN A 1827 -9.88 -0.07 47.38
N SER A 1828 -10.91 -0.49 46.64
CA SER A 1828 -11.25 -1.90 46.54
C SER A 1828 -10.83 -2.41 45.17
N PRO A 1829 -9.72 -3.13 45.06
CA PRO A 1829 -9.29 -3.62 43.74
C PRO A 1829 -10.11 -4.80 43.26
N VAL A 1830 -11.26 -5.03 43.89
CA VAL A 1830 -12.18 -6.08 43.49
C VAL A 1830 -13.59 -5.52 43.45
N VAL A 1831 -14.40 -6.04 42.53
CA VAL A 1831 -15.80 -5.63 42.37
C VAL A 1831 -16.68 -6.81 42.78
N GLU A 1832 -17.79 -6.48 43.45
CA GLU A 1832 -18.70 -7.47 44.02
C GLU A 1832 -19.99 -7.46 43.22
N VAL A 1833 -20.49 -8.64 42.89
CA VAL A 1833 -21.63 -8.82 42.01
C VAL A 1833 -22.73 -9.48 42.82
N TRP A 1834 -23.69 -8.67 43.27
CA TRP A 1834 -24.88 -9.11 43.98
C TRP A 1834 -26.01 -9.41 43.00
N ASP A 1835 -27.01 -10.14 43.50
CA ASP A 1835 -28.27 -10.35 42.80
C ASP A 1835 -29.36 -9.54 43.50
N LYS A 1836 -30.36 -9.13 42.71
CA LYS A 1836 -31.44 -8.33 43.26
C LYS A 1836 -32.40 -9.16 44.09
N LYS A 1837 -32.74 -10.37 43.62
CA LYS A 1837 -33.70 -11.20 44.33
C LYS A 1837 -33.05 -11.95 45.48
N THR A 1838 -32.10 -12.83 45.18
CA THR A 1838 -31.49 -13.67 46.21
C THR A 1838 -30.59 -12.87 47.14
N GLU A 1839 -30.11 -11.71 46.71
CA GLU A 1839 -29.22 -10.89 47.53
C GLU A 1839 -27.98 -11.67 47.96
N LYS A 1840 -27.31 -12.26 46.98
CA LYS A 1840 -26.13 -13.07 47.20
C LYS A 1840 -24.98 -12.56 46.34
N LEU A 1841 -23.76 -12.71 46.85
CA LEU A 1841 -22.56 -12.32 46.12
C LEU A 1841 -22.29 -13.32 44.99
N CYS A 1842 -23.10 -13.25 43.93
CA CYS A 1842 -22.97 -14.19 42.83
C CYS A 1842 -21.67 -14.02 42.05
N GLY A 1843 -20.93 -12.94 42.27
CA GLY A 1843 -19.68 -12.74 41.56
C GLY A 1843 -18.67 -11.96 42.37
N LEU A 1844 -17.40 -12.29 42.15
CA LEU A 1844 -16.27 -11.57 42.77
C LEU A 1844 -15.20 -11.44 41.69
N ILE A 1845 -15.12 -10.27 41.07
CA ILE A 1845 -14.22 -10.06 39.94
C ILE A 1845 -13.12 -9.11 40.36
N ASP A 1846 -11.89 -9.61 40.40
CA ASP A 1846 -10.78 -8.82 40.90
C ASP A 1846 -10.07 -8.11 39.76
N CYS A 1847 -9.60 -6.89 40.02
CA CYS A 1847 -8.95 -6.10 38.98
C CYS A 1847 -7.54 -6.59 38.70
N VAL A 1848 -6.68 -6.61 39.72
CA VAL A 1848 -5.30 -7.04 39.50
C VAL A 1848 -5.27 -8.48 38.99
N HIS A 1849 -6.34 -9.24 39.19
CA HIS A 1849 -6.55 -10.51 38.49
C HIS A 1849 -6.46 -10.36 36.98
N PHE A 1850 -6.53 -9.14 36.46
CA PHE A 1850 -6.32 -8.86 35.04
C PHE A 1850 -5.08 -8.02 34.79
N LEU A 1851 -4.63 -7.23 35.77
CA LEU A 1851 -3.29 -6.63 35.70
C LEU A 1851 -2.11 -7.62 35.61
N ARG A 1852 -2.14 -8.83 36.20
CA ARG A 1852 -0.94 -9.69 36.17
C ARG A 1852 -0.48 -9.92 34.75
N GLU A 1853 -1.44 -10.37 33.95
CA GLU A 1853 -1.28 -11.02 32.65
C GLU A 1853 -0.45 -10.17 31.71
N VAL A 1854 -0.62 -8.86 31.79
CA VAL A 1854 0.12 -7.90 30.99
C VAL A 1854 1.41 -7.49 31.67
N MET A 1855 1.38 -7.11 32.96
CA MET A 1855 2.56 -6.51 33.59
C MET A 1855 3.78 -7.39 33.56
N VAL A 1856 3.59 -8.70 33.66
CA VAL A 1856 4.67 -9.69 33.79
C VAL A 1856 5.84 -9.51 32.82
N LYS A 1857 5.60 -8.99 31.62
CA LYS A 1857 6.65 -8.78 30.59
C LYS A 1857 7.10 -7.32 30.48
N GLU A 1858 6.16 -6.41 30.43
CA GLU A 1858 6.30 -5.01 30.06
C GLU A 1858 6.53 -4.10 31.25
N ASN A 1859 6.24 -4.57 32.46
CA ASN A 1859 6.57 -3.89 33.69
C ASN A 1859 7.44 -4.84 34.51
N LYS A 1860 8.75 -4.67 34.49
CA LYS A 1860 9.62 -5.45 35.39
C LYS A 1860 9.83 -4.72 36.72
N GLU A 1861 9.67 -3.41 36.75
CA GLU A 1861 9.68 -2.68 38.02
C GLU A 1861 8.44 -2.94 38.84
N SER A 1862 7.37 -3.46 38.22
CA SER A 1862 6.16 -3.80 38.95
C SER A 1862 6.40 -4.90 39.98
N LYS A 1863 7.50 -5.64 39.85
CA LYS A 1863 7.86 -6.61 40.89
C LYS A 1863 8.17 -5.94 42.22
N HIS A 1864 8.51 -4.65 42.20
CA HIS A 1864 8.71 -3.87 43.42
C HIS A 1864 7.43 -3.18 43.88
N LYS A 1865 6.35 -3.29 43.12
CA LYS A 1865 5.09 -2.61 43.40
C LYS A 1865 4.02 -3.56 43.94
N MET A 1866 4.42 -4.54 44.75
CA MET A 1866 3.47 -5.56 45.19
C MET A 1866 2.30 -4.96 45.95
N SER A 1867 2.56 -3.94 46.77
CA SER A 1867 1.49 -3.16 47.39
C SER A 1867 0.92 -2.23 46.31
N TYR A 1868 0.17 -2.84 45.40
CA TYR A 1868 -0.21 -2.16 44.18
C TYR A 1868 -1.21 -1.05 44.43
N SER A 1869 -0.93 0.12 43.86
CA SER A 1869 -1.99 1.05 43.54
C SER A 1869 -2.77 0.49 42.36
N GLY A 1870 -4.03 0.90 42.25
CA GLY A 1870 -4.89 0.28 41.28
C GLY A 1870 -6.09 -0.36 41.93
N ARG A 1871 -7.25 0.23 41.68
CA ARG A 1871 -8.52 -0.14 42.30
C ARG A 1871 -9.61 0.52 41.47
N VAL A 1872 -10.85 0.16 41.74
CA VAL A 1872 -11.97 0.72 40.99
C VAL A 1872 -12.25 2.12 41.52
N LYS A 1873 -11.90 3.14 40.74
CA LYS A 1873 -12.24 4.51 41.09
C LYS A 1873 -13.63 4.91 40.62
N THR A 1874 -14.17 4.25 39.60
CA THR A 1874 -15.53 4.55 39.15
C THR A 1874 -16.02 3.44 38.23
N LEU A 1875 -17.34 3.29 38.19
CA LEU A 1875 -18.03 2.39 37.28
C LEU A 1875 -18.76 3.17 36.21
N CYS A 1876 -18.92 2.56 35.05
CA CYS A 1876 -19.81 3.08 34.02
C CYS A 1876 -20.22 1.90 33.14
N LEU A 1877 -21.52 1.64 33.08
CA LEU A 1877 -22.05 0.45 32.44
C LEU A 1877 -22.70 0.81 31.12
N GLN A 1878 -22.34 0.10 30.06
CA GLN A 1878 -23.02 0.24 28.80
C GLN A 1878 -24.38 -0.47 28.88
N LYS A 1879 -25.18 -0.31 27.83
CA LYS A 1879 -26.56 -0.79 27.85
C LYS A 1879 -26.65 -2.28 28.14
N ASN A 1880 -26.10 -3.10 27.26
CA ASN A 1880 -26.08 -4.54 27.49
C ASN A 1880 -24.86 -5.25 26.94
N THR A 1881 -23.88 -4.53 26.39
CA THR A 1881 -22.75 -5.18 25.76
C THR A 1881 -21.61 -5.45 26.73
N ALA A 1882 -21.20 -4.45 27.50
CA ALA A 1882 -20.03 -4.60 28.36
C ALA A 1882 -20.11 -3.57 29.49
N LEU A 1883 -19.12 -3.63 30.36
CA LEU A 1883 -18.99 -2.74 31.51
C LEU A 1883 -17.58 -2.18 31.53
N TRP A 1884 -17.43 -0.89 31.82
CA TRP A 1884 -16.14 -0.24 31.74
C TRP A 1884 -15.70 0.05 33.17
N ILE A 1885 -14.64 -0.60 33.62
CA ILE A 1885 -14.06 -0.31 34.93
C ILE A 1885 -13.01 0.78 34.76
N GLY A 1886 -13.21 1.88 35.47
CA GLY A 1886 -12.20 2.92 35.54
C GLY A 1886 -11.30 2.72 36.74
N THR A 1887 -10.04 2.38 36.51
CA THR A 1887 -9.13 2.11 37.60
C THR A 1887 -8.73 3.39 38.32
N GLY A 1888 -8.37 3.24 39.60
CA GLY A 1888 -7.69 4.31 40.30
C GLY A 1888 -6.28 4.55 39.82
N GLY A 1889 -5.69 3.58 39.13
CA GLY A 1889 -4.43 3.76 38.45
C GLY A 1889 -4.62 4.36 37.07
N GLY A 1890 -3.66 4.13 36.19
CA GLY A 1890 -3.72 4.66 34.85
C GLY A 1890 -4.28 3.70 33.82
N HIS A 1891 -5.24 2.87 34.21
CA HIS A 1891 -5.74 1.81 33.36
C HIS A 1891 -7.26 1.89 33.26
N ILE A 1892 -7.80 1.13 32.31
CA ILE A 1892 -9.24 0.95 32.14
C ILE A 1892 -9.47 -0.50 31.70
N LEU A 1893 -10.59 -1.06 32.11
CA LEU A 1893 -10.91 -2.45 31.81
C LEU A 1893 -12.23 -2.55 31.07
N LEU A 1894 -12.28 -3.42 30.07
CA LEU A 1894 -13.53 -3.77 29.40
C LEU A 1894 -13.97 -5.14 29.89
N LEU A 1895 -15.25 -5.26 30.25
CA LEU A 1895 -15.79 -6.51 30.75
C LEU A 1895 -17.00 -6.91 29.93
N ASP A 1896 -16.86 -7.97 29.14
CA ASP A 1896 -18.03 -8.55 28.49
C ASP A 1896 -18.83 -9.28 29.55
N LEU A 1897 -19.86 -8.61 30.09
CA LEU A 1897 -20.56 -9.12 31.26
C LEU A 1897 -21.24 -10.45 31.01
N SER A 1898 -21.41 -10.84 29.74
CA SER A 1898 -22.17 -12.05 29.43
C SER A 1898 -21.33 -13.31 29.63
N THR A 1899 -20.28 -13.48 28.83
CA THR A 1899 -19.54 -14.74 28.80
C THR A 1899 -18.09 -14.60 29.26
N ARG A 1900 -17.29 -13.74 28.63
CA ARG A 1900 -15.86 -13.67 28.91
C ARG A 1900 -15.55 -12.38 29.65
N ARG A 1901 -14.66 -12.46 30.63
CA ARG A 1901 -14.51 -11.36 31.55
C ARG A 1901 -13.71 -10.21 30.95
N LEU A 1902 -12.47 -10.45 30.55
CA LEU A 1902 -11.61 -9.40 30.02
C LEU A 1902 -11.71 -9.37 28.50
N ILE A 1903 -12.06 -8.21 27.96
CA ILE A 1903 -11.89 -7.97 26.53
C ILE A 1903 -10.57 -7.28 26.26
N ARG A 1904 -10.32 -6.15 26.93
CA ARG A 1904 -9.05 -5.46 26.79
C ARG A 1904 -8.86 -4.48 27.95
N VAL A 1905 -7.60 -4.23 28.28
CA VAL A 1905 -7.20 -3.17 29.19
C VAL A 1905 -6.47 -2.11 28.37
N ILE A 1906 -6.96 -0.88 28.43
CA ILE A 1906 -6.39 0.20 27.64
C ILE A 1906 -5.73 1.20 28.57
N TYR A 1907 -4.43 1.04 28.77
CA TYR A 1907 -3.65 1.81 29.73
C TYR A 1907 -2.81 2.88 29.02
N ASN A 1908 -1.91 3.48 29.78
CA ASN A 1908 -0.86 4.41 29.31
C ASN A 1908 -1.41 5.66 28.65
N PHE A 1909 -2.70 5.94 28.82
CA PHE A 1909 -3.28 7.18 28.31
C PHE A 1909 -3.57 8.21 29.39
N CYS A 1910 -3.70 7.78 30.65
CA CYS A 1910 -3.76 8.67 31.79
C CYS A 1910 -3.04 8.01 32.96
N ASN A 1911 -3.16 8.61 34.14
CA ASN A 1911 -2.59 8.07 35.36
C ASN A 1911 -3.62 7.79 36.44
N SER A 1912 -4.80 8.39 36.36
CA SER A 1912 -5.84 8.19 37.38
C SER A 1912 -7.19 8.50 36.76
N VAL A 1913 -7.98 7.46 36.49
CA VAL A 1913 -9.29 7.64 35.87
C VAL A 1913 -10.28 8.09 36.93
N ARG A 1914 -10.44 9.40 37.07
CA ARG A 1914 -11.25 9.91 38.18
C ARG A 1914 -12.73 9.80 37.90
N VAL A 1915 -13.19 10.28 36.75
CA VAL A 1915 -14.62 10.32 36.47
C VAL A 1915 -14.90 9.67 35.13
N MET A 1916 -16.07 9.03 35.04
CA MET A 1916 -16.48 8.41 33.79
C MET A 1916 -17.99 8.51 33.68
N MET A 1917 -18.49 8.81 32.49
CA MET A 1917 -19.92 8.90 32.32
C MET A 1917 -20.27 8.75 30.84
N THR A 1918 -21.56 8.61 30.57
CA THR A 1918 -22.07 8.47 29.21
C THR A 1918 -22.88 9.70 28.85
N ALA A 1919 -22.91 10.01 27.55
CA ALA A 1919 -23.59 11.22 27.08
C ALA A 1919 -23.89 11.06 25.60
N GLN A 1920 -24.45 12.12 25.02
CA GLN A 1920 -24.72 12.20 23.59
C GLN A 1920 -24.39 13.61 23.11
N LEU A 1921 -23.79 13.70 21.94
CA LEU A 1921 -23.30 14.98 21.43
C LEU A 1921 -23.55 15.07 19.93
N GLY A 1922 -24.16 16.17 19.50
CA GLY A 1922 -24.28 16.54 18.09
C GLY A 1922 -24.58 15.41 17.12
N SER A 1923 -25.63 14.64 17.42
CA SER A 1923 -26.08 13.52 16.60
C SER A 1923 -25.07 12.37 16.61
N LEU A 1924 -23.93 12.58 17.25
CA LEU A 1924 -22.97 11.51 17.52
C LEU A 1924 -23.24 10.94 18.92
N LYS A 1925 -24.46 10.45 19.08
CA LYS A 1925 -24.95 10.08 20.39
C LYS A 1925 -24.14 8.93 20.97
N ASN A 1926 -24.27 8.75 22.28
CA ASN A 1926 -23.66 7.64 23.00
C ASN A 1926 -22.13 7.67 22.86
N VAL A 1927 -21.55 8.71 23.44
CA VAL A 1927 -20.11 8.77 23.66
C VAL A 1927 -19.88 8.62 25.16
N MET A 1928 -18.66 8.21 25.53
CA MET A 1928 -18.34 8.03 26.94
C MET A 1928 -17.19 8.95 27.30
N LEU A 1929 -17.46 9.89 28.20
CA LEU A 1929 -16.45 10.82 28.66
C LEU A 1929 -15.65 10.22 29.79
N VAL A 1930 -14.35 10.44 29.77
CA VAL A 1930 -13.42 9.91 30.76
C VAL A 1930 -12.54 11.06 31.21
N LEU A 1931 -12.78 11.54 32.43
CA LEU A 1931 -11.94 12.58 33.03
C LEU A 1931 -10.88 11.87 33.86
N GLY A 1932 -9.69 11.72 33.27
CA GLY A 1932 -8.55 11.18 33.95
C GLY A 1932 -7.52 12.26 34.29
N TYR A 1933 -6.51 11.85 35.05
CA TYR A 1933 -5.42 12.74 35.42
C TYR A 1933 -4.11 12.29 34.79
N ASN A 1934 -3.26 13.26 34.51
CA ASN A 1934 -1.86 13.02 34.14
C ASN A 1934 -1.02 13.93 35.02
N ARG A 1935 -0.44 13.37 36.08
CA ARG A 1935 0.42 14.12 36.97
C ARG A 1935 1.82 14.17 36.39
N LYS A 1936 2.43 15.35 36.47
CA LYS A 1936 3.82 15.53 36.06
C LYS A 1936 4.64 15.83 37.31
N ASN A 1937 5.60 14.96 37.62
CA ASN A 1937 6.52 15.20 38.71
C ASN A 1937 7.70 16.06 38.26
N THR A 1938 7.38 17.20 37.64
CA THR A 1938 8.41 18.13 37.20
C THR A 1938 9.18 18.69 38.40
N GLU A 1939 8.48 18.94 39.50
CA GLU A 1939 9.09 19.35 40.75
C GLU A 1939 8.66 18.41 41.87
N GLY A 1940 8.71 17.10 41.59
CA GLY A 1940 8.33 16.11 42.59
C GLY A 1940 9.19 16.17 43.84
N THR A 1941 10.45 16.57 43.70
CA THR A 1941 11.31 16.72 44.86
C THR A 1941 10.79 17.79 45.81
N GLN A 1942 10.05 18.77 45.30
CA GLN A 1942 9.41 19.78 46.13
C GLN A 1942 8.06 19.32 46.67
N LYS A 1943 7.82 18.00 46.69
CA LYS A 1943 6.59 17.41 47.21
C LYS A 1943 5.35 17.95 46.49
N GLN A 1944 5.51 18.28 45.21
CA GLN A 1944 4.41 18.79 44.40
C GLN A 1944 4.43 18.12 43.03
N LYS A 1945 3.25 17.91 42.47
CA LYS A 1945 3.09 17.31 41.15
C LYS A 1945 2.35 18.28 40.24
N GLU A 1946 2.73 18.28 38.97
CA GLU A 1946 2.06 19.11 37.96
C GLU A 1946 0.90 18.31 37.37
N ILE A 1947 -0.32 18.77 37.62
CA ILE A 1947 -1.52 18.02 37.28
C ILE A 1947 -2.12 18.55 35.98
N GLN A 1948 -2.48 17.63 35.09
CA GLN A 1948 -3.24 17.94 33.87
C GLN A 1948 -4.44 17.02 33.81
N SER A 1949 -5.63 17.58 33.88
CA SER A 1949 -6.87 16.82 33.80
C SER A 1949 -7.16 16.51 32.34
N CYS A 1950 -6.73 15.33 31.88
CA CYS A 1950 -6.78 15.00 30.46
C CYS A 1950 -8.14 14.40 30.14
N LEU A 1951 -9.12 15.28 30.00
CA LEU A 1951 -10.46 14.84 29.63
C LEU A 1951 -10.45 14.27 28.23
N THR A 1952 -10.88 13.02 28.08
CA THR A 1952 -10.96 12.36 26.80
C THR A 1952 -12.38 11.91 26.52
N VAL A 1953 -12.67 11.62 25.26
CA VAL A 1953 -14.02 11.32 24.80
C VAL A 1953 -13.93 10.07 23.94
N TRP A 1954 -14.18 8.91 24.53
CA TRP A 1954 -14.18 7.68 23.75
C TRP A 1954 -15.53 7.47 23.09
N ASP A 1955 -15.52 6.75 21.98
CA ASP A 1955 -16.74 6.36 21.32
C ASP A 1955 -17.24 5.05 21.93
N ILE A 1956 -18.46 5.06 22.46
CA ILE A 1956 -18.94 3.96 23.29
C ILE A 1956 -18.90 2.63 22.56
N ASN A 1957 -18.80 2.65 21.23
CA ASN A 1957 -18.82 1.41 20.49
C ASN A 1957 -17.51 0.65 20.56
N LEU A 1958 -16.64 1.04 21.50
CA LEU A 1958 -15.33 0.39 21.63
C LEU A 1958 -15.42 -1.11 21.88
N PRO A 1959 -16.23 -1.62 22.82
CA PRO A 1959 -16.18 -3.06 23.10
C PRO A 1959 -16.50 -3.94 21.91
N HIS A 1960 -17.14 -3.40 20.87
CA HIS A 1960 -17.32 -4.18 19.65
C HIS A 1960 -16.04 -4.17 18.81
N GLU A 1961 -15.50 -3.00 18.57
CA GLU A 1961 -14.39 -2.93 17.64
C GLU A 1961 -13.15 -3.60 18.18
N VAL A 1962 -12.93 -3.59 19.49
CA VAL A 1962 -11.78 -4.28 20.07
C VAL A 1962 -11.91 -5.79 19.89
N GLN A 1963 -13.12 -6.32 19.79
CA GLN A 1963 -13.28 -7.72 19.44
C GLN A 1963 -13.58 -7.91 17.97
N ASN A 1964 -14.01 -6.94 17.20
CA ASN A 1964 -14.31 -7.13 15.80
C ASN A 1964 -13.08 -6.90 14.92
N LEU A 1965 -12.31 -5.85 15.21
CA LEU A 1965 -11.07 -5.59 14.51
C LEU A 1965 -10.03 -6.65 14.84
N GLU A 1966 -10.00 -7.10 16.09
CA GLU A 1966 -9.25 -8.28 16.53
C GLU A 1966 -9.40 -9.44 15.54
N LYS A 1967 -10.67 -9.75 15.31
CA LYS A 1967 -11.03 -10.76 14.33
C LYS A 1967 -10.50 -10.40 12.95
N HIS A 1968 -10.65 -9.15 12.56
CA HIS A 1968 -10.33 -8.77 11.20
C HIS A 1968 -8.85 -8.98 10.87
N ILE A 1969 -7.98 -8.79 11.86
CA ILE A 1969 -6.56 -9.08 11.69
C ILE A 1969 -6.40 -10.55 11.36
N GLU A 1970 -7.01 -11.39 12.17
CA GLU A 1970 -6.86 -12.84 12.07
C GLU A 1970 -7.28 -13.34 10.70
N VAL A 1971 -8.38 -12.80 10.18
CA VAL A 1971 -8.82 -13.08 8.81
C VAL A 1971 -7.67 -12.84 7.84
N ARG A 1972 -7.10 -11.65 7.91
CA ARG A 1972 -6.07 -11.25 6.97
C ARG A 1972 -4.75 -11.94 7.23
N LYS A 1973 -4.52 -12.49 8.42
CA LYS A 1973 -3.36 -13.31 8.74
C LYS A 1973 -3.42 -14.69 8.10
N GLU A 1974 -4.52 -15.42 8.26
CA GLU A 1974 -4.71 -16.66 7.53
C GLU A 1974 -4.56 -16.43 6.03
N LEU A 1975 -5.20 -15.39 5.50
CA LEU A 1975 -5.05 -15.08 4.09
C LEU A 1975 -3.63 -14.65 3.78
N ALA A 1976 -2.86 -14.11 4.71
CA ALA A 1976 -1.47 -13.82 4.43
C ALA A 1976 -0.71 -15.13 4.19
N GLU A 1977 -1.11 -16.23 4.84
CA GLU A 1977 -0.38 -17.47 4.71
C GLU A 1977 -0.87 -18.32 3.54
N LYS A 1978 -2.19 -18.49 3.42
CA LYS A 1978 -2.74 -19.29 2.34
C LYS A 1978 -2.27 -18.78 0.98
N MET A 1979 -2.27 -17.46 0.80
CA MET A 1979 -1.74 -16.88 -0.44
C MET A 1979 -0.28 -17.29 -0.64
N ARG A 1980 0.51 -17.21 0.41
CA ARG A 1980 1.92 -17.59 0.27
C ARG A 1980 2.09 -19.10 0.04
N ARG A 1981 1.02 -19.90 0.11
CA ARG A 1981 1.13 -21.27 -0.32
C ARG A 1981 1.18 -21.36 -1.84
N THR A 1982 0.43 -20.51 -2.53
CA THR A 1982 0.50 -20.48 -3.99
C THR A 1982 1.89 -20.12 -4.49
N SER A 1983 2.63 -19.33 -3.71
CA SER A 1983 4.02 -19.06 -4.06
C SER A 1983 4.87 -20.33 -3.99
N VAL A 1984 4.60 -21.18 -3.00
CA VAL A 1984 5.28 -22.47 -2.94
C VAL A 1984 4.82 -23.34 -4.10
N GLU A 1985 3.53 -23.65 -4.15
CA GLU A 1985 2.93 -24.36 -5.26
C GLU A 1985 1.46 -24.00 -5.40
PB GDP B . 57.96 2.91 -25.61
O1B GDP B . 57.39 3.10 -24.26
O2B GDP B . 58.76 1.68 -25.70
O3B GDP B . 56.97 3.12 -26.70
O3A GDP B . 59.02 4.07 -25.63
PA GDP B . 59.55 4.51 -27.04
O1A GDP B . 58.90 5.79 -27.43
O2A GDP B . 59.79 3.40 -28.01
O5' GDP B . 60.99 4.92 -26.48
C5' GDP B . 61.98 5.52 -27.30
C4' GDP B . 62.92 4.46 -27.88
O4' GDP B . 62.73 4.38 -29.30
C3' GDP B . 64.41 4.80 -27.65
O3' GDP B . 65.08 3.63 -27.22
C2' GDP B . 64.87 5.26 -29.03
O2' GDP B . 66.25 5.06 -29.31
C1' GDP B . 63.98 4.47 -29.97
N9 GDP B . 63.82 5.20 -31.25
C8 GDP B . 62.70 5.86 -31.67
N7 GDP B . 62.82 6.45 -32.84
C5 GDP B . 64.15 6.17 -33.21
C6 GDP B . 64.90 6.49 -34.40
O6 GDP B . 64.58 7.02 -35.45
N1 GDP B . 66.21 6.05 -34.36
C2 GDP B . 66.73 5.39 -33.31
N2 GDP B . 67.98 5.05 -33.41
N3 GDP B . 66.07 5.03 -32.21
C4 GDP B . 64.77 5.45 -32.22
H5' GDP B . 62.53 6.23 -26.69
H5'' GDP B . 61.52 6.09 -28.11
H4' GDP B . 62.69 3.49 -27.44
H3' GDP B . 64.53 5.60 -26.93
HO3' GDP B . 64.80 3.43 -26.33
H2' GDP B . 64.63 6.31 -29.13
HO2' GDP B . 66.37 5.10 -30.26
H1' GDP B . 64.40 3.48 -30.13
H8 GDP B . 61.79 5.87 -31.10
HN1 GDP B . 66.79 6.27 -35.15
HN21 GDP B . 68.53 5.29 -34.22
HN22 GDP B . 68.39 4.53 -32.64
C1 A1N C . -13.76 3.79 -12.75
N1 A1N C . -10.77 1.86 -13.43
O1 A1N C . -13.39 1.67 -13.48
C2 A1N C . -12.97 2.91 -13.64
N2 A1N C . -6.87 2.38 -12.70
O2 A1N C . -1.91 1.59 -13.51
C3 A1N C . -11.52 3.08 -13.39
N3 A1N C . -8.99 3.14 -12.92
C4 A1N C . -11.37 0.58 -13.71
N4 A1N C . -6.97 -1.07 -12.99
C5 A1N C . -12.73 0.81 -14.26
N5 A1N C . -5.98 -1.90 -13.07
C6 A1N C . -13.56 -0.43 -14.41
C7 A1N C . -9.40 2.00 -13.18
C8 A1N C . -8.64 0.95 -13.24
C9 A1N C . -7.33 1.13 -12.99
C10 A1N C . -7.77 3.35 -12.68
C11 A1N C . -6.45 -0.06 -13.06
C12 A1N C . -4.75 -1.22 -13.20
C13 A1N C . -3.48 -1.58 -13.31
C14 A1N C . -2.60 -0.63 -13.41
C15 A1N C . -2.95 0.66 -13.40
C16 A1N C . -2.13 2.92 -13.30
C17 A1N C . -2.28 3.41 -11.88
C18 A1N C . -2.54 3.84 -14.41
C19 A1N C . -1.09 3.55 -14.16
C20 A1N C . -4.23 0.98 -13.29
C21 A1N C . -5.15 0.08 -13.18
H1 A1N C . -14.82 3.66 -12.95
H2 A1N C . -13.55 3.54 -11.71
H3 A1N C . -13.48 4.83 -12.92
H4 A1N C . -13.17 3.21 -14.68
H5 A1N C . -11.39 3.52 -12.40
H6 A1N C . -11.11 3.77 -14.13
H7 A1N C . -11.44 0.00 -12.78
H8 A1N C . -10.76 0.04 -14.43
H10 A1N C . -12.61 1.27 -15.26
H11 A1N C . -13.87 -0.77 -13.42
H12 A1N C . -14.45 -0.20 -15.00
H13 A1N C . -12.98 -1.20 -14.90
H14 A1N C . -9.04 -0.02 -13.47
H15 A1N C . -7.45 4.36 -12.46
H16 A1N C . -3.19 -2.62 -13.32
H17 A1N C . -1.55 -0.89 -13.51
H18 A1N C . -2.77 4.38 -11.89
H19 A1N C . -2.87 2.70 -11.31
H20 A1N C . -1.29 3.50 -11.44
H21 A1N C . -3.03 3.44 -15.29
H22 A1N C . -2.88 4.82 -14.09
H23 A1N C . -0.45 4.33 -13.76
H24 A1N C . -0.63 2.89 -14.89
H25 A1N C . -4.51 2.02 -13.28
H9 A1N C . -6.07 -2.89 -13.04
#